data_5JX4
# 
_entry.id   5JX4 
# 
_audit_conform.dict_name       mmcif_pdbx.dic 
_audit_conform.dict_version    5.379 
_audit_conform.dict_location   http://mmcif.pdb.org/dictionaries/ascii/mmcif_pdbx.dic 
# 
loop_
_database_2.database_id 
_database_2.database_code 
_database_2.pdbx_database_accession 
_database_2.pdbx_DOI 
PDB   5JX4         pdb_00005jx4 10.2210/pdb5jx4/pdb 
WWPDB D_1000218939 ?            ?                   
# 
_pdbx_database_status.status_code                     REL 
_pdbx_database_status.status_code_sf                  REL 
_pdbx_database_status.status_code_mr                  ? 
_pdbx_database_status.entry_id                        5JX4 
_pdbx_database_status.recvd_initial_deposition_date   2016-05-12 
_pdbx_database_status.SG_entry                        N 
_pdbx_database_status.deposit_site                    RCSB 
_pdbx_database_status.process_site                    RCSB 
_pdbx_database_status.status_code_cs                  ? 
_pdbx_database_status.methods_development_category    ? 
_pdbx_database_status.pdb_format_compatible           Y 
_pdbx_database_status.status_code_nmr_data            ? 
# 
loop_
_audit_author.name 
_audit_author.pdbx_ordinal 
'Carvajal, A.'            1  
'Castro-Fernandez, V.'    2  
'Cabrejos, D.'            3  
'Fuentealba, M.'          4  
'Pereira, H.M.'           5  
'Vallejos, G.'            6  
'Cabrera, R.'             7  
'Garratt, R.C.'           8  
'Komives, E.A.'           9  
'Ramirez-Sarmiento, C.A.' 10 
'Babul, J.'               11 
# 
_citation.abstract                  ? 
_citation.abstract_id_CAS           ? 
_citation.book_id_ISBN              ? 
_citation.book_publisher            ? 
_citation.book_publisher_city       ? 
_citation.book_title                ? 
_citation.coordinate_linkage        ? 
_citation.country                   UK 
_citation.database_id_Medline       ? 
_citation.details                   ? 
_citation.id                        primary 
_citation.journal_abbrev            'FEBS J.' 
_citation.journal_id_ASTM           ? 
_citation.journal_id_CSD            ? 
_citation.journal_id_ISSN           1742-4658 
_citation.journal_full              ? 
_citation.journal_issue             ? 
_citation.journal_volume            284 
_citation.language                  ? 
_citation.page_first                1882 
_citation.page_last                 1896 
_citation.title                     'Unusual dimerization of a BcCsp mutant leads to reduced conformational dynamics.' 
_citation.year                      2017 
_citation.database_id_CSD           ? 
_citation.pdbx_database_id_DOI      10.1111/febs.14093 
_citation.pdbx_database_id_PubMed   28457014 
_citation.unpublished_flag          ? 
# 
loop_
_citation_author.citation_id 
_citation_author.name 
_citation_author.ordinal 
_citation_author.identifier_ORCID 
primary 'Carvajal, A.I.'          1 ? 
primary 'Vallejos, G.'            2 ? 
primary 'Komives, E.A.'           3 ? 
primary 'Castro-Fernandez, V.'    4 ? 
primary 'Leonardo, D.A.'          5 ? 
primary 'Garratt, R.C.'           6 ? 
primary 'Ramirez-Sarmiento, C.A.' 7 ? 
primary 'Babul, J.'               8 ? 
# 
_cell.angle_alpha                  90.000 
_cell.angle_alpha_esd              ? 
_cell.angle_beta                   99.280 
_cell.angle_beta_esd               ? 
_cell.angle_gamma                  90.000 
_cell.angle_gamma_esd              ? 
_cell.entry_id                     5JX4 
_cell.details                      ? 
_cell.formula_units_Z              ? 
_cell.length_a                     34.009 
_cell.length_a_esd                 ? 
_cell.length_b                     44.077 
_cell.length_b_esd                 ? 
_cell.length_c                     36.484 
_cell.length_c_esd                 ? 
_cell.volume                       ? 
_cell.volume_esd                   ? 
_cell.Z_PDB                        4 
_cell.reciprocal_angle_alpha       ? 
_cell.reciprocal_angle_beta        ? 
_cell.reciprocal_angle_gamma       ? 
_cell.reciprocal_angle_alpha_esd   ? 
_cell.reciprocal_angle_beta_esd    ? 
_cell.reciprocal_angle_gamma_esd   ? 
_cell.reciprocal_length_a          ? 
_cell.reciprocal_length_b          ? 
_cell.reciprocal_length_c          ? 
_cell.reciprocal_length_a_esd      ? 
_cell.reciprocal_length_b_esd      ? 
_cell.reciprocal_length_c_esd      ? 
_cell.pdbx_unique_axis             ? 
# 
_symmetry.entry_id                         5JX4 
_symmetry.cell_setting                     ? 
_symmetry.Int_Tables_number                4 
_symmetry.space_group_name_Hall            ? 
_symmetry.space_group_name_H-M             'P 1 21 1' 
_symmetry.pdbx_full_space_group_name_H-M   ? 
# 
loop_
_entity.id 
_entity.type 
_entity.src_method 
_entity.pdbx_description 
_entity.formula_weight 
_entity.pdbx_number_of_molecules 
_entity.pdbx_ec 
_entity.pdbx_mutation 
_entity.pdbx_fragment 
_entity.details 
1 polymer     man 'Cold shock protein CspB' 7350.220 2   ? 'E36del, G37del' ? ? 
2 non-polymer syn 'SULFATE ION'             96.063   5   ? ?                ? ? 
3 water       nat water                     18.015   221 ? ?                ? ? 
# 
_entity_poly.entity_id                      1 
_entity_poly.type                           'polypeptide(L)' 
_entity_poly.nstd_linkage                   no 
_entity_poly.nstd_monomer                   no 
_entity_poly.pdbx_seq_one_letter_code       GHMQRGKVKWFNNEKGYGFIEVEGGSDVFVHFTAIQGFKTLEEGQEVSFEIVQGNRGPQAANVVKL 
_entity_poly.pdbx_seq_one_letter_code_can   GHMQRGKVKWFNNEKGYGFIEVEGGSDVFVHFTAIQGFKTLEEGQEVSFEIVQGNRGPQAANVVKL 
_entity_poly.pdbx_strand_id                 A,B 
_entity_poly.pdbx_target_identifier         ? 
# 
loop_
_entity_poly_seq.entity_id 
_entity_poly_seq.num 
_entity_poly_seq.mon_id 
_entity_poly_seq.hetero 
1 1  GLY n 
1 2  HIS n 
1 3  MET n 
1 4  GLN n 
1 5  ARG n 
1 6  GLY n 
1 7  LYS n 
1 8  VAL n 
1 9  LYS n 
1 10 TRP n 
1 11 PHE n 
1 12 ASN n 
1 13 ASN n 
1 14 GLU n 
1 15 LYS n 
1 16 GLY n 
1 17 TYR n 
1 18 GLY n 
1 19 PHE n 
1 20 ILE n 
1 21 GLU n 
1 22 VAL n 
1 23 GLU n 
1 24 GLY n 
1 25 GLY n 
1 26 SER n 
1 27 ASP n 
1 28 VAL n 
1 29 PHE n 
1 30 VAL n 
1 31 HIS n 
1 32 PHE n 
1 33 THR n 
1 34 ALA n 
1 35 ILE n 
1 36 GLN n 
1 37 GLY n 
1 38 PHE n 
1 39 LYS n 
1 40 THR n 
1 41 LEU n 
1 42 GLU n 
1 43 GLU n 
1 44 GLY n 
1 45 GLN n 
1 46 GLU n 
1 47 VAL n 
1 48 SER n 
1 49 PHE n 
1 50 GLU n 
1 51 ILE n 
1 52 VAL n 
1 53 GLN n 
1 54 GLY n 
1 55 ASN n 
1 56 ARG n 
1 57 GLY n 
1 58 PRO n 
1 59 GLN n 
1 60 ALA n 
1 61 ALA n 
1 62 ASN n 
1 63 VAL n 
1 64 VAL n 
1 65 LYS n 
1 66 LEU n 
# 
_entity_src_gen.entity_id                          1 
_entity_src_gen.pdbx_src_id                        1 
_entity_src_gen.pdbx_alt_source_flag               sample 
_entity_src_gen.pdbx_seq_type                      'Biological sequence' 
_entity_src_gen.pdbx_beg_seq_num                   1 
_entity_src_gen.pdbx_end_seq_num                   66 
_entity_src_gen.gene_src_common_name               ? 
_entity_src_gen.gene_src_genus                     ? 
_entity_src_gen.pdbx_gene_src_gene                 cspB 
_entity_src_gen.gene_src_species                   ? 
_entity_src_gen.gene_src_strain                    ? 
_entity_src_gen.gene_src_tissue                    ? 
_entity_src_gen.gene_src_tissue_fraction           ? 
_entity_src_gen.gene_src_details                   ? 
_entity_src_gen.pdbx_gene_src_fragment             ? 
_entity_src_gen.pdbx_gene_src_scientific_name      'Bacillus caldolyticus' 
_entity_src_gen.pdbx_gene_src_ncbi_taxonomy_id     1394 
_entity_src_gen.pdbx_gene_src_variant              ? 
_entity_src_gen.pdbx_gene_src_cell_line            ? 
_entity_src_gen.pdbx_gene_src_atcc                 ? 
_entity_src_gen.pdbx_gene_src_organ                ? 
_entity_src_gen.pdbx_gene_src_organelle            ? 
_entity_src_gen.pdbx_gene_src_cell                 ? 
_entity_src_gen.pdbx_gene_src_cellular_location    ? 
_entity_src_gen.host_org_common_name               ? 
_entity_src_gen.pdbx_host_org_scientific_name      'Escherichia coli' 
_entity_src_gen.pdbx_host_org_ncbi_taxonomy_id     469008 
_entity_src_gen.host_org_genus                     ? 
_entity_src_gen.pdbx_host_org_gene                 ? 
_entity_src_gen.pdbx_host_org_organ                ? 
_entity_src_gen.host_org_species                   ? 
_entity_src_gen.pdbx_host_org_tissue               ? 
_entity_src_gen.pdbx_host_org_tissue_fraction      ? 
_entity_src_gen.pdbx_host_org_strain               'BL21(DE3)C41' 
_entity_src_gen.pdbx_host_org_variant              ? 
_entity_src_gen.pdbx_host_org_cell_line            ? 
_entity_src_gen.pdbx_host_org_atcc                 ? 
_entity_src_gen.pdbx_host_org_culture_collection   ? 
_entity_src_gen.pdbx_host_org_cell                 ? 
_entity_src_gen.pdbx_host_org_organelle            ? 
_entity_src_gen.pdbx_host_org_cellular_location    ? 
_entity_src_gen.pdbx_host_org_vector_type          Plasmid 
_entity_src_gen.pdbx_host_org_vector               ? 
_entity_src_gen.host_org_details                   'TEV cleavage site' 
_entity_src_gen.expression_system_id               ? 
_entity_src_gen.plasmid_name                       'pET28b modified' 
_entity_src_gen.plasmid_details                    ? 
_entity_src_gen.pdbx_description                   ? 
# 
_struct_ref.id                         1 
_struct_ref.db_name                    UNP 
_struct_ref.db_code                    CSPB_BACCL 
_struct_ref.pdbx_db_accession          P41016 
_struct_ref.pdbx_db_isoform            ? 
_struct_ref.entity_id                  1 
_struct_ref.pdbx_seq_one_letter_code   MQRGKVKWFNNEKGYGFIEVEGGSDVFVHFTAIQGEGFKTLEEGQEVSFEIVQGNRGPQAANVVKL 
_struct_ref.pdbx_align_begin           1 
# 
loop_
_struct_ref_seq.align_id 
_struct_ref_seq.ref_id 
_struct_ref_seq.pdbx_PDB_id_code 
_struct_ref_seq.pdbx_strand_id 
_struct_ref_seq.seq_align_beg 
_struct_ref_seq.pdbx_seq_align_beg_ins_code 
_struct_ref_seq.seq_align_end 
_struct_ref_seq.pdbx_seq_align_end_ins_code 
_struct_ref_seq.pdbx_db_accession 
_struct_ref_seq.db_align_beg 
_struct_ref_seq.pdbx_db_align_beg_ins_code 
_struct_ref_seq.db_align_end 
_struct_ref_seq.pdbx_db_align_end_ins_code 
_struct_ref_seq.pdbx_auth_seq_align_beg 
_struct_ref_seq.pdbx_auth_seq_align_end 
1 1 5JX4 A 3 ? 66 ? P41016 1 ? 66 ? 1 64 
2 1 5JX4 B 3 ? 66 ? P41016 1 ? 66 ? 1 64 
# 
loop_
_struct_ref_seq_dif.align_id 
_struct_ref_seq_dif.pdbx_pdb_id_code 
_struct_ref_seq_dif.mon_id 
_struct_ref_seq_dif.pdbx_pdb_strand_id 
_struct_ref_seq_dif.seq_num 
_struct_ref_seq_dif.pdbx_pdb_ins_code 
_struct_ref_seq_dif.pdbx_seq_db_name 
_struct_ref_seq_dif.pdbx_seq_db_accession_code 
_struct_ref_seq_dif.db_mon_id 
_struct_ref_seq_dif.pdbx_seq_db_seq_num 
_struct_ref_seq_dif.details 
_struct_ref_seq_dif.pdbx_auth_seq_num 
_struct_ref_seq_dif.pdbx_ordinal 
1 5JX4 GLY A 1 ? UNP P41016 ?   ?  'expression tag' -1 1 
1 5JX4 HIS A 2 ? UNP P41016 ?   ?  'expression tag' 0  2 
1 5JX4 ?   A ? ? UNP P41016 GLY 35 deletion         ?  3 
1 5JX4 ?   A ? ? UNP P41016 GLU 36 deletion         ?  4 
2 5JX4 GLY B 1 ? UNP P41016 ?   ?  'expression tag' -1 5 
2 5JX4 HIS B 2 ? UNP P41016 ?   ?  'expression tag' 0  6 
2 5JX4 ?   B ? ? UNP P41016 GLY 35 deletion         ?  7 
2 5JX4 ?   B ? ? UNP P41016 GLU 36 deletion         ?  8 
# 
loop_
_chem_comp.id 
_chem_comp.type 
_chem_comp.mon_nstd_flag 
_chem_comp.name 
_chem_comp.pdbx_synonyms 
_chem_comp.formula 
_chem_comp.formula_weight 
ALA 'L-peptide linking' y ALANINE         ? 'C3 H7 N O2'     89.093  
ARG 'L-peptide linking' y ARGININE        ? 'C6 H15 N4 O2 1' 175.209 
ASN 'L-peptide linking' y ASPARAGINE      ? 'C4 H8 N2 O3'    132.118 
ASP 'L-peptide linking' y 'ASPARTIC ACID' ? 'C4 H7 N O4'     133.103 
GLN 'L-peptide linking' y GLUTAMINE       ? 'C5 H10 N2 O3'   146.144 
GLU 'L-peptide linking' y 'GLUTAMIC ACID' ? 'C5 H9 N O4'     147.129 
GLY 'peptide linking'   y GLYCINE         ? 'C2 H5 N O2'     75.067  
HIS 'L-peptide linking' y HISTIDINE       ? 'C6 H10 N3 O2 1' 156.162 
HOH non-polymer         . WATER           ? 'H2 O'           18.015  
ILE 'L-peptide linking' y ISOLEUCINE      ? 'C6 H13 N O2'    131.173 
LEU 'L-peptide linking' y LEUCINE         ? 'C6 H13 N O2'    131.173 
LYS 'L-peptide linking' y LYSINE          ? 'C6 H15 N2 O2 1' 147.195 
MET 'L-peptide linking' y METHIONINE      ? 'C5 H11 N O2 S'  149.211 
PHE 'L-peptide linking' y PHENYLALANINE   ? 'C9 H11 N O2'    165.189 
PRO 'L-peptide linking' y PROLINE         ? 'C5 H9 N O2'     115.130 
SER 'L-peptide linking' y SERINE          ? 'C3 H7 N O3'     105.093 
SO4 non-polymer         . 'SULFATE ION'   ? 'O4 S -2'        96.063  
THR 'L-peptide linking' y THREONINE       ? 'C4 H9 N O3'     119.119 
TRP 'L-peptide linking' y TRYPTOPHAN      ? 'C11 H12 N2 O2'  204.225 
TYR 'L-peptide linking' y TYROSINE        ? 'C9 H11 N O3'    181.189 
VAL 'L-peptide linking' y VALINE          ? 'C5 H11 N O2'    117.146 
# 
_exptl.absorpt_coefficient_mu     ? 
_exptl.absorpt_correction_T_max   ? 
_exptl.absorpt_correction_T_min   ? 
_exptl.absorpt_correction_type    ? 
_exptl.absorpt_process_details    ? 
_exptl.entry_id                   5JX4 
_exptl.crystals_number            1 
_exptl.details                    ? 
_exptl.method                     'X-RAY DIFFRACTION' 
_exptl.method_details             ? 
# 
_exptl_crystal.colour                      ? 
_exptl_crystal.density_diffrn              ? 
_exptl_crystal.density_Matthews            1.84 
_exptl_crystal.density_method              ? 
_exptl_crystal.density_percent_sol         33.00 
_exptl_crystal.description                 ? 
_exptl_crystal.F_000                       ? 
_exptl_crystal.id                          1 
_exptl_crystal.preparation                 ? 
_exptl_crystal.size_max                    ? 
_exptl_crystal.size_mid                    ? 
_exptl_crystal.size_min                    ? 
_exptl_crystal.size_rad                    ? 
_exptl_crystal.colour_lustre               ? 
_exptl_crystal.colour_modifier             ? 
_exptl_crystal.colour_primary              ? 
_exptl_crystal.density_meas                ? 
_exptl_crystal.density_meas_esd            ? 
_exptl_crystal.density_meas_gt             ? 
_exptl_crystal.density_meas_lt             ? 
_exptl_crystal.density_meas_temp           ? 
_exptl_crystal.density_meas_temp_esd       ? 
_exptl_crystal.density_meas_temp_gt        ? 
_exptl_crystal.density_meas_temp_lt        ? 
_exptl_crystal.pdbx_crystal_image_url      ? 
_exptl_crystal.pdbx_crystal_image_format   ? 
_exptl_crystal.pdbx_mosaicity              ? 
_exptl_crystal.pdbx_mosaicity_esd          ? 
# 
_exptl_crystal_grow.apparatus       ? 
_exptl_crystal_grow.atmosphere      ? 
_exptl_crystal_grow.crystal_id      1 
_exptl_crystal_grow.details         ? 
_exptl_crystal_grow.method          'VAPOR DIFFUSION, HANGING DROP' 
_exptl_crystal_grow.method_ref      ? 
_exptl_crystal_grow.pH              4.6 
_exptl_crystal_grow.pressure        ? 
_exptl_crystal_grow.pressure_esd    ? 
_exptl_crystal_grow.seeding         ? 
_exptl_crystal_grow.seeding_ref     ? 
_exptl_crystal_grow.temp            291 
_exptl_crystal_grow.temp_details    ? 
_exptl_crystal_grow.temp_esd        ? 
_exptl_crystal_grow.time            ? 
_exptl_crystal_grow.pdbx_details    
;0.1 M Sodium Acetate, Poly(ethylene glycol) methyl ether 2000 30%, 0.2 M Ammonium Sulfate.
Protein 20 mg/mL in 20 mM Sodium phosphate.
;
_exptl_crystal_grow.pdbx_pH_range   ? 
# 
_diffrn.ambient_environment    ? 
_diffrn.ambient_temp           100 
_diffrn.ambient_temp_details   ? 
_diffrn.ambient_temp_esd       ? 
_diffrn.crystal_id             1 
_diffrn.crystal_support        ? 
_diffrn.crystal_treatment      ? 
_diffrn.details                ? 
_diffrn.id                     1 
_diffrn.ambient_pressure       ? 
_diffrn.ambient_pressure_esd   ? 
_diffrn.ambient_pressure_gt    ? 
_diffrn.ambient_pressure_lt    ? 
_diffrn.ambient_temp_gt        ? 
_diffrn.ambient_temp_lt        ? 
# 
_diffrn_detector.details                      ? 
_diffrn_detector.detector                     'IMAGE PLATE' 
_diffrn_detector.diffrn_id                    1 
_diffrn_detector.type                         'RIGAKU RAXIS IV++' 
_diffrn_detector.area_resol_mean              ? 
_diffrn_detector.dtime                        ? 
_diffrn_detector.pdbx_frames_total            ? 
_diffrn_detector.pdbx_collection_time_total   ? 
_diffrn_detector.pdbx_collection_date         2015-08-21 
# 
_diffrn_radiation.collimation                      ? 
_diffrn_radiation.diffrn_id                        1 
_diffrn_radiation.filter_edge                      ? 
_diffrn_radiation.inhomogeneity                    ? 
_diffrn_radiation.monochromator                    ? 
_diffrn_radiation.polarisn_norm                    ? 
_diffrn_radiation.polarisn_ratio                   ? 
_diffrn_radiation.probe                            ? 
_diffrn_radiation.type                             ? 
_diffrn_radiation.xray_symbol                      ? 
_diffrn_radiation.wavelength_id                    1 
_diffrn_radiation.pdbx_monochromatic_or_laue_m_l   M 
_diffrn_radiation.pdbx_wavelength_list             ? 
_diffrn_radiation.pdbx_wavelength                  ? 
_diffrn_radiation.pdbx_diffrn_protocol             'SINGLE WAVELENGTH' 
_diffrn_radiation.pdbx_analyzer                    ? 
_diffrn_radiation.pdbx_scattering_type             x-ray 
# 
_diffrn_radiation_wavelength.id           1 
_diffrn_radiation_wavelength.wavelength   1.5418 
_diffrn_radiation_wavelength.wt           1.0 
# 
_diffrn_source.current                     ? 
_diffrn_source.details                     ? 
_diffrn_source.diffrn_id                   1 
_diffrn_source.power                       ? 
_diffrn_source.size                        ? 
_diffrn_source.source                      'ROTATING ANODE' 
_diffrn_source.target                      ? 
_diffrn_source.type                        'RIGAKU MICROMAX-007 HF' 
_diffrn_source.voltage                     ? 
_diffrn_source.take-off_angle              ? 
_diffrn_source.pdbx_wavelength_list        1.5418 
_diffrn_source.pdbx_wavelength             ? 
_diffrn_source.pdbx_synchrotron_beamline   ? 
_diffrn_source.pdbx_synchrotron_site       ? 
# 
_reflns.B_iso_Wilson_estimate            5.860 
_reflns.entry_id                         5JX4 
_reflns.data_reduction_details           ? 
_reflns.data_reduction_method            ? 
_reflns.d_resolution_high                1.800 
_reflns.d_resolution_low                 18.800 
_reflns.details                          ? 
_reflns.limit_h_max                      ? 
_reflns.limit_h_min                      ? 
_reflns.limit_k_max                      ? 
_reflns.limit_k_min                      ? 
_reflns.limit_l_max                      ? 
_reflns.limit_l_min                      ? 
_reflns.number_all                       ? 
_reflns.number_obs                       9547 
_reflns.observed_criterion               ? 
_reflns.observed_criterion_F_max         ? 
_reflns.observed_criterion_F_min         ? 
_reflns.observed_criterion_I_max         ? 
_reflns.observed_criterion_I_min         ? 
_reflns.observed_criterion_sigma_F       ? 
_reflns.observed_criterion_sigma_I       ? 
_reflns.percent_possible_obs             95.600 
_reflns.R_free_details                   ? 
_reflns.Rmerge_F_all                     ? 
_reflns.Rmerge_F_obs                     ? 
_reflns.Friedel_coverage                 ? 
_reflns.number_gt                        ? 
_reflns.threshold_expression             ? 
_reflns.pdbx_redundancy                  3.500 
_reflns.pdbx_Rmerge_I_obs                0.048 
_reflns.pdbx_Rmerge_I_all                ? 
_reflns.pdbx_Rsym_value                  ? 
_reflns.pdbx_netI_over_av_sigmaI         ? 
_reflns.pdbx_netI_over_sigmaI            23.600 
_reflns.pdbx_res_netI_over_av_sigmaI_2   ? 
_reflns.pdbx_res_netI_over_sigmaI_2      ? 
_reflns.pdbx_chi_squared                 ? 
_reflns.pdbx_scaling_rejects             ? 
_reflns.pdbx_d_res_high_opt              ? 
_reflns.pdbx_d_res_low_opt               ? 
_reflns.pdbx_d_res_opt_method            ? 
_reflns.phase_calculation_details        ? 
_reflns.pdbx_Rrim_I_all                  ? 
_reflns.pdbx_Rpim_I_all                  ? 
_reflns.pdbx_d_opt                       ? 
_reflns.pdbx_number_measured_all         ? 
_reflns.pdbx_diffrn_id                   1 
_reflns.pdbx_ordinal                     1 
_reflns.pdbx_CC_half                     0.998 
_reflns.pdbx_R_split                     ? 
# 
_reflns_shell.d_res_high                  1.800 
_reflns_shell.d_res_low                   1.840 
_reflns_shell.meanI_over_sigI_all         ? 
_reflns_shell.meanI_over_sigI_obs         ? 
_reflns_shell.number_measured_all         ? 
_reflns_shell.number_measured_obs         ? 
_reflns_shell.number_possible             ? 
_reflns_shell.number_unique_all           ? 
_reflns_shell.number_unique_obs           ? 
_reflns_shell.percent_possible_all        70.300 
_reflns_shell.percent_possible_obs        ? 
_reflns_shell.Rmerge_F_all                ? 
_reflns_shell.Rmerge_F_obs                ? 
_reflns_shell.Rmerge_I_all                ? 
_reflns_shell.Rmerge_I_obs                0.114 
_reflns_shell.meanI_over_sigI_gt          ? 
_reflns_shell.meanI_over_uI_all           ? 
_reflns_shell.meanI_over_uI_gt            ? 
_reflns_shell.number_measured_gt          ? 
_reflns_shell.number_unique_gt            ? 
_reflns_shell.percent_possible_gt         ? 
_reflns_shell.Rmerge_F_gt                 ? 
_reflns_shell.Rmerge_I_gt                 ? 
_reflns_shell.pdbx_redundancy             2.500 
_reflns_shell.pdbx_Rsym_value             ? 
_reflns_shell.pdbx_chi_squared            ? 
_reflns_shell.pdbx_netI_over_sigmaI_all   ? 
_reflns_shell.pdbx_netI_over_sigmaI_obs   ? 
_reflns_shell.pdbx_Rrim_I_all             ? 
_reflns_shell.pdbx_Rpim_I_all             ? 
_reflns_shell.pdbx_rejects                ? 
_reflns_shell.pdbx_ordinal                1 
_reflns_shell.pdbx_diffrn_id              1 
_reflns_shell.pdbx_CC_half                ? 
_reflns_shell.pdbx_R_split                ? 
# 
_refine.aniso_B[1][1]                            ? 
_refine.aniso_B[1][2]                            ? 
_refine.aniso_B[1][3]                            ? 
_refine.aniso_B[2][2]                            ? 
_refine.aniso_B[2][3]                            ? 
_refine.aniso_B[3][3]                            ? 
_refine.B_iso_max                                40.260 
_refine.B_iso_mean                               9.2329 
_refine.B_iso_min                                0.920 
_refine.correlation_coeff_Fo_to_Fc               ? 
_refine.correlation_coeff_Fo_to_Fc_free          ? 
_refine.details                                  ? 
_refine.diff_density_max                         ? 
_refine.diff_density_max_esd                     ? 
_refine.diff_density_min                         ? 
_refine.diff_density_min_esd                     ? 
_refine.diff_density_rms                         ? 
_refine.diff_density_rms_esd                     ? 
_refine.entry_id                                 5JX4 
_refine.pdbx_refine_id                           'X-RAY DIFFRACTION' 
_refine.ls_abs_structure_details                 ? 
_refine.ls_abs_structure_Flack                   ? 
_refine.ls_abs_structure_Flack_esd               ? 
_refine.ls_abs_structure_Rogers                  ? 
_refine.ls_abs_structure_Rogers_esd              ? 
_refine.ls_d_res_high                            1.8 
_refine.ls_d_res_low                             18.7970 
_refine.ls_extinction_coef                       ? 
_refine.ls_extinction_coef_esd                   ? 
_refine.ls_extinction_expression                 ? 
_refine.ls_extinction_method                     ? 
_refine.ls_goodness_of_fit_all                   ? 
_refine.ls_goodness_of_fit_all_esd               ? 
_refine.ls_goodness_of_fit_obs                   ? 
_refine.ls_goodness_of_fit_obs_esd               ? 
_refine.ls_hydrogen_treatment                    ? 
_refine.ls_matrix_type                           ? 
_refine.ls_number_constraints                    ? 
_refine.ls_number_parameters                     ? 
_refine.ls_number_reflns_all                     ? 
_refine.ls_number_reflns_obs                     9514 
_refine.ls_number_reflns_R_free                  462 
_refine.ls_number_reflns_R_work                  ? 
_refine.ls_number_restraints                     ? 
_refine.ls_percent_reflns_obs                    95.2000 
_refine.ls_percent_reflns_R_free                 4.8600 
_refine.ls_R_factor_all                          ? 
_refine.ls_R_factor_obs                          0.1515 
_refine.ls_R_factor_R_free                       0.1821 
_refine.ls_R_factor_R_free_error                 ? 
_refine.ls_R_factor_R_free_error_details         ? 
_refine.ls_R_factor_R_work                       0.1500 
_refine.ls_R_Fsqd_factor_obs                     ? 
_refine.ls_R_I_factor_obs                        ? 
_refine.ls_redundancy_reflns_all                 ? 
_refine.ls_redundancy_reflns_obs                 ? 
_refine.ls_restrained_S_all                      ? 
_refine.ls_restrained_S_obs                      ? 
_refine.ls_shift_over_esd_max                    ? 
_refine.ls_shift_over_esd_mean                   ? 
_refine.ls_structure_factor_coef                 ? 
_refine.ls_weighting_details                     ? 
_refine.ls_weighting_scheme                      ? 
_refine.ls_wR_factor_all                         ? 
_refine.ls_wR_factor_obs                         ? 
_refine.ls_wR_factor_R_free                      ? 
_refine.ls_wR_factor_R_work                      ? 
_refine.occupancy_max                            ? 
_refine.occupancy_min                            ? 
_refine.solvent_model_details                    ? 
_refine.solvent_model_param_bsol                 ? 
_refine.solvent_model_param_ksol                 ? 
_refine.ls_R_factor_gt                           ? 
_refine.ls_goodness_of_fit_gt                    ? 
_refine.ls_goodness_of_fit_ref                   ? 
_refine.ls_shift_over_su_max                     ? 
_refine.ls_shift_over_su_max_lt                  ? 
_refine.ls_shift_over_su_mean                    ? 
_refine.ls_shift_over_su_mean_lt                 ? 
_refine.pdbx_ls_sigma_I                          ? 
_refine.pdbx_ls_sigma_F                          1.340 
_refine.pdbx_ls_sigma_Fsqd                       ? 
_refine.pdbx_data_cutoff_high_absF               ? 
_refine.pdbx_data_cutoff_high_rms_absF           ? 
_refine.pdbx_data_cutoff_low_absF                ? 
_refine.pdbx_isotropic_thermal_model             ? 
_refine.pdbx_ls_cross_valid_method               'FREE R-VALUE' 
_refine.pdbx_method_to_determine_struct          'MOLECULAR REPLACEMENT' 
_refine.pdbx_starting_model                      2HAX 
_refine.pdbx_stereochemistry_target_values       ? 
_refine.pdbx_R_Free_selection_details            'Random selection' 
_refine.pdbx_stereochem_target_val_spec_case     ? 
_refine.pdbx_overall_ESU_R                       ? 
_refine.pdbx_overall_ESU_R_Free                  ? 
_refine.pdbx_solvent_vdw_probe_radii             1.1100 
_refine.pdbx_solvent_ion_probe_radii             ? 
_refine.pdbx_solvent_shrinkage_radii             0.9000 
_refine.pdbx_real_space_R                        ? 
_refine.pdbx_density_correlation                 ? 
_refine.pdbx_pd_number_of_powder_patterns        ? 
_refine.pdbx_pd_number_of_points                 ? 
_refine.pdbx_pd_meas_number_of_points            ? 
_refine.pdbx_pd_proc_ls_prof_R_factor            ? 
_refine.pdbx_pd_proc_ls_prof_wR_factor           ? 
_refine.pdbx_pd_Marquardt_correlation_coeff      ? 
_refine.pdbx_pd_Fsqrd_R_factor                   ? 
_refine.pdbx_pd_ls_matrix_band_width             ? 
_refine.pdbx_overall_phase_error                 16.6000 
_refine.pdbx_overall_SU_R_free_Cruickshank_DPI   ? 
_refine.pdbx_overall_SU_R_free_Blow_DPI          ? 
_refine.pdbx_overall_SU_R_Blow_DPI               ? 
_refine.pdbx_TLS_residual_ADP_flag               ? 
_refine.pdbx_diffrn_id                           1 
_refine.overall_SU_B                             ? 
_refine.overall_SU_ML                            0.1300 
_refine.overall_SU_R_Cruickshank_DPI             ? 
_refine.overall_SU_R_free                        ? 
_refine.overall_FOM_free_R_set                   ? 
_refine.overall_FOM_work_R_set                   ? 
_refine.pdbx_average_fsc_overall                 ? 
_refine.pdbx_average_fsc_work                    ? 
_refine.pdbx_average_fsc_free                    ? 
# 
_refine_hist.cycle_id                         final 
_refine_hist.pdbx_refine_id                   'X-RAY DIFFRACTION' 
_refine_hist.d_res_high                       1.8 
_refine_hist.d_res_low                        18.7970 
_refine_hist.pdbx_number_atoms_ligand         25 
_refine_hist.number_atoms_solvent             221 
_refine_hist.number_atoms_total               1282 
_refine_hist.pdbx_number_residues_total       131 
_refine_hist.pdbx_B_iso_mean_ligand           22.81 
_refine_hist.pdbx_B_iso_mean_solvent          16.21 
_refine_hist.pdbx_number_atoms_protein        1036 
_refine_hist.pdbx_number_atoms_nucleic_acid   0 
# 
loop_
_refine_ls_restr.pdbx_refine_id 
_refine_ls_restr.criterion 
_refine_ls_restr.dev_ideal 
_refine_ls_restr.dev_ideal_target 
_refine_ls_restr.number 
_refine_ls_restr.rejects 
_refine_ls_restr.type 
_refine_ls_restr.weight 
_refine_ls_restr.pdbx_restraint_function 
'X-RAY DIFFRACTION' ? 0.013  ? 1093 ? f_bond_d           ? ? 
'X-RAY DIFFRACTION' ? 1.335  ? 1471 ? f_angle_d          ? ? 
'X-RAY DIFFRACTION' ? 0.047  ? 144  ? f_chiral_restr     ? ? 
'X-RAY DIFFRACTION' ? 0.005  ? 194  ? f_plane_restr      ? ? 
'X-RAY DIFFRACTION' ? 13.958 ? 388  ? f_dihedral_angle_d ? ? 
# 
loop_
_refine_ls_shell.pdbx_refine_id 
_refine_ls_shell.d_res_high 
_refine_ls_shell.d_res_low 
_refine_ls_shell.number_reflns_all 
_refine_ls_shell.number_reflns_obs 
_refine_ls_shell.number_reflns_R_free 
_refine_ls_shell.number_reflns_R_work 
_refine_ls_shell.percent_reflns_obs 
_refine_ls_shell.percent_reflns_R_free 
_refine_ls_shell.R_factor_all 
_refine_ls_shell.R_factor_obs 
_refine_ls_shell.R_factor_R_free 
_refine_ls_shell.R_factor_R_free_error 
_refine_ls_shell.R_factor_R_work 
_refine_ls_shell.redundancy_reflns_all 
_refine_ls_shell.redundancy_reflns_obs 
_refine_ls_shell.wR_factor_all 
_refine_ls_shell.wR_factor_obs 
_refine_ls_shell.wR_factor_R_free 
_refine_ls_shell.wR_factor_R_work 
_refine_ls_shell.pdbx_total_number_of_bins_used 
_refine_ls_shell.pdbx_phase_error 
_refine_ls_shell.pdbx_fsc_work 
_refine_ls_shell.pdbx_fsc_free 
'X-RAY DIFFRACTION' 1.800  2.0591  2948 . 157 2791 89.0000 . . . 0.1975 . 0.1448 . . . . . . 3 . . . 
'X-RAY DIFFRACTION' 2.0591 2.5931  3236 . 184 3052 97.0000 . . . 0.1822 . 0.1512 . . . . . . 3 . . . 
'X-RAY DIFFRACTION' 2.5931 18.7981 3330 . 121 3209 99.0000 . . . 0.1715 . 0.1516 . . . . . . 3 . . . 
# 
_struct.entry_id                     5JX4 
_struct.title                        'Crystal structure of E36-G37del mutant of the Bacillus caldolyticus cold shock protein.' 
_struct.pdbx_model_details           ? 
_struct.pdbx_formula_weight          ? 
_struct.pdbx_formula_weight_method   ? 
_struct.pdbx_model_type_details      ? 
_struct.pdbx_CASP_flag               N 
# 
_struct_keywords.entry_id        5JX4 
_struct_keywords.text            'BcCSP, monomer, mutant, cold shock protein., DNA BINDING PROTEIN' 
_struct_keywords.pdbx_keywords   'DNA BINDING PROTEIN' 
# 
loop_
_struct_asym.id 
_struct_asym.pdbx_blank_PDB_chainid_flag 
_struct_asym.pdbx_modified 
_struct_asym.entity_id 
_struct_asym.details 
A N N 1 ? 
B N N 1 ? 
C N N 2 ? 
D N N 2 ? 
E N N 2 ? 
F N N 2 ? 
G N N 2 ? 
H N N 3 ? 
I N N 3 ? 
# 
_struct_biol.id        1 
_struct_biol.details   'Dimer confirmed by gel filtration' 
# 
loop_
_struct_conf.conf_type_id 
_struct_conf.id 
_struct_conf.pdbx_PDB_helix_id 
_struct_conf.beg_label_comp_id 
_struct_conf.beg_label_asym_id 
_struct_conf.beg_label_seq_id 
_struct_conf.pdbx_beg_PDB_ins_code 
_struct_conf.end_label_comp_id 
_struct_conf.end_label_asym_id 
_struct_conf.end_label_seq_id 
_struct_conf.pdbx_end_PDB_ins_code 
_struct_conf.beg_auth_comp_id 
_struct_conf.beg_auth_asym_id 
_struct_conf.beg_auth_seq_id 
_struct_conf.end_auth_comp_id 
_struct_conf.end_auth_asym_id 
_struct_conf.end_auth_seq_id 
_struct_conf.pdbx_PDB_helix_class 
_struct_conf.details 
_struct_conf.pdbx_PDB_helix_length 
HELX_P HELX_P1 AA1 THR A 33 ? ILE A 35 ? THR A 31 ILE A 33 5 ? 3 
HELX_P HELX_P2 AA2 THR B 33 ? ILE B 35 ? THR B 31 ILE B 33 5 ? 3 
# 
_struct_conf_type.id          HELX_P 
_struct_conf_type.criteria    ? 
_struct_conf_type.reference   ? 
# 
loop_
_struct_sheet.id 
_struct_sheet.type 
_struct_sheet.number_strands 
_struct_sheet.details 
AA1 ? 6 ? 
AA2 ? 5 ? 
# 
loop_
_struct_sheet_order.sheet_id 
_struct_sheet_order.range_id_1 
_struct_sheet_order.range_id_2 
_struct_sheet_order.offset 
_struct_sheet_order.sense 
AA1 1 2 ? anti-parallel 
AA1 2 3 ? anti-parallel 
AA1 3 4 ? parallel      
AA1 4 5 ? anti-parallel 
AA1 5 6 ? anti-parallel 
AA2 1 2 ? anti-parallel 
AA2 2 3 ? anti-parallel 
AA2 3 4 ? anti-parallel 
AA2 4 5 ? anti-parallel 
# 
loop_
_struct_sheet_range.sheet_id 
_struct_sheet_range.id 
_struct_sheet_range.beg_label_comp_id 
_struct_sheet_range.beg_label_asym_id 
_struct_sheet_range.beg_label_seq_id 
_struct_sheet_range.pdbx_beg_PDB_ins_code 
_struct_sheet_range.end_label_comp_id 
_struct_sheet_range.end_label_asym_id 
_struct_sheet_range.end_label_seq_id 
_struct_sheet_range.pdbx_end_PDB_ins_code 
_struct_sheet_range.beg_auth_comp_id 
_struct_sheet_range.beg_auth_asym_id 
_struct_sheet_range.beg_auth_seq_id 
_struct_sheet_range.end_auth_comp_id 
_struct_sheet_range.end_auth_asym_id 
_struct_sheet_range.end_auth_seq_id 
AA1 1 GLN A 4  ? ASN A 12 ? GLN A 2  ASN A 10 
AA1 2 TYR A 17 ? GLU A 21 ? TYR A 15 GLU A 19 
AA1 3 VAL A 28 ? HIS A 31 ? VAL A 26 HIS A 29 
AA1 4 GLY A 57 ? LYS A 65 ? GLY A 55 LYS A 63 
AA1 5 GLU A 46 ? GLY A 54 ? GLU A 44 GLY A 52 
AA1 6 GLN A 4  ? ASN A 12 ? GLN A 2  ASN A 10 
AA2 1 VAL B 28 ? HIS B 31 ? VAL B 26 HIS B 29 
AA2 2 TYR B 17 ? GLU B 21 ? TYR B 15 GLU B 19 
AA2 3 GLN B 4  ? ASN B 12 ? GLN B 2  ASN B 10 
AA2 4 GLU B 46 ? GLY B 54 ? GLU B 44 GLY B 52 
AA2 5 GLY B 57 ? LYS B 65 ? GLY B 55 LYS B 63 
# 
loop_
_pdbx_struct_sheet_hbond.sheet_id 
_pdbx_struct_sheet_hbond.range_id_1 
_pdbx_struct_sheet_hbond.range_id_2 
_pdbx_struct_sheet_hbond.range_1_label_atom_id 
_pdbx_struct_sheet_hbond.range_1_label_comp_id 
_pdbx_struct_sheet_hbond.range_1_label_asym_id 
_pdbx_struct_sheet_hbond.range_1_label_seq_id 
_pdbx_struct_sheet_hbond.range_1_PDB_ins_code 
_pdbx_struct_sheet_hbond.range_1_auth_atom_id 
_pdbx_struct_sheet_hbond.range_1_auth_comp_id 
_pdbx_struct_sheet_hbond.range_1_auth_asym_id 
_pdbx_struct_sheet_hbond.range_1_auth_seq_id 
_pdbx_struct_sheet_hbond.range_2_label_atom_id 
_pdbx_struct_sheet_hbond.range_2_label_comp_id 
_pdbx_struct_sheet_hbond.range_2_label_asym_id 
_pdbx_struct_sheet_hbond.range_2_label_seq_id 
_pdbx_struct_sheet_hbond.range_2_PDB_ins_code 
_pdbx_struct_sheet_hbond.range_2_auth_atom_id 
_pdbx_struct_sheet_hbond.range_2_auth_comp_id 
_pdbx_struct_sheet_hbond.range_2_auth_asym_id 
_pdbx_struct_sheet_hbond.range_2_auth_seq_id 
AA1 1 2 N ASN A 12 ? N ASN A 10 O TYR A 17 ? O TYR A 15 
AA1 2 3 N ILE A 20 ? N ILE A 18 O VAL A 28 ? O VAL A 26 
AA1 3 4 N PHE A 29 ? N PHE A 27 O ALA A 60 ? O ALA A 58 
AA1 4 5 O GLY A 57 ? O GLY A 55 N GLY A 54 ? N GLY A 52 
AA1 5 6 O PHE A 49 ? O PHE A 47 N GLN A 4  ? N GLN A 2  
AA2 1 2 O VAL B 28 ? O VAL B 26 N ILE B 20 ? N ILE B 18 
AA2 2 3 O GLU B 21 ? O GLU B 19 N LYS B 7  ? N LYS B 5  
AA2 3 4 N GLN B 4  ? N GLN B 2  O PHE B 49 ? O PHE B 47 
AA2 4 5 N VAL B 52 ? N VAL B 50 O GLN B 59 ? O GLN B 57 
# 
loop_
_struct_site.id 
_struct_site.pdbx_evidence_code 
_struct_site.pdbx_auth_asym_id 
_struct_site.pdbx_auth_comp_id 
_struct_site.pdbx_auth_seq_id 
_struct_site.pdbx_auth_ins_code 
_struct_site.pdbx_num_residues 
_struct_site.details 
AC1 Software A SO4 101 ? 7 'binding site for residue SO4 A 101' 
AC2 Software A SO4 102 ? 7 'binding site for residue SO4 A 102' 
AC3 Software B SO4 101 ? 9 'binding site for residue SO4 B 101' 
AC4 Software B SO4 102 ? 2 'binding site for residue SO4 B 102' 
AC5 Software B SO4 103 ? 3 'binding site for residue SO4 B 103' 
# 
loop_
_struct_site_gen.id 
_struct_site_gen.site_id 
_struct_site_gen.pdbx_num_res 
_struct_site_gen.label_comp_id 
_struct_site_gen.label_asym_id 
_struct_site_gen.label_seq_id 
_struct_site_gen.pdbx_auth_ins_code 
_struct_site_gen.auth_comp_id 
_struct_site_gen.auth_asym_id 
_struct_site_gen.auth_seq_id 
_struct_site_gen.label_atom_id 
_struct_site_gen.label_alt_id 
_struct_site_gen.symmetry 
_struct_site_gen.details 
1  AC1 7 GLY A 37 ? GLY A 35  . ? 1_555 ? 
2  AC1 7 PHE A 38 ? PHE A 36  . ? 1_555 ? 
3  AC1 7 LYS A 39 ? LYS A 37  . ? 1_555 ? 
4  AC1 7 LYS A 65 ? LYS A 63  . ? 1_555 ? 
5  AC1 7 HOH H .  ? HOH A 245 . ? 1_555 ? 
6  AC1 7 HOH H .  ? HOH A 247 . ? 1_555 ? 
7  AC1 7 GLY B 1  ? GLY B -1  . ? 1_454 ? 
8  AC2 7 HOH H .  ? HOH A 223 . ? 1_555 ? 
9  AC2 7 HOH H .  ? HOH A 249 . ? 1_555 ? 
10 AC2 7 HOH H .  ? HOH A 275 . ? 1_555 ? 
11 AC2 7 GLY B 1  ? GLY B -1  . ? 1_454 ? 
12 AC2 7 HIS B 2  ? HIS B 0   . ? 1_454 ? 
13 AC2 7 HOH I .  ? HOH B 239 . ? 1_454 ? 
14 AC2 7 HOH I .  ? HOH B 244 . ? 1_454 ? 
15 AC3 9 HIS A 2  ? HIS A 0   . ? 1_656 ? 
16 AC3 9 GLY B 37 ? GLY B 35  . ? 1_555 ? 
17 AC3 9 PHE B 38 ? PHE B 36  . ? 1_555 ? 
18 AC3 9 LYS B 39 ? LYS B 37  . ? 1_555 ? 
19 AC3 9 LYS B 65 ? LYS B 63  . ? 1_555 ? 
20 AC3 9 HOH I .  ? HOH B 235 . ? 1_555 ? 
21 AC3 9 HOH I .  ? HOH B 249 . ? 1_555 ? 
22 AC3 9 HOH I .  ? HOH B 260 . ? 1_555 ? 
23 AC3 9 HOH I .  ? HOH B 263 . ? 1_555 ? 
24 AC4 2 LYS B 39 ? LYS B 37  . ? 1_555 ? 
25 AC4 2 HOH I .  ? HOH B 211 . ? 1_555 ? 
26 AC5 3 HOH I .  ? HOH B 219 . ? 1_555 ? 
27 AC5 3 HOH I .  ? HOH B 233 . ? 1_555 ? 
28 AC5 3 HOH I .  ? HOH B 276 . ? 1_555 ? 
# 
_atom_sites.entry_id                    5JX4 
_atom_sites.fract_transf_matrix[1][1]   0.00720345 
_atom_sites.fract_transf_matrix[1][2]   0.00847703 
_atom_sites.fract_transf_matrix[1][3]   0.02763900 
_atom_sites.fract_transf_matrix[2][1]   -0.00821853 
_atom_sites.fract_transf_matrix[2][2]   0.02072303 
_atom_sites.fract_transf_matrix[2][3]   -0.00421390 
_atom_sites.fract_transf_matrix[3][1]   -0.02359121 
_atom_sites.fract_transf_matrix[3][2]   -0.00670612 
_atom_sites.fract_transf_matrix[3][3]   0.01303158 
_atom_sites.fract_transf_vector[1]      1.676683 
_atom_sites.fract_transf_vector[2]      0.928111 
_atom_sites.fract_transf_vector[3]      2.326098 
# 
loop_
_atom_type.symbol 
C 
N 
O 
S 
# 
loop_
_atom_site.group_PDB 
_atom_site.id 
_atom_site.type_symbol 
_atom_site.label_atom_id 
_atom_site.label_alt_id 
_atom_site.label_comp_id 
_atom_site.label_asym_id 
_atom_site.label_entity_id 
_atom_site.label_seq_id 
_atom_site.pdbx_PDB_ins_code 
_atom_site.Cartn_x 
_atom_site.Cartn_y 
_atom_site.Cartn_z 
_atom_site.occupancy 
_atom_site.B_iso_or_equiv 
_atom_site.pdbx_formal_charge 
_atom_site.auth_seq_id 
_atom_site.auth_comp_id 
_atom_site.auth_asym_id 
_atom_site.auth_atom_id 
_atom_site.pdbx_PDB_model_num 
ATOM   1    N N   . HIS A 1 2  ? 5.144   8.712   -20.587 1.00 7.72  ? 0   HIS A N   1 
ATOM   2    C CA  . HIS A 1 2  ? 6.473   8.181   -20.270 1.00 7.00  ? 0   HIS A CA  1 
ATOM   3    C C   . HIS A 1 2  ? 6.374   7.064   -19.246 1.00 9.20  ? 0   HIS A C   1 
ATOM   4    O O   . HIS A 1 2  ? 5.352   6.927   -18.531 1.00 7.44  ? 0   HIS A O   1 
ATOM   5    C CB  . HIS A 1 2  ? 7.385   9.277   -19.733 1.00 5.32  ? 0   HIS A CB  1 
ATOM   6    C CG  . HIS A 1 2  ? 7.674   10.356  -20.721 1.00 7.32  ? 0   HIS A CG  1 
ATOM   7    N ND1 . HIS A 1 2  ? 8.680   11.284  -20.546 1.00 4.64  ? 0   HIS A ND1 1 
ATOM   8    C CD2 . HIS A 1 2  ? 7.095   10.648  -21.912 1.00 5.41  ? 0   HIS A CD2 1 
ATOM   9    C CE1 . HIS A 1 2  ? 8.700   12.102  -21.582 1.00 9.12  ? 0   HIS A CE1 1 
ATOM   10   N NE2 . HIS A 1 2  ? 7.746   11.741  -22.422 1.00 5.41  ? 0   HIS A NE2 1 
ATOM   11   N N   . MET A 1 3  ? 7.439   6.275   -19.153 1.00 5.05  ? 1   MET A N   1 
ATOM   12   C CA  . MET A 1 3  ? 7.503   5.222   -18.153 1.00 5.16  ? 1   MET A CA  1 
ATOM   13   C C   . MET A 1 3  ? 8.370   5.668   -16.984 1.00 5.16  ? 1   MET A C   1 
ATOM   14   O O   . MET A 1 3  ? 9.331   6.434   -17.173 1.00 5.82  ? 1   MET A O   1 
ATOM   15   C CB  . MET A 1 3  ? 8.066   3.931   -18.752 1.00 4.26  ? 1   MET A CB  1 
ATOM   16   C CG  . MET A 1 3  ? 7.147   3.296   -19.761 1.00 6.00  ? 1   MET A CG  1 
ATOM   17   S SD  . MET A 1 3  ? 5.728   2.505   -18.962 1.00 9.00  ? 1   MET A SD  1 
ATOM   18   C CE  . MET A 1 3  ? 6.357   0.808   -18.880 1.00 20.78 ? 1   MET A CE  1 
ATOM   19   N N   . GLN A 1 4  ? 8.007   5.211   -15.787 1.00 3.82  ? 2   GLN A N   1 
ATOM   20   C CA  . GLN A 1 4  ? 8.871   5.309   -14.611 1.00 3.13  ? 2   GLN A CA  1 
ATOM   21   C C   . GLN A 1 4  ? 9.886   4.186   -14.666 1.00 4.78  ? 2   GLN A C   1 
ATOM   22   O O   . GLN A 1 4  ? 9.666   3.192   -15.357 1.00 2.65  ? 2   GLN A O   1 
ATOM   23   C CB  . GLN A 1 4  ? 8.060   5.200   -13.319 1.00 1.52  ? 2   GLN A CB  1 
ATOM   24   C CG  . GLN A 1 4  ? 6.971   6.270   -13.142 1.00 2.59  ? 2   GLN A CG  1 
ATOM   25   C CD  . GLN A 1 4  ? 7.523   7.592   -12.650 1.00 4.07  ? 2   GLN A CD  1 
ATOM   26   O OE1 . GLN A 1 4  ? 8.672   7.687   -12.177 1.00 8.07  ? 2   GLN A OE1 1 
ATOM   27   N NE2 . GLN A 1 4  ? 6.716   8.622   -12.750 1.00 2.06  ? 2   GLN A NE2 1 
ATOM   28   N N   . ARG A 1 5  ? 10.985  4.341   -13.937 1.00 3.35  ? 3   ARG A N   1 
ATOM   29   C CA  . ARG A 1 5  ? 11.933  3.243   -13.744 1.00 3.99  ? 3   ARG A CA  1 
ATOM   30   C C   . ARG A 1 5  ? 12.154  3.050   -12.251 1.00 5.99  ? 3   ARG A C   1 
ATOM   31   O O   . ARG A 1 5  ? 12.111  4.017   -11.494 1.00 5.02  ? 3   ARG A O   1 
ATOM   32   C CB  . ARG A 1 5  ? 13.277  3.520   -14.444 1.00 7.50  ? 3   ARG A CB  1 
ATOM   33   C CG  . ARG A 1 5  ? 13.310  3.286   -15.946 1.00 9.39  ? 3   ARG A CG  1 
ATOM   34   C CD  . ARG A 1 5  ? 14.700  3.627   -16.483 1.00 10.40 ? 3   ARG A CD  1 
ATOM   35   N NE  . ARG A 1 5  ? 15.235  4.779   -15.766 1.00 18.63 ? 3   ARG A NE  1 
ATOM   36   C CZ  . ARG A 1 5  ? 14.888  6.042   -16.027 1.00 23.49 ? 3   ARG A CZ  1 
ATOM   37   N NH1 . ARG A 1 5  ? 14.019  6.297   -16.993 1.00 28.53 ? 3   ARG A NH1 1 
ATOM   38   N NH2 . ARG A 1 5  ? 15.400  7.051   -15.331 1.00 18.36 ? 3   ARG A NH2 1 
ATOM   39   N N   . GLY A 1 6  ? 12.367  1.808   -11.817 1.00 2.71  ? 4   GLY A N   1 
ATOM   40   C CA  . GLY A 1 6  ? 12.719  1.556   -10.429 1.00 5.45  ? 4   GLY A CA  1 
ATOM   41   C C   . GLY A 1 6  ? 13.222  0.131   -10.272 1.00 6.58  ? 4   GLY A C   1 
ATOM   42   O O   . GLY A 1 6  ? 13.564  -0.518  -11.253 1.00 5.86  ? 4   GLY A O   1 
ATOM   43   N N   . LYS A 1 7  ? 13.265  -0.373  -9.048  1.00 3.83  ? 5   LYS A N   1 
ATOM   44   C CA  . LYS A 1 7  ? 13.726  -1.733  -8.851  1.00 5.51  ? 5   LYS A CA  1 
ATOM   45   C C   . LYS A 1 7  ? 12.837  -2.390  -7.811  1.00 3.96  ? 5   LYS A C   1 
ATOM   46   O O   . LYS A 1 7  ? 12.304  -1.708  -6.933  1.00 4.32  ? 5   LYS A O   1 
ATOM   47   C CB  . LYS A 1 7  ? 15.194  -1.772  -8.416  1.00 7.74  ? 5   LYS A CB  1 
ATOM   48   C CG  . LYS A 1 7  ? 15.481  -0.940  -7.185  1.00 11.52 ? 5   LYS A CG  1 
ATOM   49   C CD  . LYS A 1 7  ? 16.910  -1.163  -6.703  1.00 13.87 ? 5   LYS A CD  1 
ATOM   50   C CE  . LYS A 1 7  ? 17.890  -0.940  -7.831  1.00 23.24 ? 5   LYS A CE  1 
ATOM   51   N NZ  . LYS A 1 7  ? 19.289  -1.024  -7.331  1.00 40.26 ? 5   LYS A NZ  1 
ATOM   52   N N   . VAL A 1 8  ? 12.661  -3.702  -7.905  1.00 4.55  ? 6   VAL A N   1 
ATOM   53   C CA  . VAL A 1 8  ? 11.779  -4.403  -6.975  1.00 2.97  ? 6   VAL A CA  1 
ATOM   54   C C   . VAL A 1 8  ? 12.341  -4.327  -5.564  1.00 5.15  ? 6   VAL A C   1 
ATOM   55   O O   . VAL A 1 8  ? 13.452  -4.787  -5.337  1.00 4.69  ? 6   VAL A O   1 
ATOM   56   C CB  . VAL A 1 8  ? 11.592  -5.885  -7.362  1.00 3.47  ? 6   VAL A CB  1 
ATOM   57   C CG1 . VAL A 1 8  ? 10.752  -6.586  -6.334  1.00 2.37  ? 6   VAL A CG1 1 
ATOM   58   C CG2 . VAL A 1 8  ? 10.952  -5.999  -8.757  1.00 1.99  ? 6   VAL A CG2 1 
ATOM   59   N N   . LYS A 1 9  ? 11.581  -3.737  -4.636  1.00 3.50  ? 7   LYS A N   1 
ATOM   60   C CA  . LYS A 1 9  ? 11.992  -3.635  -3.242  1.00 2.74  ? 7   LYS A CA  1 
ATOM   61   C C   . LYS A 1 9  ? 11.731  -4.971  -2.549  1.00 3.77  ? 7   LYS A C   1 
ATOM   62   O O   . LYS A 1 9  ? 12.634  -5.582  -1.954  1.00 3.66  ? 7   LYS A O   1 
ATOM   63   C CB  . LYS A 1 9  ? 11.240  -2.503  -2.553  1.00 2.69  ? 7   LYS A CB  1 
ATOM   64   C CG  . LYS A 1 9  ? 11.716  -2.183  -1.158  1.00 7.77  ? 7   LYS A CG  1 
ATOM   65   C CD  . LYS A 1 9  ? 10.891  -1.056  -0.537  1.00 4.92  ? 7   LYS A CD  1 
ATOM   66   C CE  . LYS A 1 9  ? 11.418  -0.702  0.851   1.00 12.26 ? 7   LYS A CE  1 
ATOM   67   N NZ  . LYS A 1 9  ? 10.605  0.348   1.540   1.00 10.98 ? 7   LYS A NZ  1 
ATOM   68   N N   . TRP A 1 10 ? 10.493  -5.431  -2.666  1.00 2.54  ? 8   TRP A N   1 
ATOM   69   C CA  . TRP A 1 10 ? 10.146  -6.787  -2.301  1.00 5.02  ? 8   TRP A CA  1 
ATOM   70   C C   . TRP A 1 10 ? 8.895   -7.216  -3.032  1.00 5.83  ? 8   TRP A C   1 
ATOM   71   O O   . TRP A 1 10 ? 8.105   -6.383  -3.487  1.00 3.83  ? 8   TRP A O   1 
ATOM   72   C CB  . TRP A 1 10 ? 9.956   -6.933  -0.791  1.00 3.35  ? 8   TRP A CB  1 
ATOM   73   C CG  . TRP A 1 10 ? 8.942   -6.043  -0.145  1.00 4.30  ? 8   TRP A CG  1 
ATOM   74   C CD1 . TRP A 1 10 ? 9.177   -4.828  0.423   1.00 7.12  ? 8   TRP A CD1 1 
ATOM   75   C CD2 . TRP A 1 10 ? 7.543   -6.316  0.060   1.00 5.10  ? 8   TRP A CD2 1 
ATOM   76   N NE1 . TRP A 1 10 ? 8.018   -4.320  0.958   1.00 11.50 ? 8   TRP A NE1 1 
ATOM   77   C CE2 . TRP A 1 10 ? 6.998   -5.209  0.738   1.00 5.75  ? 8   TRP A CE2 1 
ATOM   78   C CE3 . TRP A 1 10 ? 6.698   -7.379  -0.278  1.00 3.58  ? 8   TRP A CE3 1 
ATOM   79   C CZ2 . TRP A 1 10 ? 5.651   -5.137  1.100   1.00 6.07  ? 8   TRP A CZ2 1 
ATOM   80   C CZ3 . TRP A 1 10 ? 5.346   -7.302  0.083   1.00 4.15  ? 8   TRP A CZ3 1 
ATOM   81   C CH2 . TRP A 1 10 ? 4.843   -6.199  0.766   1.00 4.80  ? 8   TRP A CH2 1 
ATOM   82   N N   . PHE A 1 11 ? 8.724   -8.523  -3.156  1.00 3.06  ? 9   PHE A N   1 
ATOM   83   C CA  . PHE A 1 11 ? 7.514   -9.050  -3.779  1.00 2.61  ? 9   PHE A CA  1 
ATOM   84   C C   . PHE A 1 11 ? 7.168   -10.328 -3.071  1.00 5.38  ? 9   PHE A C   1 
ATOM   85   O O   . PHE A 1 11 ? 7.960   -11.280 -3.063  1.00 2.98  ? 9   PHE A O   1 
ATOM   86   C CB  . PHE A 1 11 ? 7.703   -9.271  -5.290  1.00 1.74  ? 9   PHE A CB  1 
ATOM   87   C CG  . PHE A 1 11 ? 6.407   -9.488  -6.029  1.00 3.00  ? 9   PHE A CG  1 
ATOM   88   C CD1 . PHE A 1 11 ? 5.574   -8.418  -6.319  1.00 2.18  ? 9   PHE A CD1 1 
ATOM   89   C CD2 . PHE A 1 11 ? 6.015   -10.760 -6.409  1.00 2.67  ? 9   PHE A CD2 1 
ATOM   90   C CE1 . PHE A 1 11 ? 4.381   -8.603  -6.979  1.00 2.16  ? 9   PHE A CE1 1 
ATOM   91   C CE2 . PHE A 1 11 ? 4.815   -10.963 -7.075  1.00 3.68  ? 9   PHE A CE2 1 
ATOM   92   C CZ  . PHE A 1 11 ? 4.000   -9.885  -7.376  1.00 3.25  ? 9   PHE A CZ  1 
ATOM   93   N N   . ASN A 1 12 ? 6.006   -10.300 -2.411  1.00 3.61  ? 10  ASN A N   1 
ATOM   94   C CA  . ASN A 1 12 ? 5.445   -11.466 -1.737  1.00 2.84  ? 10  ASN A CA  1 
ATOM   95   C C   . ASN A 1 12 ? 4.970   -12.427 -2.804  1.00 4.49  ? 10  ASN A C   1 
ATOM   96   O O   . ASN A 1 12 ? 3.983   -12.161 -3.490  1.00 5.40  ? 10  ASN A O   1 
ATOM   97   C CB  . ASN A 1 12 ? 4.298   -11.053 -0.817  1.00 3.11  ? 10  ASN A CB  1 
ATOM   98   C CG  . ASN A 1 12 ? 3.799   -12.199 0.026   1.00 7.23  ? 10  ASN A CG  1 
ATOM   99   O OD1 . ASN A 1 12 ? 3.665   -13.322 -0.462  1.00 7.47  ? 10  ASN A OD1 1 
ATOM   100  N ND2 . ASN A 1 12 ? 3.508   -11.927 1.298   1.00 3.34  ? 10  ASN A ND2 1 
ATOM   101  N N   . ASN A 1 13 ? 5.686   -13.536 -2.963  1.00 4.23  ? 11  ASN A N   1 
ATOM   102  C CA  . ASN A 1 13 ? 5.425   -14.430 -4.067  1.00 3.77  ? 11  ASN A CA  1 
ATOM   103  C C   . ASN A 1 13 ? 4.328   -15.442 -3.758  1.00 6.47  ? 11  ASN A C   1 
ATOM   104  O O   . ASN A 1 13 ? 3.907   -16.223 -4.625  1.00 6.80  ? 11  ASN A O   1 
ATOM   105  C CB  . ASN A 1 13 ? 6.717   -15.143 -4.463  1.00 7.52  ? 11  ASN A CB  1 
ATOM   106  C CG  . ASN A 1 13 ? 6.661   -15.692 -5.864  1.00 8.68  ? 11  ASN A CG  1 
ATOM   107  O OD1 . ASN A 1 13 ? 6.044   -15.096 -6.749  1.00 6.64  ? 11  ASN A OD1 1 
ATOM   108  N ND2 . ASN A 1 13 ? 7.266   -16.861 -6.067  1.00 10.33 ? 11  ASN A ND2 1 
ATOM   109  N N   . GLU A 1 14 ? 3.847   -15.438 -2.524  1.00 6.06  ? 12  GLU A N   1 
ATOM   110  C CA  . GLU A 1 14 ? 2.702   -16.290 -2.193  1.00 7.55  ? 12  GLU A CA  1 
ATOM   111  C C   . GLU A 1 14 ? 1.418   -15.538 -2.513  1.00 5.74  ? 12  GLU A C   1 
ATOM   112  O O   . GLU A 1 14 ? 0.497   -16.074 -3.120  1.00 8.01  ? 12  GLU A O   1 
ATOM   113  C CB  . GLU A 1 14 ? 2.726   -16.697 -0.719  1.00 11.04 ? 12  GLU A CB  1 
ATOM   114  C CG  . GLU A 1 14 ? 1.506   -17.522 -0.283  1.00 13.05 ? 12  GLU A CG  1 
ATOM   115  C CD  . GLU A 1 14 ? 1.435   -18.868 -0.988  1.00 22.02 ? 12  GLU A CD  1 
ATOM   116  O OE1 . GLU A 1 14 ? 2.401   -19.661 -0.861  1.00 29.81 ? 12  GLU A OE1 1 
ATOM   117  O OE2 . GLU A 1 14 ? 0.406   -19.145 -1.651  1.00 22.01 ? 12  GLU A OE2 1 
ATOM   118  N N   . LYS A 1 15 ? 1.379   -14.275 -2.117  1.00 3.27  ? 13  LYS A N   1 
ATOM   119  C CA  . LYS A 1 15 ? 0.162   -13.482 -2.218  1.00 6.10  ? 13  LYS A CA  1 
ATOM   120  C C   . LYS A 1 15 ? 0.099   -12.674 -3.506  1.00 5.15  ? 13  LYS A C   1 
ATOM   121  O O   . LYS A 1 15 ? -0.963  -12.209 -3.901  1.00 6.25  ? 13  LYS A O   1 
ATOM   122  C CB  . LYS A 1 15 ? 0.055   -12.533 -1.017  1.00 9.11  ? 13  LYS A CB  1 
ATOM   123  C CG  . LYS A 1 15 ? -0.016  -13.239 0.335   1.00 11.22 ? 13  LYS A CG  1 
ATOM   124  C CD  . LYS A 1 15 ? -1.207  -14.171 0.347   1.00 15.07 ? 13  LYS A CD  1 
ATOM   125  C CE  . LYS A 1 15 ? -1.631  -14.547 1.758   1.00 26.21 ? 13  LYS A CE  1 
ATOM   126  N NZ  . LYS A 1 15 ? -2.806  -15.465 1.740   1.00 22.94 ? 13  LYS A NZ  1 
ATOM   127  N N   . GLY A 1 16 ? 1.241   -12.458 -4.145  1.00 3.65  ? 14  GLY A N   1 
ATOM   128  C CA  . GLY A 1 16 ? 1.255   -11.700 -5.386  1.00 3.14  ? 14  GLY A CA  1 
ATOM   129  C C   . GLY A 1 16 ? 1.232   -10.176 -5.299  1.00 3.49  ? 14  GLY A C   1 
ATOM   130  O O   . GLY A 1 16 ? 0.652   -9.512  -6.161  1.00 1.78  ? 14  GLY A O   1 
ATOM   131  N N   . TYR A 1 17 ? 1.868   -9.604  -4.282  1.00 2.60  ? 15  TYR A N   1 
ATOM   132  C CA  . TYR A 1 17 ? 1.954   -8.135  -4.194  1.00 2.40  ? 15  TYR A CA  1 
ATOM   133  C C   . TYR A 1 17 ? 3.281   -7.731  -3.571  1.00 3.48  ? 15  TYR A C   1 
ATOM   134  O O   . TYR A 1 17 ? 3.961   -8.545  -2.953  1.00 3.37  ? 15  TYR A O   1 
ATOM   135  C CB  . TYR A 1 17 ? 0.779   -7.542  -3.372  1.00 4.41  ? 15  TYR A CB  1 
ATOM   136  C CG  . TYR A 1 17 ? 0.785   -7.955  -1.904  1.00 4.93  ? 15  TYR A CG  1 
ATOM   137  C CD1 . TYR A 1 17 ? 1.616   -7.317  -0.974  1.00 7.50  ? 15  TYR A CD1 1 
ATOM   138  C CD2 . TYR A 1 17 ? -0.029  -8.981  -1.448  1.00 7.84  ? 15  TYR A CD2 1 
ATOM   139  C CE1 . TYR A 1 17 ? 1.653   -7.708  0.346   1.00 6.78  ? 15  TYR A CE1 1 
ATOM   140  C CE2 . TYR A 1 17 ? -0.008  -9.368  -0.109  1.00 10.57 ? 15  TYR A CE2 1 
ATOM   141  C CZ  . TYR A 1 17 ? 0.832   -8.736  0.775   1.00 14.57 ? 15  TYR A CZ  1 
ATOM   142  O OH  . TYR A 1 17 ? 0.844   -9.128  2.101   1.00 13.59 ? 15  TYR A OH  1 
ATOM   143  N N   . GLY A 1 18 ? 3.641   -6.466  -3.726  1.00 3.47  ? 16  GLY A N   1 
ATOM   144  C CA  . GLY A 1 18 ? 4.868   -5.958  -3.147  1.00 3.08  ? 16  GLY A CA  1 
ATOM   145  C C   . GLY A 1 18 ? 5.057   -4.514  -3.556  1.00 2.75  ? 16  GLY A C   1 
ATOM   146  O O   . GLY A 1 18 ? 4.089   -3.834  -3.930  1.00 2.07  ? 16  GLY A O   1 
ATOM   147  N N   . PHE A 1 19 ? 6.297   -4.042  -3.508  1.00 4.17  ? 17  PHE A N   1 
ATOM   148  C CA  . PHE A 1 19 ? 6.575   -2.641  -3.817  1.00 2.70  ? 17  PHE A CA  1 
ATOM   149  C C   . PHE A 1 19 ? 7.768   -2.484  -4.726  1.00 2.61  ? 17  PHE A C   1 
ATOM   150  O O   . PHE A 1 19 ? 8.735   -3.251  -4.648  1.00 2.44  ? 17  PHE A O   1 
ATOM   151  C CB  . PHE A 1 19 ? 6.807   -1.825  -2.533  1.00 4.38  ? 17  PHE A CB  1 
ATOM   152  C CG  . PHE A 1 19 ? 5.536   -1.507  -1.786  1.00 4.73  ? 17  PHE A CG  1 
ATOM   153  C CD1 . PHE A 1 19 ? 4.777   -0.399  -2.119  1.00 4.83  ? 17  PHE A CD1 1 
ATOM   154  C CD2 . PHE A 1 19 ? 5.090   -2.341  -0.777  1.00 7.75  ? 17  PHE A CD2 1 
ATOM   155  C CE1 . PHE A 1 19 ? 3.611   -0.113  -1.457  1.00 6.22  ? 17  PHE A CE1 1 
ATOM   156  C CE2 . PHE A 1 19 ? 3.920   -2.071  -0.104  1.00 6.37  ? 17  PHE A CE2 1 
ATOM   157  C CZ  . PHE A 1 19 ? 3.180   -0.958  -0.435  1.00 7.75  ? 17  PHE A CZ  1 
ATOM   158  N N   . ILE A 1 20 ? 7.668   -1.498  -5.612  1.00 1.86  ? 18  ILE A N   1 
ATOM   159  C CA  . ILE A 1 20 ? 8.788   -1.049  -6.439  1.00 2.10  ? 18  ILE A CA  1 
ATOM   160  C C   . ILE A 1 20 ? 9.350   0.209   -5.809  1.00 2.59  ? 18  ILE A C   1 
ATOM   161  O O   . ILE A 1 20 ? 8.592   1.126   -5.506  1.00 3.02  ? 18  ILE A O   1 
ATOM   162  C CB  . ILE A 1 20 ? 8.349   -0.739  -7.876  1.00 2.33  ? 18  ILE A CB  1 
ATOM   163  C CG1 . ILE A 1 20 ? 7.855   -2.007  -8.578  1.00 3.02  ? 18  ILE A CG1 1 
ATOM   164  C CG2 . ILE A 1 20 ? 9.482   -0.046  -8.676  1.00 2.92  ? 18  ILE A CG2 1 
ATOM   165  C CD1 . ILE A 1 20 ? 7.042   -1.699  -9.841  1.00 1.49  ? 18  ILE A CD1 1 
ATOM   166  N N   . GLU A 1 21 ? 10.663  0.257   -5.591  1.00 2.69  ? 19  GLU A N   1 
ATOM   167  C CA  . GLU A 1 21 ? 11.269  1.493   -5.087  1.00 5.24  ? 19  GLU A CA  1 
ATOM   168  C C   . GLU A 1 21 ? 11.816  2.314   -6.249  1.00 4.28  ? 19  GLU A C   1 
ATOM   169  O O   . GLU A 1 21 ? 12.346  1.769   -7.229  1.00 3.45  ? 19  GLU A O   1 
ATOM   170  C CB  . GLU A 1 21 ? 12.360  1.210   -4.042  1.00 7.66  ? 19  GLU A CB  1 
ATOM   171  C CG  . GLU A 1 21 ? 13.459  0.241   -4.450  1.00 9.54  ? 19  GLU A CG  1 
ATOM   172  C CD  . GLU A 1 21 ? 14.379  -0.121  -3.272  1.00 18.35 ? 19  GLU A CD  1 
ATOM   173  O OE1 . GLU A 1 21 ? 15.008  -1.194  -3.312  1.00 18.71 ? 19  GLU A OE1 1 
ATOM   174  O OE2 . GLU A 1 21 ? 14.467  0.662   -2.297  1.00 24.26 ? 19  GLU A OE2 1 
ATOM   175  N N   . VAL A 1 22 ? 11.613  3.623   -6.131  1.00 3.21  ? 20  VAL A N   1 
ATOM   176  C CA  . VAL A 1 22 ? 12.020  4.611   -7.108  1.00 4.00  ? 20  VAL A CA  1 
ATOM   177  C C   . VAL A 1 22 ? 13.078  5.507   -6.497  1.00 4.40  ? 20  VAL A C   1 
ATOM   178  O O   . VAL A 1 22 ? 12.920  5.948   -5.364  1.00 5.12  ? 20  VAL A O   1 
ATOM   179  C CB  . VAL A 1 22 ? 10.824  5.478   -7.572  1.00 3.17  ? 20  VAL A CB  1 
ATOM   180  C CG1 . VAL A 1 22 ? 11.286  6.558   -8.495  1.00 3.56  ? 20  VAL A CG1 1 
ATOM   181  C CG2 . VAL A 1 22 ? 9.778   4.611   -8.240  1.00 3.48  ? 20  VAL A CG2 1 
ATOM   182  N N   . GLU A 1 23 ? 14.147  5.793   -7.241  1.00 5.93  ? 21  GLU A N   1 
ATOM   183  C CA  . GLU A 1 23 ? 15.241  6.597   -6.696  1.00 4.56  ? 21  GLU A CA  1 
ATOM   184  C C   . GLU A 1 23 ? 14.766  7.963   -6.213  1.00 4.97  ? 21  GLU A C   1 
ATOM   185  O O   . GLU A 1 23 ? 14.251  8.766   -6.996  1.00 6.10  ? 21  GLU A O   1 
ATOM   186  C CB  . GLU A 1 23 ? 16.357  6.775   -7.731  1.00 7.44  ? 21  GLU A CB  1 
ATOM   187  C CG  . GLU A 1 23 ? 17.156  5.506   -7.965  1.00 10.24 ? 21  GLU A CG  1 
ATOM   188  C CD  . GLU A 1 23 ? 17.925  5.066   -6.725  1.00 21.01 ? 21  GLU A CD  1 
ATOM   189  O OE1 . GLU A 1 23 ? 18.189  5.909   -5.837  1.00 17.95 ? 21  GLU A OE1 1 
ATOM   190  O OE2 . GLU A 1 23 ? 18.238  3.863   -6.625  1.00 27.40 ? 21  GLU A OE2 1 
ATOM   191  N N   . GLY A 1 24 ? 14.921  8.202   -4.910  1.00 6.50  ? 22  GLY A N   1 
ATOM   192  C CA  . GLY A 1 24 ? 14.503  9.459   -4.306  1.00 4.76  ? 22  GLY A CA  1 
ATOM   193  C C   . GLY A 1 24 ? 12.996  9.670   -4.362  1.00 5.45  ? 22  GLY A C   1 
ATOM   194  O O   . GLY A 1 24 ? 12.503  10.785  -4.173  1.00 4.88  ? 22  GLY A O   1 
ATOM   195  N N   . GLY A 1 25 ? 12.256  8.590   -4.608  1.00 3.40  ? 23  GLY A N   1 
ATOM   196  C CA  . GLY A 1 25 ? 10.812  8.667   -4.720  1.00 2.65  ? 23  GLY A CA  1 
ATOM   197  C C   . GLY A 1 25 ? 10.092  7.782   -3.716  1.00 4.50  ? 23  GLY A C   1 
ATOM   198  O O   . GLY A 1 25 ? 10.704  6.960   -3.033  1.00 3.67  ? 23  GLY A O   1 
ATOM   199  N N   . SER A 1 26 ? 8.786   7.973   -3.597  1.00 3.07  ? 24  SER A N   1 
ATOM   200  C CA  . SER A 1 26 ? 7.958   7.075   -2.791  1.00 3.02  ? 24  SER A CA  1 
ATOM   201  C C   . SER A 1 26 ? 7.855   5.712   -3.457  1.00 3.79  ? 24  SER A C   1 
ATOM   202  O O   . SER A 1 26 ? 7.918   5.605   -4.689  1.00 3.37  ? 24  SER A O   1 
ATOM   203  C CB  . SER A 1 26 ? 6.565   7.682   -2.580  1.00 8.91  ? 24  SER A CB  1 
ATOM   204  O OG  . SER A 1 26 ? 6.039   8.133   -3.808  1.00 20.73 ? 24  SER A OG  1 
ATOM   205  N N   . ASP A 1 27 ? 7.732   4.667   -2.649  1.00 3.05  ? 25  ASP A N   1 
ATOM   206  C CA  . ASP A 1 27 ? 7.516   3.311   -3.165  1.00 3.36  ? 25  ASP A CA  1 
ATOM   207  C C   . ASP A 1 27 ? 6.225   3.232   -3.987  1.00 3.64  ? 25  ASP A C   1 
ATOM   208  O O   . ASP A 1 27 ? 5.240   3.920   -3.678  1.00 5.51  ? 25  ASP A O   1 
ATOM   209  C CB  . ASP A 1 27 ? 7.428   2.289   -2.019  1.00 3.06  ? 25  ASP A CB  1 
ATOM   210  C CG  . ASP A 1 27 ? 8.741   2.082   -1.290  1.00 9.29  ? 25  ASP A CG  1 
ATOM   211  O OD1 . ASP A 1 27 ? 9.820   2.381   -1.840  1.00 4.73  ? 25  ASP A OD1 1 
ATOM   212  O OD2 . ASP A 1 27 ? 8.686   1.589   -0.151  1.00 6.97  ? 25  ASP A OD2 1 
ATOM   213  N N   . VAL A 1 28 ? 6.203   2.366   -4.990  1.00 1.95  ? 26  VAL A N   1 
ATOM   214  C CA  . VAL A 1 28 ? 4.978   2.137   -5.739  1.00 1.08  ? 26  VAL A CA  1 
ATOM   215  C C   . VAL A 1 28 ? 4.489   0.686   -5.572  1.00 4.11  ? 26  VAL A C   1 
ATOM   216  O O   . VAL A 1 28 ? 5.219   -0.283  -5.831  1.00 1.20  ? 26  VAL A O   1 
ATOM   217  C CB  . VAL A 1 28 ? 5.167   2.470   -7.224  1.00 1.81  ? 26  VAL A CB  1 
ATOM   218  C CG1 . VAL A 1 28 ? 3.873   2.190   -8.010  1.00 2.96  ? 26  VAL A CG1 1 
ATOM   219  C CG2 . VAL A 1 28 ? 5.579   3.930   -7.380  1.00 1.58  ? 26  VAL A CG2 1 
ATOM   220  N N   . PHE A 1 29 ? 3.242   0.553   -5.126  1.00 1.94  ? 27  PHE A N   1 
ATOM   221  C CA  . PHE A 1 29 ? 2.609   -0.752  -4.944  1.00 2.25  ? 27  PHE A CA  1 
ATOM   222  C C   . PHE A 1 29 ? 2.473   -1.489  -6.282  1.00 2.99  ? 27  PHE A C   1 
ATOM   223  O O   . PHE A 1 29 ? 2.177   -0.884  -7.330  1.00 1.93  ? 27  PHE A O   1 
ATOM   224  C CB  . PHE A 1 29 ? 1.236   -0.568  -4.286  1.00 2.02  ? 27  PHE A CB  1 
ATOM   225  C CG  . PHE A 1 29 ? 0.484   -1.843  -4.097  1.00 5.75  ? 27  PHE A CG  1 
ATOM   226  C CD1 . PHE A 1 29 ? 0.694   -2.622  -2.967  1.00 8.77  ? 27  PHE A CD1 1 
ATOM   227  C CD2 . PHE A 1 29 ? -0.420  -2.277  -5.060  1.00 7.16  ? 27  PHE A CD2 1 
ATOM   228  C CE1 . PHE A 1 29 ? -0.001  -3.814  -2.782  1.00 4.99  ? 27  PHE A CE1 1 
ATOM   229  C CE2 . PHE A 1 29 ? -1.109  -3.466  -4.901  1.00 10.94 ? 27  PHE A CE2 1 
ATOM   230  C CZ  . PHE A 1 29 ? -0.895  -4.237  -3.754  1.00 7.66  ? 27  PHE A CZ  1 
ATOM   231  N N   . VAL A 1 30 ? 2.702   -2.798  -6.265  1.00 2.34  ? 28  VAL A N   1 
ATOM   232  C CA  . VAL A 1 30 ? 2.577   -3.568  -7.493  1.00 2.33  ? 28  VAL A CA  1 
ATOM   233  C C   . VAL A 1 30 ? 1.927   -4.923  -7.219  1.00 2.93  ? 28  VAL A C   1 
ATOM   234  O O   . VAL A 1 30 ? 2.230   -5.580  -6.221  1.00 2.13  ? 28  VAL A O   1 
ATOM   235  C CB  . VAL A 1 30 ? 3.942   -3.754  -8.182  1.00 1.79  ? 28  VAL A CB  1 
ATOM   236  C CG1 . VAL A 1 30 ? 4.951   -4.438  -7.259  1.00 1.04  ? 28  VAL A CG1 1 
ATOM   237  C CG2 . VAL A 1 30 ? 3.795   -4.553  -9.491  1.00 2.90  ? 28  VAL A CG2 1 
ATOM   238  N N   . HIS A 1 31 ? 1.024   -5.319  -8.118  1.00 1.79  ? 29  HIS A N   1 
ATOM   239  C CA  . HIS A 1 31 ? 0.270   -6.560  -7.998  1.00 2.69  ? 29  HIS A CA  1 
ATOM   240  C C   . HIS A 1 31 ? 0.688   -7.491  -9.146  1.00 3.99  ? 29  HIS A C   1 
ATOM   241  O O   . HIS A 1 31 ? 1.121   -7.017  -10.193 1.00 2.78  ? 29  HIS A O   1 
ATOM   242  C CB  . HIS A 1 31 ? -1.235  -6.253  -8.026  1.00 6.81  ? 29  HIS A CB  1 
ATOM   243  C CG  . HIS A 1 31 ? -2.110  -7.403  -7.645  1.00 6.06  ? 29  HIS A CG  1 
ATOM   244  N ND1 . HIS A 1 31 ? -2.981  -8.000  -8.534  1.00 9.84  ? 29  HIS A ND1 1 
ATOM   245  C CD2 . HIS A 1 31 ? -2.276  -8.047  -6.462  1.00 8.19  ? 29  HIS A CD2 1 
ATOM   246  C CE1 . HIS A 1 31 ? -3.635  -8.972  -7.918  1.00 7.80  ? 29  HIS A CE1 1 
ATOM   247  N NE2 . HIS A 1 31 ? -3.227  -9.018  -6.661  1.00 7.04  ? 29  HIS A NE2 1 
ATOM   248  N N   . PHE A 1 32 ? 0.558   -8.806  -8.967  1.00 3.25  ? 30  PHE A N   1 
ATOM   249  C CA  . PHE A 1 32 ? 1.098   -9.729  -9.969  1.00 3.79  ? 30  PHE A CA  1 
ATOM   250  C C   . PHE A 1 32 ? 0.440   -9.570  -11.338 1.00 3.11  ? 30  PHE A C   1 
ATOM   251  O O   . PHE A 1 32 ? 1.038   -9.928  -12.336 1.00 4.75  ? 30  PHE A O   1 
ATOM   252  C CB  . PHE A 1 32 ? 0.973   -11.184 -9.500  1.00 5.10  ? 30  PHE A CB  1 
ATOM   253  C CG  . PHE A 1 32 ? -0.432  -11.742 -9.566  1.00 4.63  ? 30  PHE A CG  1 
ATOM   254  C CD1 . PHE A 1 32 ? -0.879  -12.445 -10.685 1.00 7.53  ? 30  PHE A CD1 1 
ATOM   255  C CD2 . PHE A 1 32 ? -1.297  -11.598 -8.499  1.00 4.59  ? 30  PHE A CD2 1 
ATOM   256  C CE1 . PHE A 1 32 ? -2.175  -12.962 -10.730 1.00 3.23  ? 30  PHE A CE1 1 
ATOM   257  C CE2 . PHE A 1 32 ? -2.593  -12.112 -8.545  1.00 4.62  ? 30  PHE A CE2 1 
ATOM   258  C CZ  . PHE A 1 32 ? -3.023  -12.799 -9.653  1.00 4.78  ? 30  PHE A CZ  1 
ATOM   259  N N   . THR A 1 33 ? -0.763  -9.004  -11.385 1.00 4.40  ? 31  THR A N   1 
ATOM   260  C CA  . THR A 1 33 ? -1.486  -8.836  -12.652 1.00 4.16  ? 31  THR A CA  1 
ATOM   261  C C   . THR A 1 33 ? -0.882  -7.726  -13.527 1.00 5.56  ? 31  THR A C   1 
ATOM   262  O O   . THR A 1 33 ? -1.196  -7.605  -14.717 1.00 2.88  ? 31  THR A O   1 
ATOM   263  C CB  . THR A 1 33 ? -2.965  -8.524  -12.401 1.00 5.29  ? 31  THR A CB  1 
ATOM   264  O OG1 . THR A 1 33 ? -3.084  -7.438  -11.467 1.00 4.52  ? 31  THR A OG1 1 
ATOM   265  C CG2 . THR A 1 33 ? -3.675  -9.765  -11.854 1.00 5.94  ? 31  THR A CG2 1 
ATOM   266  N N   . ALA A 1 34 ? -0.014  -6.923  -12.922 1.00 2.45  ? 32  ALA A N   1 
ATOM   267  C CA  . ALA A 1 34 ? 0.610   -5.822  -13.624 1.00 3.53  ? 32  ALA A CA  1 
ATOM   268  C C   . ALA A 1 34 ? 1.857   -6.279  -14.366 1.00 4.97  ? 32  ALA A C   1 
ATOM   269  O O   . ALA A 1 34 ? 2.418   -5.528  -15.148 1.00 3.82  ? 32  ALA A O   1 
ATOM   270  C CB  . ALA A 1 34 ? 0.964   -4.703  -12.651 1.00 2.88  ? 32  ALA A CB  1 
ATOM   271  N N   . ILE A 1 35 ? 2.290   -7.508  -14.114 1.00 4.86  ? 33  ILE A N   1 
ATOM   272  C CA  . ILE A 1 35 ? 3.535   -8.015  -14.700 1.00 2.20  ? 33  ILE A CA  1 
ATOM   273  C C   . ILE A 1 35 ? 3.375   -8.324  -16.181 1.00 8.01  ? 33  ILE A C   1 
ATOM   274  O O   . ILE A 1 35 ? 2.549   -9.141  -16.551 1.00 4.88  ? 33  ILE A O   1 
ATOM   275  C CB  . ILE A 1 35 ? 4.007   -9.273  -13.958 1.00 3.88  ? 33  ILE A CB  1 
ATOM   276  C CG1 . ILE A 1 35 ? 4.296   -8.917  -12.503 1.00 5.10  ? 33  ILE A CG1 1 
ATOM   277  C CG2 . ILE A 1 35 ? 5.241   -9.878  -14.614 1.00 7.05  ? 33  ILE A CG2 1 
ATOM   278  C CD1 . ILE A 1 35 ? 4.602   -10.106 -11.646 1.00 5.26  ? 33  ILE A CD1 1 
ATOM   279  N N   . GLN A 1 36 ? 4.152   -7.641  -17.023 1.00 7.06  ? 34  GLN A N   1 
ATOM   280  C CA  . GLN A 1 36 ? 4.156   -7.889  -18.471 1.00 9.30  ? 34  GLN A CA  1 
ATOM   281  C C   . GLN A 1 36 ? 5.345   -8.753  -18.784 1.00 14.28 ? 34  GLN A C   1 
ATOM   282  O O   . GLN A 1 36 ? 6.364   -8.262  -19.279 1.00 17.04 ? 34  GLN A O   1 
ATOM   283  C CB  . GLN A 1 36 ? 4.275   -6.603  -19.286 1.00 8.89  ? 34  GLN A CB  1 
ATOM   284  C CG  . GLN A 1 36 ? 3.308   -5.532  -18.908 1.00 13.12 ? 34  GLN A CG  1 
ATOM   285  C CD  . GLN A 1 36 ? 1.907   -5.817  -19.385 1.00 14.83 ? 34  GLN A CD  1 
ATOM   286  O OE1 . GLN A 1 36 ? 0.934   -5.586  -18.660 1.00 28.49 ? 34  GLN A OE1 1 
ATOM   287  N NE2 . GLN A 1 36 ? 1.789   -6.309  -20.609 1.00 22.07 ? 34  GLN A NE2 1 
ATOM   288  N N   . GLY A 1 37 ? 5.236   -10.025 -18.456 1.00 13.46 ? 35  GLY A N   1 
ATOM   289  C CA  . GLY A 1 37 ? 6.307   -10.966 -18.697 1.00 11.82 ? 35  GLY A CA  1 
ATOM   290  C C   . GLY A 1 37 ? 5.781   -12.295 -18.204 1.00 15.66 ? 35  GLY A C   1 
ATOM   291  O O   . GLY A 1 37 ? 4.681   -12.356 -17.669 1.00 12.31 ? 35  GLY A O   1 
ATOM   292  N N   . PHE A 1 38 ? 6.523   -13.324 -18.446 1.00 9.56  ? 36  PHE A N   1 
ATOM   293  C CA  A PHE A 1 38 ? 6.157   -14.699 -18.003 0.60 9.14  ? 36  PHE A CA  1 
ATOM   294  C CA  B PHE A 1 38 ? 6.240   -14.657 -18.011 0.40 9.21  ? 36  PHE A CA  1 
ATOM   295  C C   . PHE A 1 38 ? 6.468   -15.119 -16.447 1.00 12.94 ? 36  PHE A C   1 
ATOM   296  O O   . PHE A 1 38 ? 5.987   -16.102 -15.828 1.00 13.53 ? 36  PHE A O   1 
ATOM   297  C CB  A PHE A 1 38 ? 6.869   -15.730 -18.884 0.60 12.36 ? 36  PHE A CB  1 
ATOM   298  C CB  B PHE A 1 38 ? 7.014   -15.548 -19.009 0.40 12.41 ? 36  PHE A CB  1 
ATOM   299  C CG  A PHE A 1 38 ? 6.510   -15.650 -20.340 0.60 12.51 ? 36  PHE A CG  1 
ATOM   300  C CG  B PHE A 1 38 ? 7.312   -16.961 -18.640 0.40 11.95 ? 36  PHE A CG  1 
ATOM   301  C CD1 A PHE A 1 38 ? 5.351   -16.239 -20.809 0.60 13.09 ? 36  PHE A CD1 1 
ATOM   302  C CD1 B PHE A 1 38 ? 6.383   -17.849 -18.186 0.40 13.11 ? 36  PHE A CD1 1 
ATOM   303  C CD2 A PHE A 1 38 ? 7.353   -15.025 -21.249 0.60 13.97 ? 36  PHE A CD2 1 
ATOM   304  C CD2 B PHE A 1 38 ? 8.575   -17.439 -18.954 0.40 14.83 ? 36  PHE A CD2 1 
ATOM   305  C CE1 A PHE A 1 38 ? 5.023   -16.196 -22.152 0.60 16.81 ? 36  PHE A CE1 1 
ATOM   306  C CE1 B PHE A 1 38 ? 6.693   -19.177 -17.971 0.40 13.20 ? 36  PHE A CE1 1 
ATOM   307  C CE2 A PHE A 1 38 ? 7.028   -14.975 -22.604 0.60 16.83 ? 36  PHE A CE2 1 
ATOM   308  C CE2 B PHE A 1 38 ? 8.933   -18.752 -18.756 0.40 17.45 ? 36  PHE A CE2 1 
ATOM   309  C CZ  A PHE A 1 38 ? 5.865   -15.565 -23.050 0.60 18.60 ? 36  PHE A CZ  1 
ATOM   310  C CZ  B PHE A 1 38 ? 7.987   -19.634 -18.258 0.40 16.99 ? 36  PHE A CZ  1 
ATOM   311  N N   . LYS A 1 39 ? 7.311   -14.261 -15.916 1.00 9.08  ? 37  LYS A N   1 
ATOM   312  C CA  . LYS A 1 39 ? 7.829   -14.614 -14.602 1.00 6.23  ? 37  LYS A CA  1 
ATOM   313  C C   . LYS A 1 39 ? 7.485   -13.572 -13.551 1.00 7.88  ? 37  LYS A C   1 
ATOM   314  O O   . LYS A 1 39 ? 7.166   -12.427 -13.871 1.00 3.35  ? 37  LYS A O   1 
ATOM   315  C CB  . LYS A 1 39 ? 9.347   -14.792 -14.650 1.00 7.32  ? 37  LYS A CB  1 
ATOM   316  C CG  . LYS A 1 39 ? 9.831   -15.911 -15.563 1.00 9.29  ? 37  LYS A CG  1 
ATOM   317  C CD  . LYS A 1 39 ? 9.433   -17.286 -15.033 1.00 14.12 ? 37  LYS A CD  1 
ATOM   318  C CE  . LYS A 1 39 ? 9.789   -18.388 -16.039 1.00 21.14 ? 37  LYS A CE  1 
ATOM   319  N NZ  . LYS A 1 39 ? 11.159  -18.233 -16.582 1.00 26.18 ? 37  LYS A NZ  1 
ATOM   320  N N   . THR A 1 40 ? 7.586   -13.978 -12.290 1.00 6.69  ? 38  THR A N   1 
ATOM   321  C CA  . THR A 1 40 ? 7.183   -13.129 -11.184 1.00 5.07  ? 38  THR A CA  1 
ATOM   322  C C   . THR A 1 40 ? 8.256   -12.097 -10.911 1.00 4.40  ? 38  THR A C   1 
ATOM   323  O O   . THR A 1 40 ? 9.344   -12.136 -11.507 1.00 3.84  ? 38  THR A O   1 
ATOM   324  C CB  . THR A 1 40 ? 6.913   -13.960 -9.911  1.00 3.01  ? 38  THR A CB  1 
ATOM   325  O OG1 . THR A 1 40 ? 6.250   -13.146 -8.944  1.00 3.38  ? 38  THR A OG1 1 
ATOM   326  C CG2 . THR A 1 40 ? 8.227   -14.498 -9.322  1.00 4.61  ? 38  THR A CG2 1 
ATOM   327  N N   . LEU A 1 41 ? 7.965   -11.181 -9.994  1.00 1.89  ? 39  LEU A N   1 
ATOM   328  C CA  . LEU A 1 41 ? 8.946   -10.165 -9.619  1.00 2.76  ? 39  LEU A CA  1 
ATOM   329  C C   . LEU A 1 41 ? 9.829   -10.658 -8.487  1.00 4.52  ? 39  LEU A C   1 
ATOM   330  O O   . LEU A 1 41 ? 9.334   -11.308 -7.566  1.00 1.37  ? 39  LEU A O   1 
ATOM   331  C CB  . LEU A 1 41 ? 8.236   -8.879  -9.199  1.00 1.75  ? 39  LEU A CB  1 
ATOM   332  C CG  . LEU A 1 41 ? 7.501   -8.170  -10.347 1.00 3.16  ? 39  LEU A CG  1 
ATOM   333  C CD1 . LEU A 1 41 ? 6.740   -6.957  -9.836  1.00 4.32  ? 39  LEU A CD1 1 
ATOM   334  C CD2 . LEU A 1 41 ? 8.487   -7.718  -11.423 1.00 3.30  ? 39  LEU A CD2 1 
ATOM   335  N N   . GLU A 1 42 ? 11.119  -10.323 -8.554  1.00 1.72  ? 40  GLU A N   1 
ATOM   336  C CA  . GLU A 1 42 ? 12.107  -10.703 -7.550  1.00 2.74  ? 40  GLU A CA  1 
ATOM   337  C C   . GLU A 1 42 ? 12.902  -9.497  -7.112  1.00 2.67  ? 40  GLU A C   1 
ATOM   338  O O   . GLU A 1 42 ? 13.139  -8.575  -7.908  1.00 3.22  ? 40  GLU A O   1 
ATOM   339  C CB  . GLU A 1 42 ? 13.081  -11.757 -8.088  1.00 3.78  ? 40  GLU A CB  1 
ATOM   340  C CG  . GLU A 1 42 ? 12.421  -13.080 -8.456  1.00 1.99  ? 40  GLU A CG  1 
ATOM   341  C CD  . GLU A 1 42 ? 13.381  -14.090 -9.041  1.00 3.97  ? 40  GLU A CD  1 
ATOM   342  O OE1 . GLU A 1 42 ? 14.553  -13.735 -9.325  1.00 4.22  ? 40  GLU A OE1 1 
ATOM   343  O OE2 . GLU A 1 42 ? 12.952  -15.251 -9.231  1.00 3.26  ? 40  GLU A OE2 1 
ATOM   344  N N   . GLU A 1 43 ? 13.330  -9.528  -5.853  1.00 1.47  ? 41  GLU A N   1 
ATOM   345  C CA  . GLU A 1 43 ? 14.041  -8.416  -5.242  1.00 2.78  ? 41  GLU A CA  1 
ATOM   346  C C   . GLU A 1 43 ? 15.209  -7.946  -6.094  1.00 3.76  ? 41  GLU A C   1 
ATOM   347  O O   . GLU A 1 43 ? 16.070  -8.735  -6.462  1.00 1.88  ? 41  GLU A O   1 
ATOM   348  C CB  . GLU A 1 43 ? 14.540  -8.809  -3.854  1.00 2.04  ? 41  GLU A CB  1 
ATOM   349  C CG  . GLU A 1 43 ? 15.408  -7.739  -3.208  1.00 4.37  ? 41  GLU A CG  1 
ATOM   350  C CD  . GLU A 1 43 ? 15.913  -8.135  -1.840  1.00 7.76  ? 41  GLU A CD  1 
ATOM   351  O OE1 . GLU A 1 43 ? 16.168  -9.340  -1.610  1.00 5.14  ? 41  GLU A OE1 1 
ATOM   352  O OE2 . GLU A 1 43 ? 16.047  -7.226  -0.991  1.00 8.69  ? 41  GLU A OE2 1 
ATOM   353  N N   . GLY A 1 44 ? 15.222  -6.660  -6.409  1.00 3.47  ? 42  GLY A N   1 
ATOM   354  C CA  . GLY A 1 44 ? 16.349  -6.069  -7.113  1.00 3.19  ? 42  GLY A CA  1 
ATOM   355  C C   . GLY A 1 44 ? 16.221  -6.001  -8.623  1.00 3.85  ? 42  GLY A C   1 
ATOM   356  O O   . GLY A 1 44 ? 17.050  -5.384  -9.289  1.00 2.23  ? 42  GLY A O   1 
ATOM   357  N N   . GLN A 1 45 ? 15.208  -6.642  -9.188  1.00 1.80  ? 43  GLN A N   1 
ATOM   358  C CA  . GLN A 1 45 ? 14.992  -6.525  -10.624 1.00 3.36  ? 43  GLN A CA  1 
ATOM   359  C C   . GLN A 1 45 ? 14.646  -5.088  -10.979 1.00 3.39  ? 43  GLN A C   1 
ATOM   360  O O   . GLN A 1 45 ? 13.755  -4.497  -10.369 1.00 3.48  ? 43  GLN A O   1 
ATOM   361  C CB  . GLN A 1 45 ? 13.890  -7.482  -11.082 1.00 3.58  ? 43  GLN A CB  1 
ATOM   362  C CG  . GLN A 1 45 ? 14.353  -8.927  -11.077 1.00 3.48  ? 43  GLN A CG  1 
ATOM   363  C CD  . GLN A 1 45 ? 13.236  -9.912  -11.396 1.00 4.28  ? 43  GLN A CD  1 
ATOM   364  O OE1 . GLN A 1 45 ? 12.053  -9.618  -11.202 1.00 3.44  ? 43  GLN A OE1 1 
ATOM   365  N NE2 . GLN A 1 45 ? 13.614  -11.091 -11.883 1.00 4.68  ? 43  GLN A NE2 1 
ATOM   366  N N   . GLU A 1 46 ? 15.377  -4.524  -11.942 1.00 4.75  ? 44  GLU A N   1 
ATOM   367  C CA  . GLU A 1 46 ? 15.061  -3.200  -12.469 1.00 4.37  ? 44  GLU A CA  1 
ATOM   368  C C   . GLU A 1 46 ? 13.845  -3.312  -13.377 1.00 4.94  ? 44  GLU A C   1 
ATOM   369  O O   . GLU A 1 46 ? 13.738  -4.264  -14.162 1.00 2.94  ? 44  GLU A O   1 
ATOM   370  C CB  A GLU A 1 46 ? 16.255  -2.610  -13.233 0.57 5.18  ? 44  GLU A CB  1 
ATOM   371  C CB  B GLU A 1 46 ? 16.263  -2.611  -13.218 0.43 4.99  ? 44  GLU A CB  1 
ATOM   372  C CG  A GLU A 1 46 ? 17.476  -2.357  -12.371 0.57 6.08  ? 44  GLU A CG  1 
ATOM   373  C CG  B GLU A 1 46 ? 16.063  -1.187  -13.707 0.43 5.72  ? 44  GLU A CG  1 
ATOM   374  C CD  A GLU A 1 46 ? 18.693  -1.985  -13.184 0.57 9.77  ? 44  GLU A CD  1 
ATOM   375  C CD  B GLU A 1 46 ? 16.129  -0.153  -12.588 0.43 8.85  ? 44  GLU A CD  1 
ATOM   376  O OE1 A GLU A 1 46 ? 19.778  -1.838  -12.586 0.57 12.75 ? 44  GLU A OE1 1 
ATOM   377  O OE1 B GLU A 1 46 ? 16.609  -0.503  -11.482 0.43 10.71 ? 44  GLU A OE1 1 
ATOM   378  O OE2 A GLU A 1 46 ? 18.567  -1.850  -14.420 0.57 9.91  ? 44  GLU A OE2 1 
ATOM   379  O OE2 B GLU A 1 46 ? 15.691  1.001   -12.807 0.43 2.62  ? 44  GLU A OE2 1 
ATOM   380  N N   . VAL A 1 47 ? 12.905  -2.376  -13.247 1.00 3.11  ? 45  VAL A N   1 
ATOM   381  C CA  . VAL A 1 47 ? 11.687  -2.437  -14.054 1.00 3.98  ? 45  VAL A CA  1 
ATOM   382  C C   . VAL A 1 47 ? 11.307  -1.060  -14.596 1.00 3.20  ? 45  VAL A C   1 
ATOM   383  O O   . VAL A 1 47 ? 11.645  -0.045  -13.999 1.00 3.07  ? 45  VAL A O   1 
ATOM   384  C CB  . VAL A 1 47 ? 10.504  -3.013  -13.251 1.00 3.72  ? 45  VAL A CB  1 
ATOM   385  C CG1 . VAL A 1 47 ? 10.712  -4.515  -12.966 1.00 0.92  ? 45  VAL A CG1 1 
ATOM   386  C CG2 . VAL A 1 47 ? 10.323  -2.239  -11.946 1.00 3.57  ? 45  VAL A CG2 1 
ATOM   387  N N   . SER A 1 48 ? 10.654  -1.044  -15.760 1.00 2.75  ? 46  SER A N   1 
ATOM   388  C CA  . SER A 1 48 ? 9.902   0.123   -16.208 1.00 4.14  ? 46  SER A CA  1 
ATOM   389  C C   . SER A 1 48 ? 8.404   -0.115  -15.944 1.00 2.95  ? 46  SER A C   1 
ATOM   390  O O   . SER A 1 48 ? 7.928   -1.254  -15.940 1.00 3.52  ? 46  SER A O   1 
ATOM   391  C CB  . SER A 1 48 ? 10.149  0.436   -17.695 1.00 3.82  ? 46  SER A CB  1 
ATOM   392  O OG  . SER A 1 48 ? 9.633   -0.570  -18.567 1.00 2.51  ? 46  SER A OG  1 
ATOM   393  N N   . PHE A 1 49 ? 7.661   0.965   -15.707 1.00 3.15  ? 47  PHE A N   1 
ATOM   394  C CA  . PHE A 1 49 ? 6.249   0.828   -15.364 1.00 3.04  ? 47  PHE A CA  1 
ATOM   395  C C   . PHE A 1 49 ? 5.552   2.178   -15.485 1.00 4.15  ? 47  PHE A C   1 
ATOM   396  O O   . PHE A 1 49 ? 6.218   3.209   -15.478 1.00 3.40  ? 47  PHE A O   1 
ATOM   397  C CB  . PHE A 1 49 ? 6.094   0.255   -13.946 1.00 1.79  ? 47  PHE A CB  1 
ATOM   398  C CG  . PHE A 1 49 ? 6.663   1.138   -12.872 1.00 1.96  ? 47  PHE A CG  1 
ATOM   399  C CD1 . PHE A 1 49 ? 8.027   1.108   -12.587 1.00 2.42  ? 47  PHE A CD1 1 
ATOM   400  C CD2 . PHE A 1 49 ? 5.839   1.999   -12.142 1.00 2.96  ? 47  PHE A CD2 1 
ATOM   401  C CE1 . PHE A 1 49 ? 8.564   1.934   -11.607 1.00 1.55  ? 47  PHE A CE1 1 
ATOM   402  C CE2 . PHE A 1 49 ? 6.372   2.820   -11.150 1.00 2.92  ? 47  PHE A CE2 1 
ATOM   403  C CZ  . PHE A 1 49 ? 7.731   2.776   -10.886 1.00 1.58  ? 47  PHE A CZ  1 
ATOM   404  N N   . GLU A 1 50 ? 4.223   2.138   -15.631 1.00 2.84  ? 48  GLU A N   1 
ATOM   405  C CA  . GLU A 1 50 ? 3.335   3.300   -15.545 1.00 3.01  ? 48  GLU A CA  1 
ATOM   406  C C   . GLU A 1 50 ? 2.702   3.305   -14.169 1.00 3.19  ? 48  GLU A C   1 
ATOM   407  O O   . GLU A 1 50 ? 2.697   2.278   -13.465 1.00 3.46  ? 48  GLU A O   1 
ATOM   408  C CB  . GLU A 1 50 ? 2.214   3.244   -16.591 1.00 10.54 ? 48  GLU A CB  1 
ATOM   409  C CG  . GLU A 1 50 ? 2.632   3.398   -18.020 1.00 25.63 ? 48  GLU A CG  1 
ATOM   410  C CD  . GLU A 1 50 ? 1.442   3.361   -18.963 1.00 24.13 ? 48  GLU A CD  1 
ATOM   411  O OE1 . GLU A 1 50 ? 0.946   2.242   -19.251 1.00 20.63 ? 48  GLU A OE1 1 
ATOM   412  O OE2 . GLU A 1 50 ? 1.011   4.438   -19.414 1.00 23.78 ? 48  GLU A OE2 1 
ATOM   413  N N   . ILE A 1 51 ? 2.154   4.445   -13.772 1.00 3.83  ? 49  ILE A N   1 
ATOM   414  C CA  . ILE A 1 51 ? 1.368   4.488   -12.547 1.00 1.91  ? 49  ILE A CA  1 
ATOM   415  C C   . ILE A 1 51 ? -0.073  4.848   -12.866 1.00 4.63  ? 49  ILE A C   1 
ATOM   416  O O   . ILE A 1 51 ? -0.336  5.847   -13.556 1.00 4.60  ? 49  ILE A O   1 
ATOM   417  C CB  . ILE A 1 51 ? 1.949   5.490   -11.547 1.00 3.61  ? 49  ILE A CB  1 
ATOM   418  C CG1 . ILE A 1 51 ? 3.394   5.104   -11.220 1.00 1.66  ? 49  ILE A CG1 1 
ATOM   419  C CG2 . ILE A 1 51 ? 1.099   5.496   -10.271 1.00 1.88  ? 49  ILE A CG2 1 
ATOM   420  C CD1 . ILE A 1 51 ? 4.058   6.039   -10.211 1.00 1.37  ? 49  ILE A CD1 1 
ATOM   421  N N   . VAL A 1 52 ? -0.991  3.998   -12.403 1.00 4.11  ? 50  VAL A N   1 
ATOM   422  C CA  . VAL A 1 52 ? -2.420  4.229   -12.550 1.00 2.91  ? 50  VAL A CA  1 
ATOM   423  C C   . VAL A 1 52 ? -3.082  4.268   -11.182 1.00 7.18  ? 50  VAL A C   1 
ATOM   424  O O   . VAL A 1 52 ? -2.494  3.841   -10.178 1.00 3.93  ? 50  VAL A O   1 
ATOM   425  C CB  . VAL A 1 52 ? -3.105  3.133   -13.403 1.00 6.53  ? 50  VAL A CB  1 
ATOM   426  C CG1 . VAL A 1 52 ? -2.536  3.119   -14.816 1.00 5.64  ? 50  VAL A CG1 1 
ATOM   427  C CG2 . VAL A 1 52 ? -2.951  1.755   -12.729 1.00 5.25  ? 50  VAL A CG2 1 
ATOM   428  N N   . GLN A 1 53 ? -4.316  4.761   -11.150 1.00 5.41  ? 51  GLN A N   1 
ATOM   429  C CA  . GLN A 1 53 ? -5.067  4.846   -9.910  1.00 8.96  ? 51  GLN A CA  1 
ATOM   430  C C   . GLN A 1 53 ? -5.944  3.620   -9.707  1.00 9.27  ? 51  GLN A C   1 
ATOM   431  O O   . GLN A 1 53 ? -6.755  3.284   -10.566 1.00 8.76  ? 51  GLN A O   1 
ATOM   432  C CB  . GLN A 1 53 ? -5.913  6.120   -9.895  1.00 9.70  ? 51  GLN A CB  1 
ATOM   433  C CG  . GLN A 1 53 ? -5.062  7.385   -9.972  1.00 7.24  ? 51  GLN A CG  1 
ATOM   434  C CD  . GLN A 1 53 ? -4.075  7.469   -8.822  1.00 11.63 ? 51  GLN A CD  1 
ATOM   435  O OE1 . GLN A 1 53 ? -4.466  7.435   -7.645  1.00 9.32  ? 51  GLN A OE1 1 
ATOM   436  N NE2 . GLN A 1 53 ? -2.783  7.545   -9.151  1.00 8.43  ? 51  GLN A NE2 1 
ATOM   437  N N   . GLY A 1 54 ? -5.747  2.937   -8.581  1.00 7.72  ? 52  GLY A N   1 
ATOM   438  C CA  . GLY A 1 54 ? -6.566  1.789   -8.230  1.00 8.51  ? 52  GLY A CA  1 
ATOM   439  C C   . GLY A 1 54 ? -7.223  1.906   -6.866  1.00 15.47 ? 52  GLY A C   1 
ATOM   440  O O   . GLY A 1 54 ? -7.367  3.009   -6.313  1.00 10.59 ? 52  GLY A O   1 
ATOM   441  N N   . ASN A 1 55 ? -7.622  0.762   -6.312  1.00 11.86 ? 53  ASN A N   1 
ATOM   442  C CA  . ASN A 1 55 ? -8.336  0.741   -5.039  1.00 13.44 ? 53  ASN A CA  1 
ATOM   443  C C   . ASN A 1 55 ? -7.565  1.284   -3.848  1.00 12.30 ? 53  ASN A C   1 
ATOM   444  O O   . ASN A 1 55 ? -8.173  1.644   -2.853  1.00 11.14 ? 53  ASN A O   1 
ATOM   445  C CB  . ASN A 1 55 ? -8.783  -0.680  -4.695  1.00 13.36 ? 53  ASN A CB  1 
ATOM   446  C CG  . ASN A 1 55 ? -9.946  -1.140  -5.535  1.00 16.02 ? 53  ASN A CG  1 
ATOM   447  O OD1 . ASN A 1 55 ? -10.666 -0.329  -6.122  1.00 21.25 ? 53  ASN A OD1 1 
ATOM   448  N ND2 . ASN A 1 55 ? -10.159 -2.447  -5.574  1.00 25.94 ? 53  ASN A ND2 1 
ATOM   449  N N   . ARG A 1 56 ? -6.234  1.298   -3.929  1.00 11.16 ? 54  ARG A N   1 
ATOM   450  C CA  . ARG A 1 56 ? -5.415  1.801   -2.831  1.00 9.10  ? 54  ARG A CA  1 
ATOM   451  C C   . ARG A 1 56 ? -4.578  3.016   -3.264  1.00 10.60 ? 54  ARG A C   1 
ATOM   452  O O   . ARG A 1 56 ? -3.563  3.338   -2.650  1.00 12.96 ? 54  ARG A O   1 
ATOM   453  C CB  . ARG A 1 56 ? -4.509  0.686   -2.287  1.00 8.18  ? 54  ARG A CB  1 
ATOM   454  C CG  . ARG A 1 56 ? -5.276  -0.531  -1.747  1.00 11.13 ? 54  ARG A CG  1 
ATOM   455  C CD  . ARG A 1 56 ? -4.385  -1.485  -0.950  1.00 10.14 ? 54  ARG A CD  1 
ATOM   456  N NE  . ARG A 1 56 ? -5.154  -2.579  -0.334  1.00 9.79  ? 54  ARG A NE  1 
ATOM   457  C CZ  . ARG A 1 56 ? -4.735  -3.313  0.692   1.00 12.06 ? 54  ARG A CZ  1 
ATOM   458  N NH1 . ARG A 1 56 ? -3.542  -3.084  1.238   1.00 7.37  ? 54  ARG A NH1 1 
ATOM   459  N NH2 . ARG A 1 56 ? -5.508  -4.284  1.176   1.00 9.37  ? 54  ARG A NH2 1 
ATOM   460  N N   . GLY A 1 57 ? -5.028  3.704   -4.306  1.00 8.68  ? 55  GLY A N   1 
ATOM   461  C CA  . GLY A 1 57 ? -4.306  4.847   -4.839  1.00 9.12  ? 55  GLY A CA  1 
ATOM   462  C C   . GLY A 1 57 ? -3.371  4.434   -5.965  1.00 9.07  ? 55  GLY A C   1 
ATOM   463  O O   . GLY A 1 57 ? -3.727  3.565   -6.777  1.00 8.73  ? 55  GLY A O   1 
ATOM   464  N N   . PRO A 1 58 ? -2.175  5.051   -6.035  1.00 7.63  ? 56  PRO A N   1 
ATOM   465  C CA  . PRO A 1 58 ? -1.220  4.682   -7.088  1.00 6.41  ? 56  PRO A CA  1 
ATOM   466  C C   . PRO A 1 58 ? -0.825  3.212   -7.046  1.00 4.95  ? 56  PRO A C   1 
ATOM   467  O O   . PRO A 1 58 ? -0.545  2.665   -5.977  1.00 3.74  ? 56  PRO A O   1 
ATOM   468  C CB  . PRO A 1 58 ? -0.004  5.584   -6.805  1.00 5.47  ? 56  PRO A CB  1 
ATOM   469  C CG  . PRO A 1 58 ? -0.171  6.018   -5.355  1.00 7.55  ? 56  PRO A CG  1 
ATOM   470  C CD  . PRO A 1 58 ? -1.665  6.142   -5.188  1.00 8.92  ? 56  PRO A CD  1 
ATOM   471  N N   . GLN A 1 59 ? -0.832  2.575   -8.214  1.00 5.61  ? 57  GLN A N   1 
ATOM   472  C CA  . GLN A 1 59 ? -0.309  1.213   -8.370  1.00 2.93  ? 57  GLN A CA  1 
ATOM   473  C C   . GLN A 1 59 ? 0.423   1.096   -9.696  1.00 4.06  ? 57  GLN A C   1 
ATOM   474  O O   . GLN A 1 59 ? 0.147   1.851   -10.629 1.00 5.24  ? 57  GLN A O   1 
ATOM   475  C CB  . GLN A 1 59 ? -1.428  0.183   -8.292  1.00 5.19  ? 57  GLN A CB  1 
ATOM   476  C CG  . GLN A 1 59 ? -2.446  0.271   -9.422  1.00 3.63  ? 57  GLN A CG  1 
ATOM   477  C CD  . GLN A 1 59 ? -3.584  -0.711  -9.221  1.00 11.71 ? 57  GLN A CD  1 
ATOM   478  O OE1 . GLN A 1 59 ? -4.222  -0.713  -8.175  1.00 9.37  ? 57  GLN A OE1 1 
ATOM   479  N NE2 . GLN A 1 59 ? -3.812  -1.582  -10.204 1.00 8.36  ? 57  GLN A NE2 1 
ATOM   480  N N   . ALA A 1 60 ? 1.356   0.152   -9.791  1.00 2.32  ? 58  ALA A N   1 
ATOM   481  C CA  . ALA A 1 60 ? 2.145   0.012   -11.002 1.00 1.56  ? 58  ALA A CA  1 
ATOM   482  C C   . ALA A 1 60 ? 1.332   -0.696  -12.066 1.00 5.54  ? 58  ALA A C   1 
ATOM   483  O O   . ALA A 1 60 ? 0.493   -1.545  -11.746 1.00 4.15  ? 58  ALA A O   1 
ATOM   484  C CB  . ALA A 1 60 ? 3.425   -0.757  -10.729 1.00 3.97  ? 58  ALA A CB  1 
ATOM   485  N N   . ALA A 1 61 ? 1.605   -0.359  -13.323 1.00 3.67  ? 59  ALA A N   1 
ATOM   486  C CA  . ALA A 1 61 ? 0.972   -1.006  -14.462 1.00 4.70  ? 59  ALA A CA  1 
ATOM   487  C C   . ALA A 1 61 ? 2.020   -1.196  -15.534 1.00 5.32  ? 59  ALA A C   1 
ATOM   488  O O   . ALA A 1 61 ? 2.999   -0.435  -15.602 1.00 4.22  ? 59  ALA A O   1 
ATOM   489  C CB  . ALA A 1 61 ? -0.189  -0.179  -15.001 1.00 4.48  ? 59  ALA A CB  1 
ATOM   490  N N   . ASN A 1 62 ? 1.827   -2.215  -16.363 1.00 4.05  ? 60  ASN A N   1 
ATOM   491  C CA  . ASN A 1 62 ? 2.691   -2.417  -17.512 1.00 5.12  ? 60  ASN A CA  1 
ATOM   492  C C   . ASN A 1 62 ? 4.154   -2.610  -17.076 1.00 4.25  ? 60  ASN A C   1 
ATOM   493  O O   . ASN A 1 62 ? 5.077   -1.979  -17.598 1.00 3.39  ? 60  ASN A O   1 
ATOM   494  C CB  . ASN A 1 62 ? 2.546   -1.237  -18.474 1.00 7.67  ? 60  ASN A CB  1 
ATOM   495  C CG  . ASN A 1 62 ? 3.120   -1.515  -19.843 1.00 19.83 ? 60  ASN A CG  1 
ATOM   496  O OD1 . ASN A 1 62 ? 3.364   -2.661  -20.209 1.00 24.25 ? 60  ASN A OD1 1 
ATOM   497  N ND2 . ASN A 1 62 ? 3.312   -0.456  -20.625 1.00 33.37 ? 60  ASN A ND2 1 
ATOM   498  N N   . VAL A 1 63 ? 4.346   -3.499  -16.113 1.00 3.89  ? 61  VAL A N   1 
ATOM   499  C CA  . VAL A 1 63 ? 5.650   -3.670  -15.472 1.00 2.72  ? 61  VAL A CA  1 
ATOM   500  C C   . VAL A 1 63 ? 6.564   -4.578  -16.310 1.00 3.55  ? 61  VAL A C   1 
ATOM   501  O O   . VAL A 1 63 ? 6.292   -5.759  -16.490 1.00 6.71  ? 61  VAL A O   1 
ATOM   502  C CB  . VAL A 1 63 ? 5.491   -4.253  -14.048 1.00 1.91  ? 61  VAL A CB  1 
ATOM   503  C CG1 . VAL A 1 63 ? 6.839   -4.505  -13.409 1.00 1.98  ? 61  VAL A CG1 1 
ATOM   504  C CG2 . VAL A 1 63 ? 4.652   -3.304  -13.149 1.00 2.60  ? 61  VAL A CG2 1 
ATOM   505  N N   . VAL A 1 64 ? 7.662   -4.020  -16.788 1.00 3.41  ? 62  VAL A N   1 
ATOM   506  C CA  . VAL A 1 64 ? 8.588   -4.752  -17.641 1.00 1.94  ? 62  VAL A CA  1 
ATOM   507  C C   . VAL A 1 64 ? 9.979   -4.836  -17.031 1.00 2.44  ? 62  VAL A C   1 
ATOM   508  O O   . VAL A 1 64 ? 10.522  -3.834  -16.592 1.00 1.90  ? 62  VAL A O   1 
ATOM   509  C CB  . VAL A 1 64 ? 8.695   -4.076  -19.025 1.00 3.29  ? 62  VAL A CB  1 
ATOM   510  C CG1 . VAL A 1 64 ? 9.743   -4.764  -19.883 1.00 7.27  ? 62  VAL A CG1 1 
ATOM   511  C CG2 . VAL A 1 64 ? 7.333   -4.075  -19.729 1.00 4.58  ? 62  VAL A CG2 1 
ATOM   512  N N   . LYS A 1 65 ? 10.583  -6.024  -17.058 1.00 3.44  ? 63  LYS A N   1 
ATOM   513  C CA  . LYS A 1 65 ? 11.925  -6.200  -16.493 1.00 2.52  ? 63  LYS A CA  1 
ATOM   514  C C   . LYS A 1 65 ? 12.982  -5.682  -17.460 1.00 2.63  ? 63  LYS A C   1 
ATOM   515  O O   . LYS A 1 65 ? 12.955  -6.012  -18.648 1.00 3.49  ? 63  LYS A O   1 
ATOM   516  C CB  . LYS A 1 65 ? 12.174  -7.663  -16.167 1.00 3.31  ? 63  LYS A CB  1 
ATOM   517  C CG  . LYS A 1 65 ? 11.152  -8.240  -15.195 1.00 4.28  ? 63  LYS A CG  1 
ATOM   518  C CD  . LYS A 1 65 ? 11.405  -9.694  -14.967 1.00 2.15  ? 63  LYS A CD  1 
ATOM   519  C CE  . LYS A 1 65 ? 10.393  -10.276 -13.974 1.00 3.47  ? 63  LYS A CE  1 
ATOM   520  N NZ  . LYS A 1 65 ? 8.986   -10.374 -14.518 1.00 4.87  ? 63  LYS A NZ  1 
ATOM   521  N N   . LEU A 1 66 ? 13.907  -4.879  -16.944 1.00 3.74  ? 64  LEU A N   1 
ATOM   522  C CA  . LEU A 1 66 ? 14.936  -4.241  -17.770 1.00 4.34  ? 64  LEU A CA  1 
ATOM   523  C C   . LEU A 1 66 ? 16.305  -4.888  -17.640 1.00 5.63  ? 64  LEU A C   1 
ATOM   524  O O   . LEU A 1 66 ? 17.094  -4.831  -18.582 0.99 4.22  ? 64  LEU A O   1 
ATOM   525  C CB  . LEU A 1 66 ? 15.056  -2.757  -17.413 1.00 2.40  ? 64  LEU A CB  1 
ATOM   526  C CG  . LEU A 1 66 ? 13.754  -1.956  -17.350 1.00 3.36  ? 64  LEU A CG  1 
ATOM   527  C CD1 . LEU A 1 66 ? 14.039  -0.505  -16.995 1.00 1.99  ? 64  LEU A CD1 1 
ATOM   528  C CD2 . LEU A 1 66 ? 12.975  -2.054  -18.632 1.00 4.64  ? 64  LEU A CD2 1 
ATOM   529  O OXT . LEU A 1 66 ? 16.662  -5.446  -16.604 1.00 4.75  ? 64  LEU A OXT 1 
ATOM   530  N N   . GLY B 1 1  ? -6.335  -10.972 23.240  1.00 7.13  ? -1  GLY B N   1 
ATOM   531  C CA  . GLY B 1 1  ? -6.412  -10.063 22.110  1.00 8.30  ? -1  GLY B CA  1 
ATOM   532  C C   . GLY B 1 1  ? -5.476  -8.884  22.257  1.00 7.11  ? -1  GLY B C   1 
ATOM   533  O O   . GLY B 1 1  ? -5.152  -8.474  23.376  1.00 5.64  ? -1  GLY B O   1 
ATOM   534  N N   . HIS B 1 2  ? -5.014  -8.341  21.129  1.00 5.98  ? 0   HIS B N   1 
ATOM   535  C CA  . HIS B 1 2  ? -4.222  -7.117  21.155  1.00 3.84  ? 0   HIS B CA  1 
ATOM   536  C C   . HIS B 1 2  ? -4.560  -6.224  19.968  1.00 6.22  ? 0   HIS B C   1 
ATOM   537  O O   . HIS B 1 2  ? -5.269  -6.643  19.047  1.00 3.23  ? 0   HIS B O   1 
ATOM   538  C CB  . HIS B 1 2  ? -2.724  -7.428  21.143  1.00 4.68  ? 0   HIS B CB  1 
ATOM   539  C CG  . HIS B 1 2  ? -2.258  -8.221  22.322  1.00 6.03  ? 0   HIS B CG  1 
ATOM   540  N ND1 . HIS B 1 2  ? -2.390  -9.590  22.399  1.00 4.23  ? 0   HIS B ND1 1 
ATOM   541  C CD2 . HIS B 1 2  ? -1.653  -7.837  23.471  1.00 4.93  ? 0   HIS B CD2 1 
ATOM   542  C CE1 . HIS B 1 2  ? -1.885  -10.016 23.543  1.00 6.29  ? 0   HIS B CE1 1 
ATOM   543  N NE2 . HIS B 1 2  ? -1.440  -8.969  24.216  1.00 7.59  ? 0   HIS B NE2 1 
ATOM   544  N N   . MET B 1 3  ? -4.030  -5.003  19.988  1.00 2.43  ? 1   MET B N   1 
ATOM   545  C CA  . MET B 1 3  ? -4.248  -4.050  18.903  1.00 4.52  ? 1   MET B CA  1 
ATOM   546  C C   . MET B 1 3  ? -2.979  -3.311  18.522  1.00 4.96  ? 1   MET B C   1 
ATOM   547  O O   . MET B 1 3  ? -2.051  -3.168  19.335  1.00 6.33  ? 1   MET B O   1 
ATOM   548  C CB  . MET B 1 3  ? -5.339  -3.016  19.276  1.00 5.91  ? 1   MET B CB  1 
ATOM   549  C CG  . MET B 1 3  ? -6.742  -3.609  19.511  1.00 4.07  ? 1   MET B CG  1 
ATOM   550  S SD  . MET B 1 3  ? -7.501  -4.298  18.016  1.00 5.31  ? 1   MET B SD  1 
ATOM   551  C CE  . MET B 1 3  ? -8.298  -2.886  17.307  1.00 7.29  ? 1   MET B CE  1 
ATOM   552  N N   . GLN B 1 4  ? -2.973  -2.713  17.358  1.00 3.84  ? 2   GLN B N   1 
ATOM   553  C CA  . GLN B 1 4  ? -1.858  -1.850  16.922  1.00 3.73  ? 2   GLN B CA  1 
ATOM   554  C C   . GLN B 1 4  ? -2.187  -0.457  17.243  1.00 7.03  ? 2   GLN B C   1 
ATOM   555  O O   . GLN B 1 4  ? -3.285  -0.123  17.305  1.00 6.50  ? 2   GLN B O   1 
ATOM   556  C CB  . GLN B 1 4  ? -1.682  -1.849  15.412  1.00 4.80  ? 2   GLN B CB  1 
ATOM   557  C CG  . GLN B 1 4  ? -1.178  -3.080  14.758  1.00 9.25  ? 2   GLN B CG  1 
ATOM   558  C CD  . GLN B 1 4  ? 0.259   -3.469  15.102  1.00 8.42  ? 2   GLN B CD  1 
ATOM   559  O OE1 . GLN B 1 4  ? 1.080   -2.676  15.335  1.00 11.32 ? 2   GLN B OE1 1 
ATOM   560  N NE2 . GLN B 1 4  ? 0.521   -4.691  14.994  1.00 4.94  ? 2   GLN B NE2 1 
ATOM   561  N N   . ARG B 1 5  ? -1.169  0.352   17.366  1.00 5.47  ? 3   ARG B N   1 
ATOM   562  C CA  . ARG B 1 5  ? -1.407  1.766   17.598  1.00 6.80  ? 3   ARG B CA  1 
ATOM   563  C C   . ARG B 1 5  ? -0.550  2.616   16.675  1.00 4.11  ? 3   ARG B C   1 
ATOM   564  O O   . ARG B 1 5  ? 0.586   2.277   16.367  1.00 9.14  ? 3   ARG B O   1 
ATOM   565  C CB  . ARG B 1 5  ? -1.152  2.122   19.070  1.00 13.50 ? 3   ARG B CB  1 
ATOM   566  C CG  . ARG B 1 5  ? -1.996  3.297   19.532  1.00 16.40 ? 3   ARG B CG  1 
ATOM   567  C CD  . ARG B 1 5  ? -1.593  3.796   20.900  1.00 10.62 ? 3   ARG B CD  1 
ATOM   568  N NE  . ARG B 1 5  ? -0.709  4.957   20.809  1.00 29.87 ? 3   ARG B NE  1 
ATOM   569  C CZ  . ARG B 1 5  ? -1.025  6.116   20.229  1.00 32.25 ? 3   ARG B CZ  1 
ATOM   570  N NH1 . ARG B 1 5  ? -2.218  6.302   19.674  1.00 35.38 ? 3   ARG B NH1 1 
ATOM   571  N NH2 . ARG B 1 5  ? -0.140  7.103   20.211  1.00 30.75 ? 3   ARG B NH2 1 
ATOM   572  N N   . GLY B 1 6  ? -1.114  3.719   16.218  1.00 10.34 ? 4   GLY B N   1 
ATOM   573  C CA  . GLY B 1 6  ? -0.371  4.632   15.368  1.00 6.60  ? 4   GLY B CA  1 
ATOM   574  C C   . GLY B 1 6  ? -1.170  5.893   15.155  1.00 6.57  ? 4   GLY B C   1 
ATOM   575  O O   . GLY B 1 6  ? -2.093  6.188   15.909  1.00 8.66  ? 4   GLY B O   1 
ATOM   576  N N   . LYS B 1 7  ? -0.814  6.641   14.121  1.00 6.11  ? 5   LYS B N   1 
ATOM   577  C CA  . LYS B 1 7  ? -1.529  7.865   13.807  1.00 4.50  ? 5   LYS B CA  1 
ATOM   578  C C   . LYS B 1 7  ? -1.748  7.958   12.315  1.00 5.34  ? 5   LYS B C   1 
ATOM   579  O O   . LYS B 1 7  ? -0.943  7.463   11.522  1.00 5.59  ? 5   LYS B O   1 
ATOM   580  C CB  . LYS B 1 7  ? -0.762  9.079   14.298  1.00 7.04  ? 5   LYS B CB  1 
ATOM   581  C CG  . LYS B 1 7  ? 0.643   9.163   13.764  1.00 10.33 ? 5   LYS B CG  1 
ATOM   582  C CD  . LYS B 1 7  ? 1.349   10.397  14.312  1.00 13.06 ? 5   LYS B CD  1 
ATOM   583  C CE  . LYS B 1 7  ? 2.770   10.490  13.795  1.00 20.31 ? 5   LYS B CE  1 
ATOM   584  N NZ  . LYS B 1 7  ? 3.469   11.696  14.336  1.00 23.04 ? 5   LYS B NZ  1 
ATOM   585  N N   . VAL B 1 8  ? -2.838  8.603   11.939  1.00 2.99  ? 6   VAL B N   1 
ATOM   586  C CA  . VAL B 1 8  ? -3.163  8.781   10.527  1.00 2.13  ? 6   VAL B CA  1 
ATOM   587  C C   . VAL B 1 8  ? -2.044  9.557   9.820   1.00 3.30  ? 6   VAL B C   1 
ATOM   588  O O   . VAL B 1 8  ? -1.763  10.715  10.175  1.00 2.85  ? 6   VAL B O   1 
ATOM   589  C CB  . VAL B 1 8  ? -4.512  9.527   10.365  1.00 3.10  ? 6   VAL B CB  1 
ATOM   590  C CG1 . VAL B 1 8  ? -4.805  9.802   8.908   1.00 3.30  ? 6   VAL B CG1 1 
ATOM   591  C CG2 . VAL B 1 8  ? -5.662  8.729   10.994  1.00 3.00  ? 6   VAL B CG2 1 
ATOM   592  N N   . LYS B 1 9  ? -1.389  8.912   8.845   1.00 2.30  ? 7   LYS B N   1 
ATOM   593  C CA  . LYS B 1 9  ? -0.375  9.569   8.025   1.00 4.45  ? 7   LYS B CA  1 
ATOM   594  C C   . LYS B 1 9  ? -1.069  10.583  7.122   1.00 4.02  ? 7   LYS B C   1 
ATOM   595  O O   . LYS B 1 9  ? -0.675  11.750  7.050   1.00 3.24  ? 7   LYS B O   1 
ATOM   596  C CB  . LYS B 1 9  ? 0.411   8.552   7.183   1.00 4.07  ? 7   LYS B CB  1 
ATOM   597  C CG  . LYS B 1 9  ? 1.677   9.119   6.518   1.00 4.29  ? 7   LYS B CG  1 
ATOM   598  C CD  . LYS B 1 9  ? 2.436   8.051   5.714   1.00 7.01  ? 7   LYS B CD  1 
ATOM   599  C CE  . LYS B 1 9  ? 3.823   8.536   5.307   1.00 10.94 ? 7   LYS B CE  1 
ATOM   600  N NZ  . LYS B 1 9  ? 4.528   7.555   4.444   1.00 7.07  ? 7   LYS B NZ  1 
ATOM   601  N N   . TRP B 1 10 ? -2.117  10.106  6.451   1.00 1.68  ? 8   TRP B N   1 
ATOM   602  C CA  . TRP B 1 10 ? -2.984  10.915  5.610   1.00 2.73  ? 8   TRP B CA  1 
ATOM   603  C C   . TRP B 1 10 ? -4.309  10.171  5.419   1.00 3.74  ? 8   TRP B C   1 
ATOM   604  O O   . TRP B 1 10 ? -4.365  8.951   5.515   1.00 3.92  ? 8   TRP B O   1 
ATOM   605  C CB  . TRP B 1 10 ? -2.314  11.221  4.251   1.00 5.70  ? 8   TRP B CB  1 
ATOM   606  C CG  . TRP B 1 10 ? -2.008  10.015  3.401   1.00 4.84  ? 8   TRP B CG  1 
ATOM   607  C CD1 . TRP B 1 10 ? -0.904  9.210   3.491   1.00 5.53  ? 8   TRP B CD1 1 
ATOM   608  C CD2 . TRP B 1 10 ? -2.797  9.490   2.314   1.00 4.14  ? 8   TRP B CD2 1 
ATOM   609  N NE1 . TRP B 1 10 ? -0.967  8.215   2.544   1.00 4.58  ? 8   TRP B NE1 1 
ATOM   610  C CE2 . TRP B 1 10 ? -2.114  8.370   1.805   1.00 4.46  ? 8   TRP B CE2 1 
ATOM   611  C CE3 . TRP B 1 10 ? -4.001  9.866   1.719   1.00 4.77  ? 8   TRP B CE3 1 
ATOM   612  C CZ2 . TRP B 1 10 ? -2.604  7.612   0.742   1.00 6.70  ? 8   TRP B CZ2 1 
ATOM   613  C CZ3 . TRP B 1 10 ? -4.488  9.119   0.669   1.00 5.42  ? 8   TRP B CZ3 1 
ATOM   614  C CH2 . TRP B 1 10 ? -3.791  7.999   0.189   1.00 5.12  ? 8   TRP B CH2 1 
ATOM   615  N N   . PHE B 1 11 ? -5.390  10.903  5.205   1.00 3.28  ? 9   PHE B N   1 
ATOM   616  C CA  . PHE B 1 11 ? -6.627  10.257  4.767   1.00 4.33  ? 9   PHE B CA  1 
ATOM   617  C C   . PHE B 1 11 ? -7.336  11.176  3.802   1.00 3.44  ? 9   PHE B C   1 
ATOM   618  O O   . PHE B 1 11 ? -7.577  12.325  4.129   1.00 4.04  ? 9   PHE B O   1 
ATOM   619  C CB  . PHE B 1 11 ? -7.541  9.917   5.947   1.00 3.89  ? 9   PHE B CB  1 
ATOM   620  C CG  . PHE B 1 11 ? -8.676  9.010   5.573   1.00 3.39  ? 9   PHE B CG  1 
ATOM   621  C CD1 . PHE B 1 11 ? -8.500  7.629   5.563   1.00 1.62  ? 9   PHE B CD1 1 
ATOM   622  C CD2 . PHE B 1 11 ? -9.904  9.530   5.211   1.00 4.81  ? 9   PHE B CD2 1 
ATOM   623  C CE1 . PHE B 1 11 ? -9.531  6.785   5.201   1.00 2.81  ? 9   PHE B CE1 1 
ATOM   624  C CE2 . PHE B 1 11 ? -10.965 8.687   4.851   1.00 5.49  ? 9   PHE B CE2 1 
ATOM   625  C CZ  . PHE B 1 11 ? -10.773 7.308   4.846   1.00 3.29  ? 9   PHE B CZ  1 
ATOM   626  N N   . ASN B 1 12 ? -7.634  10.687  2.602   1.00 2.60  ? 10  ASN B N   1 
ATOM   627  C CA  . ASN B 1 12 ? -8.278  11.535  1.617   1.00 4.82  ? 10  ASN B CA  1 
ATOM   628  C C   . ASN B 1 12 ? -9.798  11.357  1.675   1.00 3.83  ? 10  ASN B C   1 
ATOM   629  O O   . ASN B 1 12 ? -10.318 10.295  1.349   1.00 4.46  ? 10  ASN B O   1 
ATOM   630  C CB  . ASN B 1 12 ? -7.740  11.238  0.209   1.00 5.06  ? 10  ASN B CB  1 
ATOM   631  C CG  . ASN B 1 12 ? -8.237  12.226  -0.815  1.00 7.31  ? 10  ASN B CG  1 
ATOM   632  O OD1 . ASN B 1 12 ? -9.432  12.296  -1.077  1.00 4.96  ? 10  ASN B OD1 1 
ATOM   633  N ND2 . ASN B 1 12 ? -7.322  12.984  -1.414  1.00 8.74  ? 10  ASN B ND2 1 
ATOM   634  N N   . ASN B 1 13 ? -10.501 12.416  2.079   1.00 4.89  ? 11  ASN B N   1 
ATOM   635  C CA  . ASN B 1 13 ? -11.926 12.309  2.374   1.00 4.59  ? 11  ASN B CA  1 
ATOM   636  C C   . ASN B 1 13 ? -12.787 12.357  1.121   1.00 8.84  ? 11  ASN B C   1 
ATOM   637  O O   . ASN B 1 13 ? -14.004 12.232  1.217   1.00 12.19 ? 11  ASN B O   1 
ATOM   638  C CB  . ASN B 1 13 ? -12.368 13.408  3.354   1.00 5.74  ? 11  ASN B CB  1 
ATOM   639  C CG  . ASN B 1 13 ? -12.336 14.804  2.748   1.00 10.00 ? 11  ASN B CG  1 
ATOM   640  O OD1 . ASN B 1 13 ? -11.599 15.065  1.801   1.00 11.19 ? 11  ASN B OD1 1 
ATOM   641  N ND2 . ASN B 1 13 ? -13.138 15.716  3.306   1.00 9.97  ? 11  ASN B ND2 1 
ATOM   642  N N   . GLU B 1 14 ? -12.175 12.545  -0.045  1.00 2.90  ? 12  GLU B N   1 
ATOM   643  C CA  . GLU B 1 14 ? -12.917 12.435  -1.294  1.00 6.83  ? 12  GLU B CA  1 
ATOM   644  C C   . GLU B 1 14 ? -12.768 11.038  -1.875  1.00 9.25  ? 12  GLU B C   1 
ATOM   645  O O   . GLU B 1 14 ? -13.724 10.488  -2.427  1.00 10.81 ? 12  GLU B O   1 
ATOM   646  C CB  . GLU B 1 14 ? -12.456 13.474  -2.321  1.00 13.50 ? 12  GLU B CB  1 
ATOM   647  C CG  . GLU B 1 14 ? -12.806 14.909  -1.964  1.00 14.55 ? 12  GLU B CG  1 
ATOM   648  C CD  . GLU B 1 14 ? -12.426 15.873  -3.069  1.00 33.93 ? 12  GLU B CD  1 
ATOM   649  O OE1 . GLU B 1 14 ? -11.520 15.537  -3.866  1.00 31.07 ? 12  GLU B OE1 1 
ATOM   650  O OE2 . GLU B 1 14 ? -13.024 16.967  -3.142  1.00 35.84 ? 12  GLU B OE2 1 
ATOM   651  N N   . LYS B 1 15 ? -11.560 10.485  -1.755  1.00 5.34  ? 13  LYS B N   1 
ATOM   652  C CA  . LYS B 1 15 ? -11.231 9.153   -2.252  1.00 5.25  ? 13  LYS B CA  1 
ATOM   653  C C   . LYS B 1 15 ? -11.699 8.023   -1.326  1.00 8.18  ? 13  LYS B C   1 
ATOM   654  O O   . LYS B 1 15 ? -12.002 6.925   -1.790  1.00 5.99  ? 13  LYS B O   1 
ATOM   655  C CB  . LYS B 1 15 ? -9.715  9.017   -2.466  1.00 6.75  ? 13  LYS B CB  1 
ATOM   656  C CG  . LYS B 1 15 ? -9.114  9.970   -3.508  1.00 11.47 ? 13  LYS B CG  1 
ATOM   657  C CD  . LYS B 1 15 ? -7.598  9.752   -3.612  1.00 10.90 ? 13  LYS B CD  1 
ATOM   658  C CE  . LYS B 1 15 ? -6.899  10.773  -4.516  1.00 15.60 ? 13  LYS B CE  1 
ATOM   659  N NZ  . LYS B 1 15 ? -7.237  10.579  -5.943  1.00 13.72 ? 13  LYS B NZ  1 
ATOM   660  N N   . GLY B 1 16 ? -11.700 8.275   -0.017  1.00 3.54  ? 14  GLY B N   1 
ATOM   661  C CA  . GLY B 1 16 ? -12.146 7.289   0.950   1.00 4.67  ? 14  GLY B CA  1 
ATOM   662  C C   . GLY B 1 16 ? -11.079 6.326   1.458   1.00 5.11  ? 14  GLY B C   1 
ATOM   663  O O   . GLY B 1 16 ? -11.400 5.242   1.951   1.00 4.00  ? 14  GLY B O   1 
ATOM   664  N N   . TYR B 1 17 ? -9.813  6.706   1.363   1.00 4.22  ? 15  TYR B N   1 
ATOM   665  C CA  . TYR B 1 17 ? -8.748  5.866   1.928   1.00 4.01  ? 15  TYR B CA  1 
ATOM   666  C C   . TYR B 1 17 ? -7.520  6.716   2.267   1.00 5.72  ? 15  TYR B C   1 
ATOM   667  O O   . TYR B 1 17 ? -7.429  7.892   1.916   1.00 3.20  ? 15  TYR B O   1 
ATOM   668  C CB  . TYR B 1 17 ? -8.347  4.705   0.980   1.00 3.42  ? 15  TYR B CB  1 
ATOM   669  C CG  . TYR B 1 17 ? -7.982  5.142   -0.427  1.00 6.46  ? 15  TYR B CG  1 
ATOM   670  C CD1 . TYR B 1 17 ? -6.755  5.756   -0.703  1.00 7.82  ? 15  TYR B CD1 1 
ATOM   671  C CD2 . TYR B 1 17 ? -8.867  4.957   -1.472  1.00 7.21  ? 15  TYR B CD2 1 
ATOM   672  C CE1 . TYR B 1 17 ? -6.435  6.181   -1.994  1.00 7.29  ? 15  TYR B CE1 1 
ATOM   673  C CE2 . TYR B 1 17 ? -8.555  5.375   -2.753  1.00 8.85  ? 15  TYR B CE2 1 
ATOM   674  C CZ  . TYR B 1 17 ? -7.344  5.981   -3.010  1.00 12.12 ? 15  TYR B CZ  1 
ATOM   675  O OH  . TYR B 1 17 ? -7.053  6.387   -4.290  1.00 7.17  ? 15  TYR B OH  1 
ATOM   676  N N   . GLY B 1 18 ? -6.594  6.104   2.977   1.00 4.99  ? 16  GLY B N   1 
ATOM   677  C CA  . GLY B 1 18 ? -5.363  6.757   3.370   1.00 5.92  ? 16  GLY B CA  1 
ATOM   678  C C   . GLY B 1 18 ? -4.467  5.701   3.986   1.00 4.10  ? 16  GLY B C   1 
ATOM   679  O O   . GLY B 1 18 ? -4.675  4.502   3.749   1.00 4.96  ? 16  GLY B O   1 
ATOM   680  N N   . PHE B 1 19 ? -3.474  6.139   4.758   1.00 2.55  ? 17  PHE B N   1 
ATOM   681  C CA  . PHE B 1 19 ? -2.571  5.229   5.453   1.00 2.18  ? 17  PHE B CA  1 
ATOM   682  C C   . PHE B 1 19 ? -2.368  5.641   6.897   1.00 4.25  ? 17  PHE B C   1 
ATOM   683  O O   . PHE B 1 19 ? -2.441  6.820   7.236   1.00 2.75  ? 17  PHE B O   1 
ATOM   684  C CB  . PHE B 1 19 ? -1.211  5.164   4.751   1.00 4.53  ? 17  PHE B CB  1 
ATOM   685  C CG  . PHE B 1 19 ? -1.193  4.279   3.546   1.00 2.62  ? 17  PHE B CG  1 
ATOM   686  C CD1 . PHE B 1 19 ? -0.639  3.005   3.604   1.00 5.24  ? 17  PHE B CD1 1 
ATOM   687  C CD2 . PHE B 1 19 ? -1.743  4.715   2.350   1.00 4.73  ? 17  PHE B CD2 1 
ATOM   688  C CE1 . PHE B 1 19 ? -0.623  2.185   2.492   1.00 6.31  ? 17  PHE B CE1 1 
ATOM   689  C CE2 . PHE B 1 19 ? -1.742  3.906   1.230   1.00 6.69  ? 17  PHE B CE2 1 
ATOM   690  C CZ  . PHE B 1 19 ? -1.173  2.635   1.293   1.00 6.63  ? 17  PHE B CZ  1 
ATOM   691  N N   . ILE B 1 20 ? -2.132  4.645   7.746   1.00 3.48  ? 18  ILE B N   1 
ATOM   692  C CA  . ILE B 1 20 ? -1.751  4.867   9.130   1.00 3.17  ? 18  ILE B CA  1 
ATOM   693  C C   . ILE B 1 20 ? -0.246  4.648   9.281   1.00 4.61  ? 18  ILE B C   1 
ATOM   694  O O   . ILE B 1 20 ? 0.287   3.652   8.797   1.00 4.70  ? 18  ILE B O   1 
ATOM   695  C CB  . ILE B 1 20 ? -2.503  3.911   10.086  1.00 4.28  ? 18  ILE B CB  1 
ATOM   696  C CG1 . ILE B 1 20 ? -4.013  4.160   10.021  1.00 3.93  ? 18  ILE B CG1 1 
ATOM   697  C CG2 . ILE B 1 20 ? -1.975  4.064   11.515  1.00 5.92  ? 18  ILE B CG2 1 
ATOM   698  C CD1 . ILE B 1 20 ? -4.864  2.986   10.547  1.00 2.75  ? 18  ILE B CD1 1 
ATOM   699  N N   . GLU B 1 21 ? 0.413   5.588   9.955   1.00 3.50  ? 19  GLU B N   1 
ATOM   700  C CA  . GLU B 1 21 ? 1.830   5.516   10.292  1.00 9.09  ? 19  GLU B CA  1 
ATOM   701  C C   . GLU B 1 21 ? 2.025   4.728   11.580  1.00 8.21  ? 19  GLU B C   1 
ATOM   702  O O   . GLU B 1 21 ? 1.349   4.993   12.574  1.00 4.43  ? 19  GLU B O   1 
ATOM   703  C CB  . GLU B 1 21 ? 2.400   6.931   10.479  1.00 10.24 ? 19  GLU B CB  1 
ATOM   704  C CG  . GLU B 1 21 ? 3.116   7.527   9.301   1.00 25.91 ? 19  GLU B CG  1 
ATOM   705  C CD  . GLU B 1 21 ? 3.608   8.939   9.587   1.00 18.71 ? 19  GLU B CD  1 
ATOM   706  O OE1 . GLU B 1 21 ? 2.819   9.781   10.089  1.00 20.61 ? 19  GLU B OE1 1 
ATOM   707  O OE2 . GLU B 1 21 ? 4.802   9.199   9.342   1.00 37.56 ? 19  GLU B OE2 1 
ATOM   708  N N   . VAL B 1 22 ? 2.930   3.755   11.556  1.00 7.14  ? 20  VAL B N   1 
ATOM   709  C CA  . VAL B 1 22 ? 3.276   2.997   12.746  1.00 6.44  ? 20  VAL B CA  1 
ATOM   710  C C   . VAL B 1 22 ? 4.768   3.233   13.025  1.00 7.14  ? 20  VAL B C   1 
ATOM   711  O O   . VAL B 1 22 ? 5.615   3.004   12.167  1.00 9.03  ? 20  VAL B O   1 
ATOM   712  C CB  . VAL B 1 22 ? 2.962   1.485   12.582  1.00 7.11  ? 20  VAL B CB  1 
ATOM   713  C CG1 . VAL B 1 22 ? 3.447   0.689   13.801  1.00 8.17  ? 20  VAL B CG1 1 
ATOM   714  C CG2 . VAL B 1 22 ? 1.465   1.257   12.358  1.00 8.12  ? 20  VAL B CG2 1 
ATOM   715  N N   . GLU B 1 23 ? 5.082   3.733   14.212  1.00 10.17 ? 21  GLU B N   1 
ATOM   716  C CA  . GLU B 1 23 ? 6.457   4.103   14.512  1.00 12.47 ? 21  GLU B CA  1 
ATOM   717  C C   . GLU B 1 23 ? 7.355   2.879   14.396  1.00 7.52  ? 21  GLU B C   1 
ATOM   718  O O   . GLU B 1 23 ? 7.123   1.871   15.064  1.00 9.25  ? 21  GLU B O   1 
ATOM   719  C CB  . GLU B 1 23 ? 6.563   4.722   15.911  1.00 16.41 ? 21  GLU B CB  1 
ATOM   720  C CG  . GLU B 1 23 ? 7.941   5.307   16.257  1.00 25.42 ? 21  GLU B CG  1 
ATOM   721  C CD  . GLU B 1 23 ? 8.315   6.534   15.435  1.00 27.46 ? 21  GLU B CD  1 
ATOM   722  O OE1 . GLU B 1 23 ? 7.396   7.285   15.045  1.00 21.27 ? 21  GLU B OE1 1 
ATOM   723  O OE2 . GLU B 1 23 ? 9.531   6.746   15.178  1.00 32.37 ? 21  GLU B OE2 1 
ATOM   724  N N   . GLY B 1 24 ? 8.357   2.977   13.530  1.00 9.14  ? 22  GLY B N   1 
ATOM   725  C CA  . GLY B 1 24 ? 9.321   1.910   13.307  1.00 12.74 ? 22  GLY B CA  1 
ATOM   726  C C   . GLY B 1 24 ? 8.872   0.833   12.335  1.00 8.66  ? 22  GLY B C   1 
ATOM   727  O O   . GLY B 1 24 ? 9.628   -0.106  12.053  1.00 7.70  ? 22  GLY B O   1 
ATOM   728  N N   . GLY B 1 25 ? 7.661   0.957   11.798  1.00 9.96  ? 23  GLY B N   1 
ATOM   729  C CA  . GLY B 1 25 ? 7.132   -0.097  10.942  1.00 8.60  ? 23  GLY B CA  1 
ATOM   730  C C   . GLY B 1 25 ? 6.493   0.380   9.653   1.00 11.31 ? 23  GLY B C   1 
ATOM   731  O O   . GLY B 1 25 ? 6.464   1.577   9.371   1.00 8.94  ? 23  GLY B O   1 
ATOM   732  N N   . SER B 1 26 ? 5.984   -0.570  8.872   1.00 5.89  ? 24  SER B N   1 
ATOM   733  C CA  . SER B 1 26 ? 5.324   -0.250  7.608   1.00 9.43  ? 24  SER B CA  1 
ATOM   734  C C   . SER B 1 26 ? 4.056   0.587   7.845   1.00 7.07  ? 24  SER B C   1 
ATOM   735  O O   . SER B 1 26 ? 3.359   0.403   8.848   1.00 5.52  ? 24  SER B O   1 
ATOM   736  C CB  . SER B 1 26 ? 4.959   -1.529  6.851   1.00 15.57 ? 24  SER B CB  1 
ATOM   737  O OG  . SER B 1 26 ? 6.061   -2.411  6.726   1.00 12.66 ? 24  SER B OG  1 
ATOM   738  N N   . ASP B 1 27 ? 3.764   1.505   6.926   1.00 5.27  ? 25  ASP B N   1 
ATOM   739  C CA  . ASP B 1 27 ? 2.448   2.131   6.897   1.00 4.78  ? 25  ASP B CA  1 
ATOM   740  C C   . ASP B 1 27 ? 1.389   1.051   6.688   1.00 4.97  ? 25  ASP B C   1 
ATOM   741  O O   . ASP B 1 27 ? 1.652   0.031   6.033   1.00 3.25  ? 25  ASP B O   1 
ATOM   742  C CB  . ASP B 1 27 ? 2.344   3.165   5.776   1.00 5.01  ? 25  ASP B CB  1 
ATOM   743  C CG  . ASP B 1 27 ? 3.329   4.297   5.923   1.00 6.70  ? 25  ASP B CG  1 
ATOM   744  O OD1 . ASP B 1 27 ? 3.776   4.575   7.051   1.00 5.45  ? 25  ASP B OD1 1 
ATOM   745  O OD2 . ASP B 1 27 ? 3.638   4.926   4.894   1.00 10.18 ? 25  ASP B OD2 1 
ATOM   746  N N   . VAL B 1 28 ? 0.188   1.287   7.210   1.00 4.80  ? 26  VAL B N   1 
ATOM   747  C CA  . VAL B 1 28 ? -0.920  0.362   7.031   1.00 3.20  ? 26  VAL B CA  1 
ATOM   748  C C   . VAL B 1 28 ? -2.073  1.050   6.287   1.00 4.58  ? 26  VAL B C   1 
ATOM   749  O O   . VAL B 1 28 ? -2.553  2.105   6.691   1.00 4.67  ? 26  VAL B O   1 
ATOM   750  C CB  . VAL B 1 28 ? -1.413  -0.194  8.391   1.00 3.28  ? 26  VAL B CB  1 
ATOM   751  C CG1 . VAL B 1 28 ? -2.569  -1.176  8.197   1.00 2.66  ? 26  VAL B CG1 1 
ATOM   752  C CG2 . VAL B 1 28 ? -0.255  -0.878  9.127   1.00 4.49  ? 26  VAL B CG2 1 
ATOM   753  N N   . PHE B 1 29 ? -2.491  0.455   5.179   1.00 3.80  ? 27  PHE B N   1 
ATOM   754  C CA  . PHE B 1 29 ? -3.615  0.968   4.395   1.00 3.91  ? 27  PHE B CA  1 
ATOM   755  C C   . PHE B 1 29 ? -4.910  1.017   5.205   1.00 3.75  ? 27  PHE B C   1 
ATOM   756  O O   . PHE B 1 29 ? -5.210  0.074   5.932   1.00 4.25  ? 27  PHE B O   1 
ATOM   757  C CB  . PHE B 1 29 ? -3.822  0.091   3.149   1.00 4.05  ? 27  PHE B CB  1 
ATOM   758  C CG  . PHE B 1 29 ? -4.983  0.532   2.296   1.00 5.16  ? 27  PHE B CG  1 
ATOM   759  C CD1 . PHE B 1 29 ? -4.884  1.677   1.526   1.00 6.47  ? 27  PHE B CD1 1 
ATOM   760  C CD2 . PHE B 1 29 ? -6.158  -0.195  2.264   1.00 3.80  ? 27  PHE B CD2 1 
ATOM   761  C CE1 . PHE B 1 29 ? -5.945  2.090   0.734   1.00 4.52  ? 27  PHE B CE1 1 
ATOM   762  C CE2 . PHE B 1 29 ? -7.234  0.220   1.476   1.00 7.27  ? 27  PHE B CE2 1 
ATOM   763  C CZ  . PHE B 1 29 ? -7.127  1.375   0.723   1.00 3.89  ? 27  PHE B CZ  1 
ATOM   764  N N   . VAL B 1 30 ? -5.694  2.094   5.077   1.00 2.73  ? 28  VAL B N   1 
ATOM   765  C CA  . VAL B 1 30 ? -6.985  2.131   5.760   1.00 3.57  ? 28  VAL B CA  1 
ATOM   766  C C   . VAL B 1 30 ? -8.085  2.670   4.850   1.00 3.34  ? 28  VAL B C   1 
ATOM   767  O O   . VAL B 1 30 ? -7.949  3.740   4.256   1.00 4.23  ? 28  VAL B O   1 
ATOM   768  C CB  . VAL B 1 30 ? -6.919  2.968   7.064   1.00 1.80  ? 28  VAL B CB  1 
ATOM   769  C CG1 . VAL B 1 30 ? -6.422  4.378   6.807   1.00 2.48  ? 28  VAL B CG1 1 
ATOM   770  C CG2 . VAL B 1 30 ? -8.293  2.992   7.778   1.00 1.19  ? 28  VAL B CG2 1 
ATOM   771  N N   . HIS B 1 31 ? -9.164  1.900   4.740   1.00 1.95  ? 29  HIS B N   1 
ATOM   772  C CA  . HIS B 1 31 ? -10.323 2.230   3.907   1.00 2.32  ? 29  HIS B CA  1 
ATOM   773  C C   . HIS B 1 31 ? -11.400 2.882   4.784   1.00 3.93  ? 29  HIS B C   1 
ATOM   774  O O   . HIS B 1 31 ? -11.409 2.659   5.989   1.00 1.76  ? 29  HIS B O   1 
ATOM   775  C CB  . HIS B 1 31 ? -10.853 0.950   3.241   1.00 4.27  ? 29  HIS B CB  1 
ATOM   776  C CG  . HIS B 1 31 ? -11.871 1.193   2.169   1.00 5.16  ? 29  HIS B CG  1 
ATOM   777  N ND1 . HIS B 1 31 ? -13.211 0.926   2.346   1.00 6.79  ? 29  HIS B ND1 1 
ATOM   778  C CD2 . HIS B 1 31 ? -11.745 1.686   0.915   1.00 6.95  ? 29  HIS B CD2 1 
ATOM   779  C CE1 . HIS B 1 31 ? -13.867 1.235   1.242   1.00 6.52  ? 29  HIS B CE1 1 
ATOM   780  N NE2 . HIS B 1 31 ? -13.004 1.708   0.360   1.00 8.26  ? 29  HIS B NE2 1 
ATOM   781  N N   . PHE B 1 32 ? -12.296 3.684   4.205   1.00 2.73  ? 30  PHE B N   1 
ATOM   782  C CA  . PHE B 1 32 ? -13.267 4.410   5.018   1.00 2.52  ? 30  PHE B CA  1 
ATOM   783  C C   . PHE B 1 32 ? -14.205 3.439   5.738   1.00 3.14  ? 30  PHE B C   1 
ATOM   784  O O   . PHE B 1 32 ? -14.728 3.755   6.816   1.00 3.63  ? 30  PHE B O   1 
ATOM   785  C CB  . PHE B 1 32 ? -14.068 5.425   4.178   1.00 4.01  ? 30  PHE B CB  1 
ATOM   786  C CG  . PHE B 1 32 ? -15.159 4.816   3.329   1.00 3.21  ? 30  PHE B CG  1 
ATOM   787  C CD1 . PHE B 1 32 ? -16.457 4.688   3.807   1.00 4.53  ? 30  PHE B CD1 1 
ATOM   788  C CD2 . PHE B 1 32 ? -14.885 4.388   2.050   1.00 4.27  ? 30  PHE B CD2 1 
ATOM   789  C CE1 . PHE B 1 32 ? -17.462 4.131   3.019   1.00 4.90  ? 30  PHE B CE1 1 
ATOM   790  C CE2 . PHE B 1 32 ? -15.875 3.820   1.251   1.00 6.91  ? 30  PHE B CE2 1 
ATOM   791  C CZ  . PHE B 1 32 ? -17.161 3.699   1.726   1.00 5.80  ? 30  PHE B CZ  1 
ATOM   792  N N   . THR B 1 33 ? -14.397 2.243   5.176   1.00 2.17  ? 31  THR B N   1 
ATOM   793  C CA  . THR B 1 33 ? -15.277 1.256   5.819   1.00 2.21  ? 31  THR B CA  1 
ATOM   794  C C   . THR B 1 33 ? -14.687 0.694   7.120   1.00 2.59  ? 31  THR B C   1 
ATOM   795  O O   . THR B 1 33 ? -15.381 0.009   7.868   1.00 4.46  ? 31  THR B O   1 
ATOM   796  C CB  . THR B 1 33 ? -15.590 0.067   4.882   1.00 3.18  ? 31  THR B CB  1 
ATOM   797  O OG1 . THR B 1 33 ? -14.359 -0.501  4.411   1.00 3.35  ? 31  THR B OG1 1 
ATOM   798  C CG2 . THR B 1 33 ? -16.404 0.528   3.707   1.00 2.92  ? 31  THR B CG2 1 
ATOM   799  N N   . ALA B 1 34 ? -13.414 0.967   7.389   1.00 2.01  ? 32  ALA B N   1 
ATOM   800  C CA  . ALA B 1 34 ? -12.760 0.402   8.560   1.00 3.91  ? 32  ALA B CA  1 
ATOM   801  C C   . ALA B 1 34 ? -12.861 1.330   9.755   1.00 5.64  ? 32  ALA B C   1 
ATOM   802  O O   . ALA B 1 34 ? -12.471 0.947   10.862  1.00 5.52  ? 32  ALA B O   1 
ATOM   803  C CB  . ALA B 1 34 ? -11.280 0.087   8.253   1.00 2.18  ? 32  ALA B CB  1 
ATOM   804  N N   . ILE B 1 35 ? -13.369 2.545   9.523   1.00 3.98  ? 33  ILE B N   1 
ATOM   805  C CA  . ILE B 1 35 ? -13.547 3.567   10.563  1.00 2.96  ? 33  ILE B CA  1 
ATOM   806  C C   . ILE B 1 35 ? -14.765 3.279   11.411  1.00 6.76  ? 33  ILE B C   1 
ATOM   807  O O   . ILE B 1 35 ? -15.872 3.319   10.901  1.00 4.96  ? 33  ILE B O   1 
ATOM   808  C CB  . ILE B 1 35 ? -13.697 4.978   9.934   1.00 5.66  ? 33  ILE B CB  1 
ATOM   809  C CG1 . ILE B 1 35 ? -12.493 5.294   9.037   1.00 3.02  ? 33  ILE B CG1 1 
ATOM   810  C CG2 . ILE B 1 35 ? -13.894 6.044   11.002  1.00 5.81  ? 33  ILE B CG2 1 
ATOM   811  C CD1 . ILE B 1 35 ? -12.636 6.566   8.214   1.00 2.34  ? 33  ILE B CD1 1 
ATOM   812  N N   . GLN B 1 36 ? -14.565 2.987   12.696  1.00 5.80  ? 34  GLN B N   1 
ATOM   813  C CA  . GLN B 1 36 ? -15.680 2.596   13.569  1.00 6.52  ? 34  GLN B CA  1 
ATOM   814  C C   . GLN B 1 36 ? -16.414 3.814   14.111  1.00 9.11  ? 34  GLN B C   1 
ATOM   815  O O   . GLN B 1 36 ? -17.556 3.719   14.551  1.00 11.08 ? 34  GLN B O   1 
ATOM   816  C CB  . GLN B 1 36 ? -15.186 1.738   14.736  1.00 10.53 ? 34  GLN B CB  1 
ATOM   817  C CG  . GLN B 1 36 ? -14.574 0.423   14.316  1.00 15.40 ? 34  GLN B CG  1 
ATOM   818  C CD  . GLN B 1 36 ? -15.497 -0.420  13.460  1.00 18.39 ? 34  GLN B CD  1 
ATOM   819  O OE1 . GLN B 1 36 ? -15.238 -0.631  12.272  1.00 20.10 ? 34  GLN B OE1 1 
ATOM   820  N NE2 . GLN B 1 36 ? -16.578 -0.910  14.056  1.00 18.44 ? 34  GLN B NE2 1 
ATOM   821  N N   . GLY B 1 37 ? -15.753 4.965   14.061  1.00 7.75  ? 35  GLY B N   1 
ATOM   822  C CA  . GLY B 1 37 ? -16.279 6.168   14.656  1.00 9.54  ? 35  GLY B CA  1 
ATOM   823  C C   . GLY B 1 37 ? -17.294 6.868   13.779  1.00 11.87 ? 35  GLY B C   1 
ATOM   824  O O   . GLY B 1 37 ? -17.534 6.482   12.619  1.00 9.75  ? 35  GLY B O   1 
ATOM   825  N N   . PHE B 1 38 ? -17.894 7.898   14.363  1.00 11.55 ? 36  PHE B N   1 
ATOM   826  C CA  . PHE B 1 38 ? -18.874 8.767   13.726  1.00 15.39 ? 36  PHE B CA  1 
ATOM   827  C C   . PHE B 1 38 ? -18.277 9.545   12.564  1.00 18.35 ? 36  PHE B C   1 
ATOM   828  O O   . PHE B 1 38 ? -18.879 9.720   11.506  1.00 18.35 ? 36  PHE B O   1 
ATOM   829  C CB  . PHE B 1 38 ? -19.402 9.770   14.755  1.00 17.83 ? 36  PHE B CB  1 
ATOM   830  C CG  . PHE B 1 38 ? -20.797 9.504   15.224  1.00 28.72 ? 36  PHE B CG  1 
ATOM   831  C CD1 . PHE B 1 38 ? -21.864 9.569   14.337  1.00 27.30 ? 36  PHE B CD1 1 
ATOM   832  C CD2 . PHE B 1 38 ? -21.053 9.268   16.569  1.00 38.51 ? 36  PHE B CD2 1 
ATOM   833  C CE1 . PHE B 1 38 ? -23.152 9.349   14.769  1.00 27.04 ? 36  PHE B CE1 1 
ATOM   834  C CE2 . PHE B 1 38 ? -22.344 9.052   17.018  1.00 34.30 ? 36  PHE B CE2 1 
ATOM   835  C CZ  . PHE B 1 38 ? -23.395 9.091   16.116  1.00 39.15 ? 36  PHE B CZ  1 
ATOM   836  N N   . LYS B 1 39 ? -17.075 10.039  12.801  1.00 11.36 ? 37  LYS B N   1 
ATOM   837  C CA  . LYS B 1 39 ? -16.442 10.958  11.877  1.00 7.31  ? 37  LYS B CA  1 
ATOM   838  C C   . LYS B 1 39 ? -15.294 10.301  11.144  1.00 10.73 ? 37  LYS B C   1 
ATOM   839  O O   . LYS B 1 39 ? -14.805 9.239   11.530  1.00 8.20  ? 37  LYS B O   1 
ATOM   840  C CB  . LYS B 1 39 ? -15.952 12.200  12.614  1.00 10.24 ? 37  LYS B CB  1 
ATOM   841  C CG  . LYS B 1 39 ? -17.080 12.996  13.264  1.00 12.29 ? 37  LYS B CG  1 
ATOM   842  C CD  . LYS B 1 39 ? -16.614 14.378  13.673  1.00 20.40 ? 37  LYS B CD  1 
ATOM   843  C CE  . LYS B 1 39 ? -17.668 15.111  14.492  1.00 20.93 ? 37  LYS B CE  1 
ATOM   844  N NZ  . LYS B 1 39 ? -19.016 14.920  13.892  1.00 38.49 ? 37  LYS B NZ  1 
ATOM   845  N N   . THR B 1 40 ? -14.870 10.954  10.074  1.00 6.82  ? 38  THR B N   1 
ATOM   846  C CA  . THR B 1 40 ? -13.863 10.407  9.191   1.00 5.63  ? 38  THR B CA  1 
ATOM   847  C C   . THR B 1 40 ? -12.472 10.662  9.757   1.00 10.21 ? 38  THR B C   1 
ATOM   848  O O   . THR B 1 40 ? -12.328 11.376  10.755  1.00 5.85  ? 38  THR B O   1 
ATOM   849  C CB  . THR B 1 40 ? -13.983 11.015  7.814   1.00 11.54 ? 38  THR B CB  1 
ATOM   850  O OG1 . THR B 1 40 ? -13.229 10.224  6.877   1.00 12.39 ? 38  THR B OG1 1 
ATOM   851  C CG2 . THR B 1 40 ? -13.478 12.453  7.842   1.00 14.81 ? 38  THR B CG2 1 
ATOM   852  N N   . LEU B 1 41 ? -11.455 10.072  9.129   1.00 5.88  ? 39  LEU B N   1 
ATOM   853  C CA  . LEU B 1 41 ? -10.075 10.204  9.603   1.00 4.40  ? 39  LEU B CA  1 
ATOM   854  C C   . LEU B 1 41 ? -9.407  11.465  9.050   1.00 8.92  ? 39  LEU B C   1 
ATOM   855  O O   . LEU B 1 41 ? -9.670  11.889  7.915   1.00 7.26  ? 39  LEU B O   1 
ATOM   856  C CB  . LEU B 1 41 ? -9.253  8.969   9.221   1.00 3.14  ? 39  LEU B CB  1 
ATOM   857  C CG  . LEU B 1 41 ? -9.630  7.644   9.905   1.00 7.05  ? 39  LEU B CG  1 
ATOM   858  C CD1 . LEU B 1 41 ? -8.772  6.509   9.380   1.00 3.64  ? 39  LEU B CD1 1 
ATOM   859  C CD2 . LEU B 1 41 ? -9.498  7.747   11.422  1.00 3.91  ? 39  LEU B CD2 1 
ATOM   860  N N   . GLU B 1 42 ? -8.549  12.063  9.872   1.00 3.41  ? 40  GLU B N   1 
ATOM   861  C CA  . GLU B 1 42 ? -7.800  13.254  9.494   1.00 2.87  ? 40  GLU B CA  1 
ATOM   862  C C   . GLU B 1 42 ? -6.345  13.067  9.890   1.00 4.24  ? 40  GLU B C   1 
ATOM   863  O O   . GLU B 1 42 ? -6.057  12.381  10.868  1.00 2.34  ? 40  GLU B O   1 
ATOM   864  C CB  . GLU B 1 42 ? -8.378  14.506  10.169  1.00 4.31  ? 40  GLU B CB  1 
ATOM   865  C CG  . GLU B 1 42 ? -9.777  14.856  9.713   1.00 2.44  ? 40  GLU B CG  1 
ATOM   866  C CD  . GLU B 1 42 ? -10.333 16.110  10.377  1.00 8.28  ? 40  GLU B CD  1 
ATOM   867  O OE1 . GLU B 1 42 ? -9.727  16.586  11.350  1.00 5.72  ? 40  GLU B OE1 1 
ATOM   868  O OE2 . GLU B 1 42 ? -11.391 16.609  9.928   1.00 6.03  ? 40  GLU B OE2 1 
ATOM   869  N N   . GLU B 1 43 ? -5.439  13.692  9.138   1.00 3.70  ? 41  GLU B N   1 
ATOM   870  C CA  . GLU B 1 43 ? -4.008  13.622  9.407   1.00 2.39  ? 41  GLU B CA  1 
ATOM   871  C C   . GLU B 1 43 ? -3.636  13.862  10.869  1.00 5.09  ? 41  GLU B C   1 
ATOM   872  O O   . GLU B 1 43 ? -4.077  14.833  11.483  1.00 5.33  ? 41  GLU B O   1 
ATOM   873  C CB  . GLU B 1 43 ? -3.268  14.635  8.525   1.00 4.64  ? 41  GLU B CB  1 
ATOM   874  C CG  . GLU B 1 43 ? -1.766  14.745  8.834   1.00 2.64  ? 41  GLU B CG  1 
ATOM   875  C CD  . GLU B 1 43 ? -1.086  15.788  7.964   1.00 4.40  ? 41  GLU B CD  1 
ATOM   876  O OE1 . GLU B 1 43 ? -1.790  16.656  7.439   1.00 3.67  ? 41  GLU B OE1 1 
ATOM   877  O OE2 . GLU B 1 43 ? 0.150   15.732  7.798   1.00 2.99  ? 41  GLU B OE2 1 
ATOM   878  N N   . GLY B 1 44 ? -2.815  12.977  11.429  1.00 4.91  ? 42  GLY B N   1 
ATOM   879  C CA  . GLY B 1 44 ? -2.310  13.172  12.781  1.00 4.51  ? 42  GLY B CA  1 
ATOM   880  C C   . GLY B 1 44 ? -3.119  12.579  13.932  1.00 6.80  ? 42  GLY B C   1 
ATOM   881  O O   . GLY B 1 44 ? -2.632  12.534  15.065  1.00 5.51  ? 42  GLY B O   1 
ATOM   882  N N   . GLN B 1 45 ? -4.349  12.138  13.674  1.00 3.83  ? 43  GLN B N   1 
ATOM   883  C CA  . GLN B 1 45 ? -5.158  11.563  14.750  1.00 7.11  ? 43  GLN B CA  1 
ATOM   884  C C   . GLN B 1 45 ? -4.594  10.229  15.220  1.00 10.44 ? 43  GLN B C   1 
ATOM   885  O O   . GLN B 1 45 ? -4.360  9.330   14.429  1.00 5.72  ? 43  GLN B O   1 
ATOM   886  C CB  . GLN B 1 45 ? -6.604  11.382  14.308  1.00 9.86  ? 43  GLN B CB  1 
ATOM   887  C CG  . GLN B 1 45 ? -7.452  10.500  15.246  1.00 17.40 ? 43  GLN B CG  1 
ATOM   888  C CD  . GLN B 1 45 ? -7.853  11.196  16.545  1.00 24.29 ? 43  GLN B CD  1 
ATOM   889  O OE1 . GLN B 1 45 ? -8.466  12.270  16.529  1.00 30.44 ? 43  GLN B OE1 1 
ATOM   890  N NE2 . GLN B 1 45 ? -7.508  10.582  17.680  1.00 5.79  ? 43  GLN B NE2 1 
ATOM   891  N N   . GLU B 1 46 ? -4.385  10.096  16.521  1.00 6.22  ? 44  GLU B N   1 
ATOM   892  C CA  . GLU B 1 46 ? -3.918  8.812   17.040  1.00 5.71  ? 44  GLU B CA  1 
ATOM   893  C C   . GLU B 1 46 ? -5.054  7.793   17.022  1.00 6.97  ? 44  GLU B C   1 
ATOM   894  O O   . GLU B 1 46 ? -6.208  8.107   17.322  1.00 4.63  ? 44  GLU B O   1 
ATOM   895  C CB  . GLU B 1 46 ? -3.347  8.960   18.445  1.00 10.77 ? 44  GLU B CB  1 
ATOM   896  C CG  . GLU B 1 46 ? -2.116  9.891   18.554  1.00 19.70 ? 44  GLU B CG  1 
ATOM   897  C CD  . GLU B 1 46 ? -0.800  9.274   18.071  1.00 20.38 ? 44  GLU B CD  1 
ATOM   898  O OE1 . GLU B 1 46 ? -0.696  8.031   17.977  1.00 26.02 ? 44  GLU B OE1 1 
ATOM   899  O OE2 . GLU B 1 46 ? 0.151   10.043  17.807  1.00 17.12 ? 44  GLU B OE2 1 
ATOM   900  N N   . VAL B 1 47 ? -4.720  6.570   16.629  1.00 8.20  ? 45  VAL B N   1 
ATOM   901  C CA  . VAL B 1 47 ? -5.730  5.545   16.416  1.00 4.26  ? 45  VAL B CA  1 
ATOM   902  C C   . VAL B 1 47 ? -5.288  4.223   17.001  1.00 4.80  ? 45  VAL B C   1 
ATOM   903  O O   . VAL B 1 47 ? -4.087  3.927   17.045  1.00 5.77  ? 45  VAL B O   1 
ATOM   904  C CB  . VAL B 1 47 ? -6.018  5.324   14.911  1.00 2.91  ? 45  VAL B CB  1 
ATOM   905  C CG1 . VAL B 1 47 ? -6.818  6.476   14.357  1.00 2.63  ? 45  VAL B CG1 1 
ATOM   906  C CG2 . VAL B 1 47 ? -4.687  5.151   14.148  1.00 3.06  ? 45  VAL B CG2 1 
ATOM   907  N N   . SER B 1 48 ? -6.259  3.440   17.452  1.00 4.97  ? 46  SER B N   1 
ATOM   908  C CA  . SER B 1 48 ? -6.043  2.037   17.775  1.00 2.94  ? 46  SER B CA  1 
ATOM   909  C C   . SER B 1 48 ? -6.718  1.239   16.678  1.00 4.63  ? 46  SER B C   1 
ATOM   910  O O   . SER B 1 48 ? -7.825  1.589   16.251  1.00 3.98  ? 46  SER B O   1 
ATOM   911  C CB  . SER B 1 48 ? -6.615  1.690   19.155  1.00 6.92  ? 46  SER B CB  1 
ATOM   912  O OG  . SER B 1 48 ? -6.456  0.309   19.460  1.00 4.28  ? 46  SER B OG  1 
ATOM   913  N N   . PHE B 1 49 ? -6.072  0.167   16.220  1.00 2.24  ? 47  PHE B N   1 
ATOM   914  C CA  . PHE B 1 49 ? -6.642  -0.617  15.133  1.00 2.83  ? 47  PHE B CA  1 
ATOM   915  C C   . PHE B 1 49 ? -6.064  -2.008  15.067  1.00 3.00  ? 47  PHE B C   1 
ATOM   916  O O   . PHE B 1 49 ? -5.086  -2.332  15.759  1.00 6.52  ? 47  PHE B O   1 
ATOM   917  C CB  . PHE B 1 49 ? -6.399  0.080   13.810  1.00 2.24  ? 47  PHE B CB  1 
ATOM   918  C CG  . PHE B 1 49 ? -4.946  0.187   13.454  1.00 2.89  ? 47  PHE B CG  1 
ATOM   919  C CD1 . PHE B 1 49 ? -4.139  1.130   14.074  1.00 3.93  ? 47  PHE B CD1 1 
ATOM   920  C CD2 . PHE B 1 49 ? -4.385  -0.638  12.491  1.00 2.97  ? 47  PHE B CD2 1 
ATOM   921  C CE1 . PHE B 1 49 ? -2.810  1.240   13.745  1.00 3.48  ? 47  PHE B CE1 1 
ATOM   922  C CE2 . PHE B 1 49 ? -3.045  -0.543  12.165  1.00 4.35  ? 47  PHE B CE2 1 
ATOM   923  C CZ  . PHE B 1 49 ? -2.251  0.396   12.791  1.00 6.21  ? 47  PHE B CZ  1 
ATOM   924  N N   . GLU B 1 50 ? -6.639  -2.835  14.212  1.00 2.57  ? 48  GLU B N   1 
ATOM   925  C CA  . GLU B 1 50 ? -6.032  -4.144  14.002  1.00 5.11  ? 48  GLU B CA  1 
ATOM   926  C C   . GLU B 1 50 ? -5.787  -4.323  12.519  1.00 3.62  ? 48  GLU B C   1 
ATOM   927  O O   . GLU B 1 50 ? -6.310  -3.567  11.694  1.00 1.34  ? 48  GLU B O   1 
ATOM   928  C CB  . GLU B 1 50 ? -6.903  -5.269  14.572  1.00 7.38  ? 48  GLU B CB  1 
ATOM   929  C CG  . GLU B 1 50 ? -8.256  -5.419  13.922  1.00 4.83  ? 48  GLU B CG  1 
ATOM   930  C CD  . GLU B 1 50 ? -9.122  -6.433  14.631  1.00 14.70 ? 48  GLU B CD  1 
ATOM   931  O OE1 . GLU B 1 50 ? -8.624  -7.074  15.595  1.00 17.39 ? 48  GLU B OE1 1 
ATOM   932  O OE2 . GLU B 1 50 ? -10.304 -6.576  14.248  1.00 15.61 ? 48  GLU B OE2 1 
ATOM   933  N N   . ILE B 1 51 ? -4.961  -5.307  12.192  1.00 2.76  ? 49  ILE B N   1 
ATOM   934  C CA  . ILE B 1 51 ? -4.549  -5.517  10.816  1.00 2.30  ? 49  ILE B CA  1 
ATOM   935  C C   . ILE B 1 51 ? -5.152  -6.813  10.329  1.00 4.85  ? 49  ILE B C   1 
ATOM   936  O O   . ILE B 1 51 ? -5.063  -7.853  11.013  1.00 4.55  ? 49  ILE B O   1 
ATOM   937  C CB  . ILE B 1 51 ? -3.010  -5.548  10.676  1.00 3.82  ? 49  ILE B CB  1 
ATOM   938  C CG1 . ILE B 1 51 ? -2.411  -4.210  11.112  1.00 4.44  ? 49  ILE B CG1 1 
ATOM   939  C CG2 . ILE B 1 51 ? -2.592  -5.890  9.254   1.00 2.74  ? 49  ILE B CG2 1 
ATOM   940  C CD1 . ILE B 1 51 ? -0.875  -4.129  10.911  1.00 3.56  ? 49  ILE B CD1 1 
ATOM   941  N N   . VAL B 1 52 ? -5.830  -6.749  9.185   1.00 3.91  ? 50  VAL B N   1 
ATOM   942  C CA  . VAL B 1 52 ? -6.409  -7.955  8.585   1.00 3.20  ? 50  VAL B CA  1 
ATOM   943  C C   . VAL B 1 52 ? -5.807  -8.100  7.205   1.00 6.46  ? 50  VAL B C   1 
ATOM   944  O O   . VAL B 1 52 ? -5.386  -7.111  6.591   1.00 7.52  ? 50  VAL B O   1 
ATOM   945  C CB  . VAL B 1 52 ? -7.940  -7.904  8.531   1.00 7.16  ? 50  VAL B CB  1 
ATOM   946  C CG1 . VAL B 1 52 ? -8.494  -7.840  9.941   1.00 3.40  ? 50  VAL B CG1 1 
ATOM   947  C CG2 . VAL B 1 52 ? -8.417  -6.685  7.717   1.00 5.56  ? 50  VAL B CG2 1 
ATOM   948  N N   . GLN B 1 53 ? -5.716  -9.334  6.731   1.00 7.18  ? 51  GLN B N   1 
ATOM   949  C CA  . GLN B 1 53 ? -5.058  -9.582  5.460   1.00 8.69  ? 51  GLN B CA  1 
ATOM   950  C C   . GLN B 1 53 ? -6.107  -9.617  4.360   1.00 12.33 ? 51  GLN B C   1 
ATOM   951  O O   . GLN B 1 53 ? -6.918  -10.542 4.289   1.00 15.53 ? 51  GLN B O   1 
ATOM   952  C CB  . GLN B 1 53 ? -4.242  -10.883 5.516   1.00 13.46 ? 51  GLN B CB  1 
ATOM   953  C CG  . GLN B 1 53 ? -3.149  -10.914 6.605   1.00 12.06 ? 51  GLN B CG  1 
ATOM   954  C CD  . GLN B 1 53 ? -2.129  -9.771  6.512   1.00 10.44 ? 51  GLN B CD  1 
ATOM   955  O OE1 . GLN B 1 53 ? -1.546  -9.515  5.455   1.00 9.63  ? 51  GLN B OE1 1 
ATOM   956  N NE2 . GLN B 1 53 ? -1.915  -9.084  7.623   1.00 7.05  ? 51  GLN B NE2 1 
ATOM   957  N N   . GLY B 1 54 ? -6.121  -8.569  3.535   1.00 12.50 ? 52  GLY B N   1 
ATOM   958  C CA  . GLY B 1 54 ? -7.017  -8.492  2.396   1.00 13.71 ? 52  GLY B CA  1 
ATOM   959  C C   . GLY B 1 54 ? -6.384  -9.175  1.200   1.00 14.50 ? 52  GLY B C   1 
ATOM   960  O O   . GLY B 1 54 ? -5.258  -9.662  1.290   1.00 15.92 ? 52  GLY B O   1 
ATOM   961  N N   . ASN B 1 55 ? -7.104  -9.218  0.082   1.00 15.30 ? 53  ASN B N   1 
ATOM   962  C CA  . ASN B 1 55 ? -6.607  -9.886  -1.118  1.00 18.13 ? 53  ASN B CA  1 
ATOM   963  C C   . ASN B 1 55 ? -5.318  -9.255  -1.621  1.00 20.89 ? 53  ASN B C   1 
ATOM   964  O O   . ASN B 1 55 ? -4.399  -9.942  -2.056  1.00 22.19 ? 53  ASN B O   1 
ATOM   965  C CB  . ASN B 1 55 ? -7.666  -9.857  -2.217  1.00 16.85 ? 53  ASN B CB  1 
ATOM   966  C CG  . ASN B 1 55 ? -8.939  -10.578 -1.814  1.00 22.84 ? 53  ASN B CG  1 
ATOM   967  O OD1 . ASN B 1 55 ? -8.901  -11.551 -1.061  1.00 23.85 ? 53  ASN B OD1 1 
ATOM   968  N ND2 . ASN B 1 55 ? -10.074 -10.098 -2.305  1.00 31.92 ? 53  ASN B ND2 1 
ATOM   969  N N   . ARG B 1 56 ? -5.254  -7.936  -1.538  1.00 17.00 ? 54  ARG B N   1 
ATOM   970  C CA  . ARG B 1 56 ? -4.093  -7.204  -2.013  1.00 18.28 ? 54  ARG B CA  1 
ATOM   971  C C   . ARG B 1 56 ? -3.148  -6.780  -0.882  1.00 13.34 ? 54  ARG B C   1 
ATOM   972  O O   . ARG B 1 56 ? -2.357  -5.860  -1.055  1.00 14.30 ? 54  ARG B O   1 
ATOM   973  C CB  . ARG B 1 56 ? -4.551  -5.979  -2.814  1.00 18.17 ? 54  ARG B CB  1 
ATOM   974  C CG  . ARG B 1 56 ? -5.503  -6.343  -3.968  1.00 23.59 ? 54  ARG B CG  1 
ATOM   975  C CD  . ARG B 1 56 ? -5.993  -5.114  -4.736  1.00 28.49 ? 54  ARG B CD  1 
ATOM   976  N NE  . ARG B 1 56 ? -5.040  -4.723  -5.770  1.00 35.10 ? 54  ARG B NE  1 
ATOM   977  C CZ  . ARG B 1 56 ? -4.812  -3.470  -6.146  0.62 18.01 ? 54  ARG B CZ  1 
ATOM   978  N NH1 . ARG B 1 56 ? -5.471  -2.469  -5.570  0.54 18.55 ? 54  ARG B NH1 1 
ATOM   979  N NH2 . ARG B 1 56 ? -3.921  -3.221  -7.089  0.33 14.70 ? 54  ARG B NH2 1 
ATOM   980  N N   . GLY B 1 57 ? -3.223  -7.450  0.264   1.00 11.35 ? 55  GLY B N   1 
ATOM   981  C CA  . GLY B 1 57 ? -2.301  -7.184  1.359   1.00 11.19 ? 55  GLY B CA  1 
ATOM   982  C C   . GLY B 1 57 ? -2.929  -6.671  2.646   1.00 13.97 ? 55  GLY B C   1 
ATOM   983  O O   . GLY B 1 57 ? -4.148  -6.550  2.755   1.00 8.80  ? 55  GLY B O   1 
ATOM   984  N N   . PRO B 1 58 ? -2.089  -6.357  3.635   1.00 8.18  ? 56  PRO B N   1 
ATOM   985  C CA  . PRO B 1 58 ? -2.585  -5.940  4.946   1.00 5.12  ? 56  PRO B CA  1 
ATOM   986  C C   . PRO B 1 58 ? -3.404  -4.662  4.874   1.00 6.04  ? 56  PRO B C   1 
ATOM   987  O O   . PRO B 1 58 ? -3.137  -3.788  4.047   1.00 4.70  ? 56  PRO B O   1 
ATOM   988  C CB  . PRO B 1 58 ? -1.303  -5.700  5.764   1.00 5.77  ? 56  PRO B CB  1 
ATOM   989  C CG  . PRO B 1 58 ? -0.197  -6.281  4.970   1.00 11.85 ? 56  PRO B CG  1 
ATOM   990  C CD  . PRO B 1 58 ? -0.623  -6.275  3.537   1.00 10.94 ? 56  PRO B CD  1 
ATOM   991  N N   . GLN B 1 59 ? -4.403  -4.548  5.739   1.00 3.78  ? 57  GLN B N   1 
ATOM   992  C CA  . GLN B 1 59 ? -5.082  -3.270  5.901   1.00 5.02  ? 57  GLN B CA  1 
ATOM   993  C C   . GLN B 1 59 ? -5.718  -3.165  7.271   1.00 3.24  ? 57  GLN B C   1 
ATOM   994  O O   . GLN B 1 59 ? -5.884  -4.170  7.969   1.00 3.49  ? 57  GLN B O   1 
ATOM   995  C CB  . GLN B 1 59 ? -6.134  -3.074  4.803   1.00 4.48  ? 57  GLN B CB  1 
ATOM   996  C CG  . GLN B 1 59 ? -7.263  -4.075  4.864   1.00 11.41 ? 57  GLN B CG  1 
ATOM   997  C CD  . GLN B 1 59 ? -8.285  -3.852  3.774   1.00 12.93 ? 57  GLN B CD  1 
ATOM   998  O OE1 . GLN B 1 59 ? -8.912  -2.790  3.694   1.00 16.79 ? 57  GLN B OE1 1 
ATOM   999  N NE2 . GLN B 1 59 ? -8.453  -4.852  2.917   1.00 14.70 ? 57  GLN B NE2 1 
ATOM   1000 N N   . ALA B 1 60 ? -6.090  -1.944  7.642   1.00 3.84  ? 58  ALA B N   1 
ATOM   1001 C CA  . ALA B 1 60 ? -6.619  -1.688  8.966   1.00 3.43  ? 58  ALA B CA  1 
ATOM   1002 C C   . ALA B 1 60 ? -8.074  -2.123  9.097   1.00 3.58  ? 58  ALA B C   1 
ATOM   1003 O O   . ALA B 1 60 ? -8.851  -2.119  8.131   1.00 2.55  ? 58  ALA B O   1 
ATOM   1004 C CB  . ALA B 1 60 ? -6.475  -0.215  9.318   1.00 3.10  ? 58  ALA B CB  1 
ATOM   1005 N N   . ALA B 1 61 ? -8.437  -2.474  10.322  1.00 3.87  ? 59  ALA B N   1 
ATOM   1006 C CA  . ALA B 1 61 ? -9.804  -2.846  10.655  1.00 3.91  ? 59  ALA B CA  1 
ATOM   1007 C C   . ALA B 1 61 ? -10.117 -2.285  12.026  1.00 5.00  ? 59  ALA B C   1 
ATOM   1008 O O   . ALA B 1 61 ? -9.203  -2.096  12.859  1.00 5.38  ? 59  ALA B O   1 
ATOM   1009 C CB  . ALA B 1 61 ? -9.986  -4.346  10.634  1.00 4.51  ? 59  ALA B CB  1 
ATOM   1010 N N   . ASN B 1 62 ? -11.391 -1.987  12.251  1.00 4.97  ? 60  ASN B N   1 
ATOM   1011 C CA  . ASN B 1 62 ? -11.842 -1.552  13.568  1.00 6.73  ? 60  ASN B CA  1 
ATOM   1012 C C   . ASN B 1 62 ? -11.038 -0.372  14.111  1.00 5.52  ? 60  ASN B C   1 
ATOM   1013 O O   . ASN B 1 62 ? -10.545 -0.394  15.255  1.00 6.70  ? 60  ASN B O   1 
ATOM   1014 C CB  . ASN B 1 62 ? -11.789 -2.734  14.536  1.00 7.79  ? 60  ASN B CB  1 
ATOM   1015 C CG  . ASN B 1 62 ? -12.774 -3.807  14.160  1.00 15.22 ? 60  ASN B CG  1 
ATOM   1016 O OD1 . ASN B 1 62 ? -13.970 -3.537  14.027  1.00 16.34 ? 60  ASN B OD1 1 
ATOM   1017 N ND2 . ASN B 1 62 ? -12.282 -5.022  13.946  1.00 16.57 ? 60  ASN B ND2 1 
ATOM   1018 N N   . VAL B 1 63 ? -10.936 0.668   13.288  1.00 2.98  ? 61  VAL B N   1 
ATOM   1019 C CA  . VAL B 1 63 ? -10.093 1.810   13.619  1.00 4.45  ? 61  VAL B CA  1 
ATOM   1020 C C   . VAL B 1 63 ? -10.841 2.788   14.508  1.00 4.17  ? 61  VAL B C   1 
ATOM   1021 O O   . VAL B 1 63 ? -11.847 3.353   14.099  1.00 4.69  ? 61  VAL B O   1 
ATOM   1022 C CB  . VAL B 1 63 ? -9.602  2.548   12.357  1.00 2.76  ? 61  VAL B CB  1 
ATOM   1023 C CG1 . VAL B 1 63 ? -8.734  3.730   12.749  1.00 4.92  ? 61  VAL B CG1 1 
ATOM   1024 C CG2 . VAL B 1 63 ? -8.800  1.603   11.450  1.00 3.60  ? 61  VAL B CG2 1 
ATOM   1025 N N   . VAL B 1 64 ? -10.355 2.972   15.726  1.00 4.93  ? 62  VAL B N   1 
ATOM   1026 C CA  . VAL B 1 64 ? -10.954 3.935   16.645  1.00 4.13  ? 62  VAL B CA  1 
ATOM   1027 C C   . VAL B 1 64 ? -9.994  5.069   16.987  1.00 5.19  ? 62  VAL B C   1 
ATOM   1028 O O   . VAL B 1 64 ? -8.772  4.901   16.961  1.00 6.13  ? 62  VAL B O   1 
ATOM   1029 C CB  . VAL B 1 64 ? -11.423 3.254   17.958  1.00 6.38  ? 62  VAL B CB  1 
ATOM   1030 C CG1 . VAL B 1 64 ? -12.513 2.222   17.652  1.00 6.20  ? 62  VAL B CG1 1 
ATOM   1031 C CG2 . VAL B 1 64 ? -10.257 2.606   18.686  1.00 5.74  ? 62  VAL B CG2 1 
ATOM   1032 N N   . LYS B 1 65 ? -10.567 6.230   17.299  1.00 5.67  ? 63  LYS B N   1 
ATOM   1033 C CA  . LYS B 1 65 ? -9.798  7.433   17.606  1.00 5.64  ? 63  LYS B CA  1 
ATOM   1034 C C   . LYS B 1 65 ? -9.499  7.485   19.091  1.00 5.44  ? 63  LYS B C   1 
ATOM   1035 O O   . LYS B 1 65 ? -10.407 7.329   19.898  1.00 4.08  ? 63  LYS B O   1 
ATOM   1036 C CB  . LYS B 1 65 ? -10.559 8.696   17.179  1.00 5.58  ? 63  LYS B CB  1 
ATOM   1037 C CG  . LYS B 1 65 ? -10.814 8.784   15.672  1.00 8.17  ? 63  LYS B CG  1 
ATOM   1038 C CD  . LYS B 1 65 ? -11.440 10.133  15.275  1.00 6.35  ? 63  LYS B CD  1 
ATOM   1039 C CE  . LYS B 1 65 ? -11.827 10.141  13.788  1.00 9.09  ? 63  LYS B CE  1 
ATOM   1040 N NZ  . LYS B 1 65 ? -12.884 9.136   13.442  1.00 7.79  ? 63  LYS B NZ  1 
ATOM   1041 N N   . LEU B 1 66 ? -8.234  7.720   19.433  1.00 4.30  ? 64  LEU B N   1 
ATOM   1042 C CA  . LEU B 1 66 ? -7.817  7.850   20.827  1.00 6.65  ? 64  LEU B CA  1 
ATOM   1043 C C   . LEU B 1 66 ? -7.695  9.311   21.244  1.00 8.77  ? 64  LEU B C   1 
ATOM   1044 O O   . LEU B 1 66 ? -7.419  9.620   22.420  1.00 4.05  ? 64  LEU B O   1 
ATOM   1045 C CB  . LEU B 1 66 ? -6.486  7.144   21.044  1.00 8.35  ? 64  LEU B CB  1 
ATOM   1046 C CG  . LEU B 1 66 ? -6.462  5.660   20.691  1.00 6.51  ? 64  LEU B CG  1 
ATOM   1047 C CD1 . LEU B 1 66 ? -5.057  5.118   20.894  1.00 9.60  ? 64  LEU B CD1 1 
ATOM   1048 C CD2 . LEU B 1 66 ? -7.475  4.904   21.548  1.00 5.57  ? 64  LEU B CD2 1 
ATOM   1049 O OXT . LEU B 1 66 ? -7.857  10.206  20.404  1.00 5.51  ? 64  LEU B OXT 1 
HETATM 1050 S S   . SO4 C 2 .  ? 10.001  -12.153 -17.900 1.00 14.07 ? 101 SO4 A S   1 
HETATM 1051 O O1  . SO4 C 2 .  ? 11.071  -12.827 -17.296 1.00 13.29 ? 101 SO4 A O1  1 
HETATM 1052 O O2  . SO4 C 2 .  ? 10.424  -10.910 -18.365 1.00 10.95 ? 101 SO4 A O2  1 
HETATM 1053 O O3  . SO4 C 2 .  ? 9.548   -13.009 -18.935 1.00 15.85 ? 101 SO4 A O3  1 
HETATM 1054 O O4  . SO4 C 2 .  ? 8.963   -11.984 -16.972 1.00 15.60 ? 101 SO4 A O4  1 
HETATM 1055 S S   . SO4 D 2 .  ? 16.058  -14.134 -17.401 1.00 21.08 ? 102 SO4 A S   1 
HETATM 1056 O O1  . SO4 D 2 .  ? 16.434  -13.169 -16.407 1.00 20.33 ? 102 SO4 A O1  1 
HETATM 1057 O O2  . SO4 D 2 .  ? 17.249  -14.565 -17.945 1.00 16.91 ? 102 SO4 A O2  1 
HETATM 1058 O O3  . SO4 D 2 .  ? 15.356  -15.171 -16.701 1.00 16.12 ? 102 SO4 A O3  1 
HETATM 1059 O O4  . SO4 D 2 .  ? 15.260  -13.532 -18.391 1.00 15.80 ? 102 SO4 A O4  1 
HETATM 1060 S S   . SO4 E 2 .  ? -15.608 9.724   16.423  1.00 19.31 ? 101 SO4 B S   1 
HETATM 1061 O O1  . SO4 E 2 .  ? -15.278 11.085  16.824  1.00 22.19 ? 101 SO4 B O1  1 
HETATM 1062 O O2  . SO4 E 2 .  ? -15.259 9.566   15.050  1.00 16.24 ? 101 SO4 B O2  1 
HETATM 1063 O O3  . SO4 E 2 .  ? -14.706 8.991   17.247  1.00 17.60 ? 101 SO4 B O3  1 
HETATM 1064 O O4  . SO4 E 2 .  ? -16.929 9.255   16.671  1.00 19.04 ? 101 SO4 B O4  1 
HETATM 1065 S S   . SO4 F 2 .  ? -15.044 16.325  17.205  1.00 36.90 ? 102 SO4 B S   1 
HETATM 1066 O O1  . SO4 F 2 .  ? -13.690 16.665  16.981  1.00 32.88 ? 102 SO4 B O1  1 
HETATM 1067 O O2  . SO4 F 2 .  ? -15.784 17.041  16.153  1.00 38.19 ? 102 SO4 B O2  1 
HETATM 1068 O O3  . SO4 F 2 .  ? -15.443 15.009  17.037  1.00 36.34 ? 102 SO4 B O3  1 
HETATM 1069 O O4  . SO4 F 2 .  ? -15.243 16.818  18.471  1.00 30.93 ? 102 SO4 B O4  1 
HETATM 1070 S S   . SO4 G 2 .  ? 3.393   13.791  4.965   1.00 33.15 ? 103 SO4 B S   1 
HETATM 1071 O O1  . SO4 G 2 .  ? 3.629   14.596  6.089   1.00 30.51 ? 103 SO4 B O1  1 
HETATM 1072 O O2  . SO4 G 2 .  ? 4.550   13.975  4.165   1.00 30.37 ? 103 SO4 B O2  1 
HETATM 1073 O O3  . SO4 G 2 .  ? 3.280   12.485  5.386   1.00 26.37 ? 103 SO4 B O3  1 
HETATM 1074 O O4  . SO4 G 2 .  ? 2.216   14.223  4.223   1.00 20.14 ? 103 SO4 B O4  1 
HETATM 1075 O O   . HOH H 3 .  ? 12.070  7.177   -16.744 1.00 4.53  ? 201 HOH A O   1 
HETATM 1076 O O   . HOH H 3 .  ? -2.973  -16.316 -0.387  1.00 24.83 ? 202 HOH A O   1 
HETATM 1077 O O   . HOH H 3 .  ? 20.063  -2.857  -6.183  1.00 16.44 ? 203 HOH A O   1 
HETATM 1078 O O   . HOH H 3 .  ? -0.996  5.002   -18.434 1.00 21.87 ? 204 HOH A O   1 
HETATM 1079 O O   . HOH H 3 .  ? 1.126   -2.943  -19.692 1.00 19.33 ? 205 HOH A O   1 
HETATM 1080 O O   . HOH H 3 .  ? -1.728  -18.470 -2.313  1.00 20.02 ? 206 HOH A O   1 
HETATM 1081 O O   . HOH H 3 .  ? -0.099  -21.314 -2.372  1.00 22.25 ? 207 HOH A O   1 
HETATM 1082 O O   . HOH H 3 .  ? 4.312   6.656   -21.359 1.00 15.55 ? 208 HOH A O   1 
HETATM 1083 O O   . HOH H 3 .  ? 7.777   -7.980  -21.157 1.00 19.11 ? 209 HOH A O   1 
HETATM 1084 O O   . HOH H 3 .  ? 0.858   4.921   -21.761 1.00 20.83 ? 210 HOH A O   1 
HETATM 1085 O O   . HOH H 3 .  ? 20.277  -3.947  -11.548 1.00 28.79 ? 211 HOH A O   1 
HETATM 1086 O O   . HOH H 3 .  ? 19.582  7.933   -5.914  1.00 11.91 ? 212 HOH A O   1 
HETATM 1087 O O   . HOH H 3 .  ? -1.146  3.991   -2.186  1.00 14.84 ? 213 HOH A O   1 
HETATM 1088 O O   . HOH H 3 .  ? 11.879  1.633   3.395   1.00 25.34 ? 214 HOH A O   1 
HETATM 1089 O O   . HOH H 3 .  ? 14.815  2.968   -1.160  1.00 26.35 ? 215 HOH A O   1 
HETATM 1090 O O   . HOH H 3 .  ? 19.649  -5.242  -18.789 1.00 5.42  ? 216 HOH A O   1 
HETATM 1091 O O   . HOH H 3 .  ? 3.110   5.146   -4.518  1.00 5.51  ? 217 HOH A O   1 
HETATM 1092 O O   . HOH H 3 .  ? 7.716   13.493  -24.341 1.00 23.27 ? 218 HOH A O   1 
HETATM 1093 O O   . HOH H 3 .  ? 11.723  2.536   -0.061  1.00 13.57 ? 219 HOH A O   1 
HETATM 1094 O O   . HOH H 3 .  ? 7.909   4.918   -0.049  1.00 8.93  ? 220 HOH A O   1 
HETATM 1095 O O   . HOH H 3 .  ? -1.185  6.504   -15.955 1.00 12.18 ? 221 HOH A O   1 
HETATM 1096 O O   . HOH H 3 .  ? 6.911   9.835   -15.078 1.00 1.44  ? 222 HOH A O   1 
HETATM 1097 O O   . HOH H 3 .  ? 19.729  -13.943 -17.314 1.00 5.65  ? 223 HOH A O   1 
HETATM 1098 O O   . HOH H 3 .  ? 4.298   4.393   -1.253  1.00 11.34 ? 224 HOH A O   1 
HETATM 1099 O O   . HOH H 3 .  ? 18.773  -1.524  -17.041 1.00 23.92 ? 225 HOH A O   1 
HETATM 1100 O O   . HOH H 3 .  ? -2.433  -10.030 -4.241  1.00 13.30 ? 226 HOH A O   1 
HETATM 1101 O O   . HOH H 3 .  ? 16.053  -8.094  1.513   1.00 13.18 ? 227 HOH A O   1 
HETATM 1102 O O   . HOH H 3 .  ? 4.135   0.069   -23.095 1.00 20.25 ? 228 HOH A O   1 
HETATM 1103 O O   . HOH H 3 .  ? -7.262  -1.517  -7.652  1.00 16.10 ? 229 HOH A O   1 
HETATM 1104 O O   . HOH H 3 .  ? 14.739  -4.381  -0.819  1.00 19.50 ? 230 HOH A O   1 
HETATM 1105 O O   . HOH H 3 .  ? 9.121   -12.677 -5.273  1.00 3.47  ? 231 HOH A O   1 
HETATM 1106 O O   . HOH H 3 .  ? -7.073  7.889   -7.150  1.00 17.71 ? 232 HOH A O   1 
HETATM 1107 O O   . HOH H 3 .  ? -1.884  0.983   -4.334  1.00 9.38  ? 233 HOH A O   1 
HETATM 1108 O O   . HOH H 3 .  ? 16.064  6.526   -3.103  1.00 13.77 ? 234 HOH A O   1 
HETATM 1109 O O   . HOH H 3 .  ? 18.830  -4.457  -15.287 1.00 16.76 ? 235 HOH A O   1 
HETATM 1110 O O   . HOH H 3 .  ? -4.256  0.803   -5.907  1.00 7.79  ? 236 HOH A O   1 
HETATM 1111 O O   . HOH H 3 .  ? -1.376  -6.080  -16.975 1.00 18.97 ? 237 HOH A O   1 
HETATM 1112 O O   . HOH H 3 .  ? 11.078  4.278   -3.383  1.00 3.85  ? 238 HOH A O   1 
HETATM 1113 O O   . HOH H 3 .  ? -2.220  -1.909  -12.401 1.00 7.85  ? 239 HOH A O   1 
HETATM 1114 O O   . HOH H 3 .  ? -8.298  5.551   -6.718  1.00 16.44 ? 240 HOH A O   1 
HETATM 1115 O O   . HOH H 3 .  ? 19.382  -4.005  -8.886  1.00 14.07 ? 241 HOH A O   1 
HETATM 1116 O O   . HOH H 3 .  ? 15.552  -6.607  -14.380 1.00 8.90  ? 242 HOH A O   1 
HETATM 1117 O O   . HOH H 3 .  ? 8.142   -18.060 -3.760  1.00 12.25 ? 243 HOH A O   1 
HETATM 1118 O O   . HOH H 3 .  ? 15.765  -3.705  -4.305  1.00 12.43 ? 244 HOH A O   1 
HETATM 1119 O O   . HOH H 3 .  ? 9.259   -8.415  -18.394 1.00 4.58  ? 245 HOH A O   1 
HETATM 1120 O O   . HOH H 3 .  ? 6.932   -0.598  -19.119 1.00 8.71  ? 246 HOH A O   1 
HETATM 1121 O O   . HOH H 3 .  ? 12.254  -12.982 -14.805 1.00 9.51  ? 247 HOH A O   1 
HETATM 1122 O O   . HOH H 3 .  ? -4.297  9.589   -5.925  1.00 18.84 ? 248 HOH A O   1 
HETATM 1123 O O   . HOH H 3 .  ? 16.852  -17.428 -16.149 1.00 15.61 ? 249 HOH A O   1 
HETATM 1124 O O   . HOH H 3 .  ? -1.888  7.639   -12.127 1.00 4.89  ? 250 HOH A O   1 
HETATM 1125 O O   . HOH H 3 .  ? 14.295  4.764   -9.951  1.00 4.06  ? 251 HOH A O   1 
HETATM 1126 O O   . HOH H 3 .  ? -0.291  -3.412  -9.653  1.00 1.73  ? 252 HOH A O   1 
HETATM 1127 O O   . HOH H 3 .  ? 16.767  -12.120 -9.802  1.00 5.44  ? 253 HOH A O   1 
HETATM 1128 O O   . HOH H 3 .  ? 15.084  2.254   -7.417  1.00 12.69 ? 254 HOH A O   1 
HETATM 1129 O O   . HOH H 3 .  ? 8.482   -13.853 -2.116  1.00 6.94  ? 255 HOH A O   1 
HETATM 1130 O O   . HOH H 3 .  ? 11.677  -13.502 -12.206 1.00 2.60  ? 256 HOH A O   1 
HETATM 1131 O O   . HOH H 3 .  ? 1.790   2.834   -4.390  1.00 4.03  ? 257 HOH A O   1 
HETATM 1132 O O   . HOH H 3 .  ? 3.658   11.056  -20.195 1.00 13.56 ? 258 HOH A O   1 
HETATM 1133 O O   . HOH H 3 .  ? 7.747   -8.089  -15.929 1.00 7.61  ? 259 HOH A O   1 
HETATM 1134 O O   . HOH H 3 .  ? -5.417  5.920   -13.462 1.00 10.50 ? 260 HOH A O   1 
HETATM 1135 O O   . HOH H 3 .  ? 11.608  -7.722  -20.434 1.00 7.79  ? 261 HOH A O   1 
HETATM 1136 O O   . HOH H 3 .  ? 9.272   9.122   -16.331 1.00 5.17  ? 262 HOH A O   1 
HETATM 1137 O O   . HOH H 3 .  ? 4.845   9.057   -16.734 1.00 7.91  ? 263 HOH A O   1 
HETATM 1138 O O   . HOH H 3 .  ? 17.059  -9.581  -8.981  1.00 3.75  ? 264 HOH A O   1 
HETATM 1139 O O   . HOH H 3 .  ? 20.128  5.143   -3.915  1.00 24.07 ? 265 HOH A O   1 
HETATM 1140 O O   . HOH H 3 .  ? 3.372   -22.197 -0.033  1.00 34.72 ? 266 HOH A O   1 
HETATM 1141 O O   . HOH H 3 .  ? 8.180   2.843   2.348   1.00 27.69 ? 267 HOH A O   1 
HETATM 1142 O O   . HOH H 3 .  ? 17.577  7.001   -17.161 1.00 36.45 ? 268 HOH A O   1 
HETATM 1143 O O   . HOH H 3 .  ? -9.186  4.768   -10.697 1.00 25.21 ? 269 HOH A O   1 
HETATM 1144 O O   . HOH H 3 .  ? 15.496  -1.659  -0.537  1.00 24.08 ? 270 HOH A O   1 
HETATM 1145 O O   . HOH H 3 .  ? 16.238  2.839   -10.691 1.00 20.27 ? 271 HOH A O   1 
HETATM 1146 O O   . HOH H 3 .  ? -2.445  -4.672  -11.138 1.00 14.69 ? 272 HOH A O   1 
HETATM 1147 O O   . HOH H 3 .  ? 17.941  -5.641  -12.594 1.00 10.98 ? 273 HOH A O   1 
HETATM 1148 O O   . HOH H 3 .  ? 11.499  6.927   -12.790 1.00 6.46  ? 274 HOH A O   1 
HETATM 1149 O O   . HOH H 3 .  ? 17.956  -13.317 -13.970 1.00 6.48  ? 275 HOH A O   1 
HETATM 1150 O O   . HOH H 3 .  ? 2.157   -13.686 3.153   1.00 13.13 ? 276 HOH A O   1 
HETATM 1151 O O   . HOH H 3 .  ? -2.462  5.795   -1.569  1.00 20.52 ? 277 HOH A O   1 
HETATM 1152 O O   . HOH H 3 .  ? -6.147  -3.304  -10.019 1.00 20.65 ? 278 HOH A O   1 
HETATM 1153 O O   . HOH H 3 .  ? 3.784   -13.002 -14.976 1.00 22.81 ? 279 HOH A O   1 
HETATM 1154 O O   . HOH H 3 .  ? 14.240  13.140  -4.508  1.00 13.41 ? 280 HOH A O   1 
HETATM 1155 O O   . HOH H 3 .  ? 4.683   2.150   -20.999 1.00 25.65 ? 281 HOH A O   1 
HETATM 1156 O O   . HOH H 3 .  ? -1.170  -1.561  0.248   1.00 13.89 ? 282 HOH A O   1 
HETATM 1157 O O   . HOH H 3 .  ? -0.780  -3.682  -16.363 1.00 9.90  ? 283 HOH A O   1 
HETATM 1158 O O   . HOH H 3 .  ? 2.973   -7.952  3.855   1.00 22.10 ? 284 HOH A O   1 
HETATM 1159 O O   . HOH H 3 .  ? 16.565  -11.510 -12.364 1.00 7.44  ? 285 HOH A O   1 
HETATM 1160 O O   . HOH H 3 .  ? -7.297  -2.967  -2.435  1.00 27.54 ? 286 HOH A O   1 
HETATM 1161 O O   . HOH H 3 .  ? -3.990  -15.066 4.498   1.00 27.79 ? 287 HOH A O   1 
HETATM 1162 O O   . HOH H 3 .  ? 13.857  4.620   -2.796  1.00 7.35  ? 288 HOH A O   1 
HETATM 1163 O O   . HOH H 3 .  ? 6.167   -1.101  -21.496 1.00 13.11 ? 289 HOH A O   1 
HETATM 1164 O O   . HOH H 3 .  ? 15.833  3.378   -4.666  1.00 18.23 ? 290 HOH A O   1 
HETATM 1165 O O   . HOH H 3 .  ? -0.922  9.162   -7.094  1.00 11.13 ? 291 HOH A O   1 
HETATM 1166 O O   . HOH H 3 .  ? 17.774  3.124   -14.130 1.00 29.34 ? 292 HOH A O   1 
HETATM 1167 O O   . HOH H 3 .  ? -14.102 -1.733  -6.299  1.00 21.27 ? 293 HOH A O   1 
HETATM 1168 O O   . HOH H 3 .  ? 17.079  7.347   -11.954 1.00 24.14 ? 294 HOH A O   1 
HETATM 1169 O O   . HOH H 3 .  ? 3.760   -14.164 -12.871 1.00 19.72 ? 295 HOH A O   1 
HETATM 1170 O O   . HOH H 3 .  ? 22.638  -2.831  -5.696  1.00 14.20 ? 296 HOH A O   1 
HETATM 1171 O O   . HOH H 3 .  ? 18.388  -4.216  -4.816  1.00 16.23 ? 297 HOH A O   1 
HETATM 1172 O O   . HOH H 3 .  ? -0.811  0.304   -1.885  1.00 14.23 ? 298 HOH A O   1 
HETATM 1173 O O   . HOH H 3 .  ? 20.324  -12.709 -14.899 1.00 8.81  ? 299 HOH A O   1 
HETATM 1174 O O   . HOH H 3 .  ? 16.559  4.270   -1.612  1.00 25.21 ? 300 HOH A O   1 
HETATM 1175 O O   . HOH H 3 .  ? 0.999   2.501   -1.860  1.00 12.48 ? 301 HOH A O   1 
HETATM 1176 O O   . HOH H 3 .  ? -4.083  6.574   -15.951 1.00 24.38 ? 302 HOH A O   1 
HETATM 1177 O O   . HOH H 3 .  ? 6.130   -22.439 -0.874  1.00 28.67 ? 303 HOH A O   1 
HETATM 1178 O O   . HOH H 3 .  ? 2.431   3.032   -0.047  1.00 15.98 ? 304 HOH A O   1 
HETATM 1179 O O   . HOH I 3 .  ? 2.075   13.490  14.851  1.00 18.88 ? 201 HOH B O   1 
HETATM 1180 O O   . HOH I 3 .  ? -11.961 11.637  5.403   1.00 22.89 ? 202 HOH B O   1 
HETATM 1181 O O   . HOH I 3 .  ? 10.191  8.987   14.342  1.00 20.24 ? 203 HOH B O   1 
HETATM 1182 O O   . HOH I 3 .  ? -0.762  12.494  16.712  1.00 15.66 ? 204 HOH B O   1 
HETATM 1183 O O   . HOH I 3 .  ? -11.817 -7.782  15.848  1.00 32.28 ? 205 HOH B O   1 
HETATM 1184 O O   . HOH I 3 .  ? -9.452  13.291  5.790   1.00 7.04  ? 206 HOH B O   1 
HETATM 1185 O O   . HOH I 3 .  ? -2.959  -9.711  3.305   1.00 23.43 ? 207 HOH B O   1 
HETATM 1186 O O   . HOH I 3 .  ? -5.120  9.784   23.618  1.00 10.63 ? 208 HOH B O   1 
HETATM 1187 O O   . HOH I 3 .  ? -11.132 16.801  -0.077  1.00 16.18 ? 209 HOH B O   1 
HETATM 1188 O O   . HOH I 3 .  ? -15.870 -1.761  9.742   1.00 18.70 ? 210 HOH B O   1 
HETATM 1189 O O   . HOH I 3 .  ? -15.911 19.357  18.542  1.00 13.41 ? 211 HOH B O   1 
HETATM 1190 O O   . HOH I 3 .  ? -11.925 6.775   -4.433  1.00 20.79 ? 212 HOH B O   1 
HETATM 1191 O O   . HOH I 3 .  ? -0.865  -10.896 3.294   1.00 18.05 ? 213 HOH B O   1 
HETATM 1192 O O   . HOH I 3 .  ? 4.695   3.555   9.357   1.00 6.36  ? 214 HOH B O   1 
HETATM 1193 O O   . HOH I 3 .  ? -12.213 18.629  -5.067  1.00 20.45 ? 215 HOH B O   1 
HETATM 1194 O O   . HOH I 3 .  ? -11.952 4.260   -2.015  1.00 15.26 ? 216 HOH B O   1 
HETATM 1195 O O   . HOH I 3 .  ? -0.142  -9.200  26.547  1.00 14.49 ? 217 HOH B O   1 
HETATM 1196 O O   . HOH I 3 .  ? 0.016   -5.851  17.361  1.00 5.63  ? 218 HOH B O   1 
HETATM 1197 O O   . HOH I 3 .  ? -0.342  13.855  4.951   1.00 6.42  ? 219 HOH B O   1 
HETATM 1198 O O   . HOH I 3 .  ? -13.376 18.363  2.915   1.00 8.20  ? 220 HOH B O   1 
HETATM 1199 O O   . HOH I 3 .  ? -7.498  12.876  20.327  1.00 9.66  ? 221 HOH B O   1 
HETATM 1200 O O   . HOH I 3 .  ? -4.806  12.199  18.159  1.00 9.14  ? 222 HOH B O   1 
HETATM 1201 O O   . HOH I 3 .  ? -3.551  -9.818  9.934   1.00 6.64  ? 223 HOH B O   1 
HETATM 1202 O O   . HOH I 3 .  ? -8.948  -0.815  5.545   1.00 4.84  ? 224 HOH B O   1 
HETATM 1203 O O   . HOH I 3 .  ? -1.143  -1.978  4.328   1.00 2.92  ? 225 HOH B O   1 
HETATM 1204 O O   . HOH I 3 .  ? -5.352  15.567  13.765  1.00 5.95  ? 226 HOH B O   1 
HETATM 1205 O O   . HOH I 3 .  ? 0.395   -4.369  19.521  1.00 5.44  ? 227 HOH B O   1 
HETATM 1206 O O   . HOH I 3 .  ? -6.180  -7.793  16.602  1.00 8.29  ? 228 HOH B O   1 
HETATM 1207 O O   . HOH I 3 .  ? -9.476  11.366  22.954  1.00 3.97  ? 229 HOH B O   1 
HETATM 1208 O O   . HOH I 3 .  ? -1.856  -1.292  21.342  1.00 6.13  ? 230 HOH B O   1 
HETATM 1209 O O   . HOH I 3 .  ? -4.067  0.498   20.829  1.00 9.36  ? 231 HOH B O   1 
HETATM 1210 O O   . HOH I 3 .  ? -12.465 -1.857  2.929   1.00 29.07 ? 232 HOH B O   1 
HETATM 1211 O O   . HOH I 3 .  ? 5.021   11.487  7.283   1.00 22.80 ? 233 HOH B O   1 
HETATM 1212 O O   . HOH I 3 .  ? -16.532 5.719   7.547   1.00 16.29 ? 234 HOH B O   1 
HETATM 1213 O O   . HOH I 3 .  ? -17.809 7.850   18.887  1.00 23.81 ? 235 HOH B O   1 
HETATM 1214 O O   . HOH I 3 .  ? -12.520 13.725  12.214  1.00 7.82  ? 236 HOH B O   1 
HETATM 1215 O O   . HOH I 3 .  ? 1.071   -8.932  6.209   1.00 13.83 ? 237 HOH B O   1 
HETATM 1216 O O   . HOH I 3 .  ? 7.252   8.148   4.300   1.00 22.97 ? 238 HOH B O   1 
HETATM 1217 O O   . HOH I 3 .  ? -3.430  -11.484 20.628  1.00 10.10 ? 239 HOH B O   1 
HETATM 1218 O O   . HOH I 3 .  ? -6.714  -9.367  12.687  1.00 10.09 ? 240 HOH B O   1 
HETATM 1219 O O   . HOH I 3 .  ? 1.780   -0.188  16.947  1.00 16.01 ? 241 HOH B O   1 
HETATM 1220 O O   . HOH I 3 .  ? -4.641  -5.254  -8.882  1.00 21.51 ? 242 HOH B O   1 
HETATM 1221 O O   . HOH I 3 .  ? -17.960 5.353   10.076  1.00 19.72 ? 243 HOH B O   1 
HETATM 1222 O O   . HOH I 3 .  ? -5.322  -10.760 25.861  1.00 8.12  ? 244 HOH B O   1 
HETATM 1223 O O   . HOH I 3 .  ? -9.071  -0.593  20.006  1.00 3.30  ? 245 HOH B O   1 
HETATM 1224 O O   . HOH I 3 .  ? -9.065  11.435  12.577  1.00 11.57 ? 246 HOH B O   1 
HETATM 1225 O O   . HOH I 3 .  ? -9.083  -7.321  -0.641  1.00 33.95 ? 247 HOH B O   1 
HETATM 1226 O O   . HOH I 3 .  ? -7.816  17.049  13.400  1.00 8.85  ? 248 HOH B O   1 
HETATM 1227 O O   . HOH I 3 .  ? -13.649 12.779  15.229  1.00 24.60 ? 249 HOH B O   1 
HETATM 1228 O O   . HOH I 3 .  ? 2.177   4.411   2.512   1.00 14.12 ? 250 HOH B O   1 
HETATM 1229 O O   . HOH I 3 .  ? 5.579   1.899   4.768   1.00 9.91  ? 251 HOH B O   1 
HETATM 1230 O O   . HOH I 3 .  ? 5.798   6.584   7.017   1.00 15.87 ? 252 HOH B O   1 
HETATM 1231 O O   . HOH I 3 .  ? -13.206 -2.876  10.238  1.00 9.96  ? 253 HOH B O   1 
HETATM 1232 O O   . HOH I 3 .  ? -10.729 -1.114  18.012  1.00 15.28 ? 254 HOH B O   1 
HETATM 1233 O O   . HOH I 3 .  ? 8.788   5.379   12.040  1.00 19.20 ? 255 HOH B O   1 
HETATM 1234 O O   . HOH I 3 .  ? 0.804   11.797  10.818  1.00 9.76  ? 256 HOH B O   1 
HETATM 1235 O O   . HOH I 3 .  ? 2.789   6.383   14.623  1.00 15.71 ? 257 HOH B O   1 
HETATM 1236 O O   . HOH I 3 .  ? -12.881 6.020   14.293  1.00 3.09  ? 258 HOH B O   1 
HETATM 1237 O O   . HOH I 3 .  ? 1.185   -2.805  5.904   1.00 4.08  ? 259 HOH B O   1 
HETATM 1238 O O   . HOH I 3 .  ? -16.976 12.513  18.677  1.00 18.56 ? 260 HOH B O   1 
HETATM 1239 O O   . HOH I 3 .  ? -10.984 -3.716  6.999   1.00 14.00 ? 261 HOH B O   1 
HETATM 1240 O O   . HOH I 3 .  ? -6.881  -11.559 8.179   1.00 10.40 ? 262 HOH B O   1 
HETATM 1241 O O   . HOH I 3 .  ? -13.451 6.300   16.967  1.00 6.17  ? 263 HOH B O   1 
HETATM 1242 O O   . HOH I 3 .  ? 5.849   4.417   3.070   1.00 23.93 ? 264 HOH B O   1 
HETATM 1243 O O   . HOH I 3 .  ? 5.426   7.104   12.898  1.00 20.05 ? 265 HOH B O   1 
HETATM 1244 O O   . HOH I 3 .  ? -19.531 8.269   9.044   1.00 21.72 ? 266 HOH B O   1 
HETATM 1245 O O   . HOH I 3 .  ? -8.320  14.304  -3.841  1.00 28.94 ? 267 HOH B O   1 
HETATM 1246 O O   . HOH I 3 .  ? 2.638   -0.103  3.263   1.00 6.29  ? 268 HOH B O   1 
HETATM 1247 O O   . HOH I 3 .  ? 1.666   13.261  8.354   1.00 13.74 ? 269 HOH B O   1 
HETATM 1248 O O   . HOH I 3 .  ? 7.916   2.998   7.192   1.00 24.30 ? 270 HOH B O   1 
HETATM 1249 O O   . HOH I 3 .  ? -2.570  15.333  4.876   1.00 5.21  ? 271 HOH B O   1 
HETATM 1250 O O   . HOH I 3 .  ? -9.992  -2.084  0.991   1.00 23.82 ? 272 HOH B O   1 
HETATM 1251 O O   . HOH I 3 .  ? -8.606  14.966  1.843   1.00 11.39 ? 273 HOH B O   1 
HETATM 1252 O O   . HOH I 3 .  ? -4.205  -8.577  26.218  1.00 11.31 ? 274 HOH B O   1 
HETATM 1253 O O   . HOH I 3 .  ? 4.446   12.334  10.354  1.00 31.68 ? 275 HOH B O   1 
HETATM 1254 O O   . HOH I 3 .  ? 4.751   14.773  8.913   1.00 32.19 ? 276 HOH B O   1 
HETATM 1255 O O   . HOH I 3 .  ? 6.448   5.563   10.717  1.00 17.35 ? 277 HOH B O   1 
HETATM 1256 O O   . HOH I 3 .  ? 5.447   11.609  11.973  1.00 30.36 ? 278 HOH B O   1 
HETATM 1257 O O   . HOH I 3 .  ? -15.561 8.194   7.021   1.00 11.32 ? 279 HOH B O   1 
HETATM 1258 O O   . HOH I 3 .  ? -9.455  15.076  15.571  1.00 23.49 ? 280 HOH B O   1 
HETATM 1259 O O   . HOH I 3 .  ? -15.215 14.925  0.156   1.00 24.60 ? 281 HOH B O   1 
HETATM 1260 O O   . HOH I 3 .  ? 6.285   9.848   13.438  1.00 25.79 ? 282 HOH B O   1 
HETATM 1261 O O   . HOH I 3 .  ? -10.159 -6.114  18.306  1.00 20.91 ? 283 HOH B O   1 
HETATM 1262 O O   . HOH I 3 .  ? -9.626  13.303  13.644  1.00 13.32 ? 284 HOH B O   1 
HETATM 1263 O O   . HOH I 3 .  ? -17.034 3.177   17.847  1.00 19.60 ? 285 HOH B O   1 
HETATM 1264 O O   . HOH I 3 .  ? 3.934   17.153  3.140   1.00 22.46 ? 286 HOH B O   1 
HETATM 1265 O O   . HOH I 3 .  ? -3.290  9.137   21.478  1.00 21.50 ? 287 HOH B O   1 
HETATM 1266 O O   . HOH I 3 .  ? -13.072 -8.256  -2.053  1.00 33.81 ? 288 HOH B O   1 
HETATM 1267 O O   . HOH I 3 .  ? -8.494  16.184  -0.397  1.00 21.62 ? 289 HOH B O   1 
HETATM 1268 O O   . HOH I 3 .  ? 6.526   13.101  7.547   1.00 33.23 ? 290 HOH B O   1 
HETATM 1269 O O   . HOH I 3 .  ? -4.701  10.669  -2.165  1.00 8.65  ? 291 HOH B O   1 
HETATM 1270 O O   . HOH I 3 .  ? -7.901  -5.433  -1.552  1.00 18.42 ? 292 HOH B O   1 
HETATM 1271 O O   . HOH I 3 .  ? -10.026 17.583  17.003  1.00 16.09 ? 293 HOH B O   1 
HETATM 1272 O O   . HOH I 3 .  ? -15.017 17.850  0.008   1.00 28.94 ? 294 HOH B O   1 
HETATM 1273 O O   . HOH I 3 .  ? 6.962   10.262  6.344   1.00 32.61 ? 295 HOH B O   1 
HETATM 1274 O O   . HOH I 3 .  ? 1.281   14.137  12.270  1.00 9.87  ? 296 HOH B O   1 
HETATM 1275 O O   . HOH I 3 .  ? -2.217  -8.796  28.030  1.00 9.23  ? 297 HOH B O   1 
HETATM 1276 O O   . HOH I 3 .  ? -13.672 -2.790  1.244   1.00 24.94 ? 298 HOH B O   1 
HETATM 1277 O O   . HOH I 3 .  ? -3.825  8.450   -3.384  1.00 14.35 ? 299 HOH B O   1 
HETATM 1278 O O   . HOH I 3 .  ? -14.783 -7.058  16.206  1.00 31.93 ? 300 HOH B O   1 
HETATM 1279 O O   . HOH I 3 .  ? -19.245 12.316  17.573  1.00 26.43 ? 301 HOH B O   1 
HETATM 1280 O O   . HOH I 3 .  ? 5.724   15.009  14.667  1.00 26.60 ? 302 HOH B O   1 
HETATM 1281 O O   . HOH I 3 .  ? -15.103 4.880   18.062  1.00 12.52 ? 303 HOH B O   1 
HETATM 1282 O O   . HOH I 3 .  ? 0.038   -13.145 4.299   1.00 17.36 ? 304 HOH B O   1 
HETATM 1283 O O   . HOH I 3 .  ? 3.983   2.038   1.919   1.00 21.67 ? 305 HOH B O   1 
HETATM 1284 O O   . HOH I 3 .  ? 0.624   -1.618  2.310   1.00 9.61  ? 306 HOH B O   1 
HETATM 1285 O O   . HOH I 3 .  ? -9.616  -11.157 7.474   1.00 23.62 ? 307 HOH B O   1 
HETATM 1286 O O   . HOH I 3 .  ? 3.185   15.626  15.872  1.00 17.12 ? 308 HOH B O   1 
HETATM 1287 O O   . HOH I 3 .  ? -12.317 -3.545  17.948  1.00 22.99 ? 309 HOH B O   1 
HETATM 1288 O O   . HOH I 3 .  ? -6.628  -11.869 10.940  1.00 32.15 ? 310 HOH B O   1 
HETATM 1289 O O   . HOH I 3 .  ? 8.193   5.213   7.716   1.00 25.26 ? 311 HOH B O   1 
HETATM 1290 O O   . HOH I 3 .  ? 7.123   17.409  6.281   1.00 28.68 ? 312 HOH B O   1 
HETATM 1291 O O   . HOH I 3 .  ? -2.497  1.519   23.312  1.00 16.60 ? 313 HOH B O   1 
HETATM 1292 O O   . HOH I 3 .  ? -19.712 11.651  19.478  1.00 33.67 ? 314 HOH B O   1 
HETATM 1293 O O   . HOH I 3 .  ? 1.770   -4.211  1.972   1.00 16.63 ? 315 HOH B O   1 
HETATM 1294 O O   . HOH I 3 .  ? -12.681 -7.235  9.651   1.00 28.80 ? 316 HOH B O   1 
HETATM 1295 O O   . HOH I 3 .  ? -12.719 -11.315 15.204  1.00 30.14 ? 317 HOH B O   1 
# 
loop_
_pdbx_poly_seq_scheme.asym_id 
_pdbx_poly_seq_scheme.entity_id 
_pdbx_poly_seq_scheme.seq_id 
_pdbx_poly_seq_scheme.mon_id 
_pdbx_poly_seq_scheme.ndb_seq_num 
_pdbx_poly_seq_scheme.pdb_seq_num 
_pdbx_poly_seq_scheme.auth_seq_num 
_pdbx_poly_seq_scheme.pdb_mon_id 
_pdbx_poly_seq_scheme.auth_mon_id 
_pdbx_poly_seq_scheme.pdb_strand_id 
_pdbx_poly_seq_scheme.pdb_ins_code 
_pdbx_poly_seq_scheme.hetero 
A 1 1  GLY 1  -1 ?  ?   ?   A . n 
A 1 2  HIS 2  0  0  HIS HIS A . n 
A 1 3  MET 3  1  1  MET MET A . n 
A 1 4  GLN 4  2  2  GLN GLN A . n 
A 1 5  ARG 5  3  3  ARG ARG A . n 
A 1 6  GLY 6  4  4  GLY GLY A . n 
A 1 7  LYS 7  5  5  LYS LYS A . n 
A 1 8  VAL 8  6  6  VAL VAL A . n 
A 1 9  LYS 9  7  7  LYS LYS A . n 
A 1 10 TRP 10 8  8  TRP TRP A . n 
A 1 11 PHE 11 9  9  PHE PHE A . n 
A 1 12 ASN 12 10 10 ASN ASN A . n 
A 1 13 ASN 13 11 11 ASN ASN A . n 
A 1 14 GLU 14 12 12 GLU GLU A . n 
A 1 15 LYS 15 13 13 LYS LYS A . n 
A 1 16 GLY 16 14 14 GLY GLY A . n 
A 1 17 TYR 17 15 15 TYR TYR A . n 
A 1 18 GLY 18 16 16 GLY GLY A . n 
A 1 19 PHE 19 17 17 PHE PHE A . n 
A 1 20 ILE 20 18 18 ILE ILE A . n 
A 1 21 GLU 21 19 19 GLU GLU A . n 
A 1 22 VAL 22 20 20 VAL VAL A . n 
A 1 23 GLU 23 21 21 GLU GLU A . n 
A 1 24 GLY 24 22 22 GLY GLY A . n 
A 1 25 GLY 25 23 23 GLY GLY A . n 
A 1 26 SER 26 24 24 SER SER A . n 
A 1 27 ASP 27 25 25 ASP ASP A . n 
A 1 28 VAL 28 26 26 VAL VAL A . n 
A 1 29 PHE 29 27 27 PHE PHE A . n 
A 1 30 VAL 30 28 28 VAL VAL A . n 
A 1 31 HIS 31 29 29 HIS HIS A . n 
A 1 32 PHE 32 30 30 PHE PHE A . n 
A 1 33 THR 33 31 31 THR THR A . n 
A 1 34 ALA 34 32 32 ALA ALA A . n 
A 1 35 ILE 35 33 33 ILE ILE A . n 
A 1 36 GLN 36 34 34 GLN GLN A . n 
A 1 37 GLY 37 35 35 GLY GLY A . n 
A 1 38 PHE 38 36 36 PHE PHE A . n 
A 1 39 LYS 39 37 37 LYS LYS A . n 
A 1 40 THR 40 38 38 THR THR A . n 
A 1 41 LEU 41 39 39 LEU LEU A . n 
A 1 42 GLU 42 40 40 GLU GLU A . n 
A 1 43 GLU 43 41 41 GLU GLU A . n 
A 1 44 GLY 44 42 42 GLY GLY A . n 
A 1 45 GLN 45 43 43 GLN GLN A . n 
A 1 46 GLU 46 44 44 GLU GLU A . n 
A 1 47 VAL 47 45 45 VAL VAL A . n 
A 1 48 SER 48 46 46 SER SER A . n 
A 1 49 PHE 49 47 47 PHE PHE A . n 
A 1 50 GLU 50 48 48 GLU GLU A . n 
A 1 51 ILE 51 49 49 ILE ILE A . n 
A 1 52 VAL 52 50 50 VAL VAL A . n 
A 1 53 GLN 53 51 51 GLN GLN A . n 
A 1 54 GLY 54 52 52 GLY GLY A . n 
A 1 55 ASN 55 53 53 ASN ASN A . n 
A 1 56 ARG 56 54 54 ARG ARG A . n 
A 1 57 GLY 57 55 55 GLY GLY A . n 
A 1 58 PRO 58 56 56 PRO PRO A . n 
A 1 59 GLN 59 57 57 GLN GLN A . n 
A 1 60 ALA 60 58 58 ALA ALA A . n 
A 1 61 ALA 61 59 59 ALA ALA A . n 
A 1 62 ASN 62 60 60 ASN ASN A . n 
A 1 63 VAL 63 61 61 VAL VAL A . n 
A 1 64 VAL 64 62 62 VAL VAL A . n 
A 1 65 LYS 65 63 63 LYS LYS A . n 
A 1 66 LEU 66 64 64 LEU LEU A . n 
B 1 1  GLY 1  -1 -1 GLY GLY B . n 
B 1 2  HIS 2  0  0  HIS HIS B . n 
B 1 3  MET 3  1  1  MET MET B . n 
B 1 4  GLN 4  2  2  GLN GLN B . n 
B 1 5  ARG 5  3  3  ARG ARG B . n 
B 1 6  GLY 6  4  4  GLY GLY B . n 
B 1 7  LYS 7  5  5  LYS LYS B . n 
B 1 8  VAL 8  6  6  VAL VAL B . n 
B 1 9  LYS 9  7  7  LYS LYS B . n 
B 1 10 TRP 10 8  8  TRP TRP B . n 
B 1 11 PHE 11 9  9  PHE PHE B . n 
B 1 12 ASN 12 10 10 ASN ASN B . n 
B 1 13 ASN 13 11 11 ASN ASN B . n 
B 1 14 GLU 14 12 12 GLU GLU B . n 
B 1 15 LYS 15 13 13 LYS LYS B . n 
B 1 16 GLY 16 14 14 GLY GLY B . n 
B 1 17 TYR 17 15 15 TYR TYR B . n 
B 1 18 GLY 18 16 16 GLY GLY B . n 
B 1 19 PHE 19 17 17 PHE PHE B . n 
B 1 20 ILE 20 18 18 ILE ILE B . n 
B 1 21 GLU 21 19 19 GLU GLU B . n 
B 1 22 VAL 22 20 20 VAL VAL B . n 
B 1 23 GLU 23 21 21 GLU GLU B . n 
B 1 24 GLY 24 22 22 GLY GLY B . n 
B 1 25 GLY 25 23 23 GLY GLY B . n 
B 1 26 SER 26 24 24 SER SER B . n 
B 1 27 ASP 27 25 25 ASP ASP B . n 
B 1 28 VAL 28 26 26 VAL VAL B . n 
B 1 29 PHE 29 27 27 PHE PHE B . n 
B 1 30 VAL 30 28 28 VAL VAL B . n 
B 1 31 HIS 31 29 29 HIS HIS B . n 
B 1 32 PHE 32 30 30 PHE PHE B . n 
B 1 33 THR 33 31 31 THR THR B . n 
B 1 34 ALA 34 32 32 ALA ALA B . n 
B 1 35 ILE 35 33 33 ILE ILE B . n 
B 1 36 GLN 36 34 34 GLN GLN B . n 
B 1 37 GLY 37 35 35 GLY GLY B . n 
B 1 38 PHE 38 36 36 PHE PHE B . n 
B 1 39 LYS 39 37 37 LYS LYS B . n 
B 1 40 THR 40 38 38 THR THR B . n 
B 1 41 LEU 41 39 39 LEU LEU B . n 
B 1 42 GLU 42 40 40 GLU GLU B . n 
B 1 43 GLU 43 41 41 GLU GLU B . n 
B 1 44 GLY 44 42 42 GLY GLY B . n 
B 1 45 GLN 45 43 43 GLN GLN B . n 
B 1 46 GLU 46 44 44 GLU GLU B . n 
B 1 47 VAL 47 45 45 VAL VAL B . n 
B 1 48 SER 48 46 46 SER SER B . n 
B 1 49 PHE 49 47 47 PHE PHE B . n 
B 1 50 GLU 50 48 48 GLU GLU B . n 
B 1 51 ILE 51 49 49 ILE ILE B . n 
B 1 52 VAL 52 50 50 VAL VAL B . n 
B 1 53 GLN 53 51 51 GLN GLN B . n 
B 1 54 GLY 54 52 52 GLY GLY B . n 
B 1 55 ASN 55 53 53 ASN ASN B . n 
B 1 56 ARG 56 54 54 ARG ARG B . n 
B 1 57 GLY 57 55 55 GLY GLY B . n 
B 1 58 PRO 58 56 56 PRO PRO B . n 
B 1 59 GLN 59 57 57 GLN GLN B . n 
B 1 60 ALA 60 58 58 ALA ALA B . n 
B 1 61 ALA 61 59 59 ALA ALA B . n 
B 1 62 ASN 62 60 60 ASN ASN B . n 
B 1 63 VAL 63 61 61 VAL VAL B . n 
B 1 64 VAL 64 62 62 VAL VAL B . n 
B 1 65 LYS 65 63 63 LYS LYS B . n 
B 1 66 LEU 66 64 64 LEU LEU B . n 
# 
loop_
_pdbx_nonpoly_scheme.asym_id 
_pdbx_nonpoly_scheme.entity_id 
_pdbx_nonpoly_scheme.mon_id 
_pdbx_nonpoly_scheme.ndb_seq_num 
_pdbx_nonpoly_scheme.pdb_seq_num 
_pdbx_nonpoly_scheme.auth_seq_num 
_pdbx_nonpoly_scheme.pdb_mon_id 
_pdbx_nonpoly_scheme.auth_mon_id 
_pdbx_nonpoly_scheme.pdb_strand_id 
_pdbx_nonpoly_scheme.pdb_ins_code 
C 2 SO4 1   101 221 SO4 SO4 A . 
D 2 SO4 1   102 222 SO4 SO4 A . 
E 2 SO4 1   101 223 SO4 SO4 B . 
F 2 SO4 1   102 224 SO4 SO4 B . 
G 2 SO4 1   103 225 SO4 SO4 B . 
H 3 HOH 1   201 2   HOH HOH A . 
H 3 HOH 2   202 167 HOH HOH A . 
H 3 HOH 3   203 107 HOH HOH A . 
H 3 HOH 4   204 138 HOH HOH A . 
H 3 HOH 5   205 221 HOH HOH A . 
H 3 HOH 6   206 141 HOH HOH A . 
H 3 HOH 7   207 194 HOH HOH A . 
H 3 HOH 8   208 97  HOH HOH A . 
H 3 HOH 9   209 123 HOH HOH A . 
H 3 HOH 10  210 89  HOH HOH A . 
H 3 HOH 11  211 204 HOH HOH A . 
H 3 HOH 12  212 34  HOH HOH A . 
H 3 HOH 13  213 105 HOH HOH A . 
H 3 HOH 14  214 149 HOH HOH A . 
H 3 HOH 15  215 173 HOH HOH A . 
H 3 HOH 16  216 7   HOH HOH A . 
H 3 HOH 17  217 11  HOH HOH A . 
H 3 HOH 18  218 48  HOH HOH A . 
H 3 HOH 19  219 114 HOH HOH A . 
H 3 HOH 20  220 29  HOH HOH A . 
H 3 HOH 21  221 94  HOH HOH A . 
H 3 HOH 22  222 198 HOH HOH A . 
H 3 HOH 23  223 78  HOH HOH A . 
H 3 HOH 24  224 65  HOH HOH A . 
H 3 HOH 25  225 175 HOH HOH A . 
H 3 HOH 26  226 111 HOH HOH A . 
H 3 HOH 27  227 71  HOH HOH A . 
H 3 HOH 28  228 140 HOH HOH A . 
H 3 HOH 29  229 64  HOH HOH A . 
H 3 HOH 30  230 166 HOH HOH A . 
H 3 HOH 31  231 18  HOH HOH A . 
H 3 HOH 32  232 82  HOH HOH A . 
H 3 HOH 33  233 55  HOH HOH A . 
H 3 HOH 34  234 88  HOH HOH A . 
H 3 HOH 35  235 144 HOH HOH A . 
H 3 HOH 36  236 6   HOH HOH A . 
H 3 HOH 37  237 160 HOH HOH A . 
H 3 HOH 38  238 17  HOH HOH A . 
H 3 HOH 39  239 28  HOH HOH A . 
H 3 HOH 40  240 110 HOH HOH A . 
H 3 HOH 41  241 70  HOH HOH A . 
H 3 HOH 42  242 58  HOH HOH A . 
H 3 HOH 43  243 90  HOH HOH A . 
H 3 HOH 44  244 108 HOH HOH A . 
H 3 HOH 45  245 128 HOH HOH A . 
H 3 HOH 46  246 220 HOH HOH A . 
H 3 HOH 47  247 181 HOH HOH A . 
H 3 HOH 48  248 83  HOH HOH A . 
H 3 HOH 49  249 117 HOH HOH A . 
H 3 HOH 50  250 1   HOH HOH A . 
H 3 HOH 51  251 12  HOH HOH A . 
H 3 HOH 52  252 213 HOH HOH A . 
H 3 HOH 53  253 4   HOH HOH A . 
H 3 HOH 54  254 215 HOH HOH A . 
H 3 HOH 55  255 219 HOH HOH A . 
H 3 HOH 56  256 211 HOH HOH A . 
H 3 HOH 57  257 27  HOH HOH A . 
H 3 HOH 58  258 134 HOH HOH A . 
H 3 HOH 59  259 104 HOH HOH A . 
H 3 HOH 60  260 23  HOH HOH A . 
H 3 HOH 61  261 92  HOH HOH A . 
H 3 HOH 62  262 10  HOH HOH A . 
H 3 HOH 63  263 69  HOH HOH A . 
H 3 HOH 64  264 5   HOH HOH A . 
H 3 HOH 65  265 203 HOH HOH A . 
H 3 HOH 66  266 168 HOH HOH A . 
H 3 HOH 67  267 206 HOH HOH A . 
H 3 HOH 68  268 197 HOH HOH A . 
H 3 HOH 69  269 163 HOH HOH A . 
H 3 HOH 70  270 155 HOH HOH A . 
H 3 HOH 71  271 165 HOH HOH A . 
H 3 HOH 72  272 157 HOH HOH A . 
H 3 HOH 73  273 76  HOH HOH A . 
H 3 HOH 74  274 35  HOH HOH A . 
H 3 HOH 75  275 22  HOH HOH A . 
H 3 HOH 76  276 53  HOH HOH A . 
H 3 HOH 77  277 188 HOH HOH A . 
H 3 HOH 78  278 115 HOH HOH A . 
H 3 HOH 79  279 202 HOH HOH A . 
H 3 HOH 80  280 159 HOH HOH A . 
H 3 HOH 81  281 187 HOH HOH A . 
H 3 HOH 82  282 101 HOH HOH A . 
H 3 HOH 83  283 96  HOH HOH A . 
H 3 HOH 84  284 122 HOH HOH A . 
H 3 HOH 85  285 67  HOH HOH A . 
H 3 HOH 86  286 164 HOH HOH A . 
H 3 HOH 87  287 170 HOH HOH A . 
H 3 HOH 88  288 15  HOH HOH A . 
H 3 HOH 89  289 137 HOH HOH A . 
H 3 HOH 90  290 150 HOH HOH A . 
H 3 HOH 91  291 127 HOH HOH A . 
H 3 HOH 92  292 196 HOH HOH A . 
H 3 HOH 93  293 200 HOH HOH A . 
H 3 HOH 94  294 129 HOH HOH A . 
H 3 HOH 95  295 147 HOH HOH A . 
H 3 HOH 96  296 26  HOH HOH A . 
H 3 HOH 97  297 75  HOH HOH A . 
H 3 HOH 98  298 113 HOH HOH A . 
H 3 HOH 99  299 121 HOH HOH A . 
H 3 HOH 100 300 131 HOH HOH A . 
H 3 HOH 101 301 145 HOH HOH A . 
H 3 HOH 102 302 85  HOH HOH A . 
H 3 HOH 103 303 184 HOH HOH A . 
H 3 HOH 104 304 59  HOH HOH A . 
I 3 HOH 1   201 84  HOH HOH B . 
I 3 HOH 2   202 81  HOH HOH B . 
I 3 HOH 3   203 118 HOH HOH B . 
I 3 HOH 4   204 214 HOH HOH B . 
I 3 HOH 5   205 172 HOH HOH B . 
I 3 HOH 6   206 72  HOH HOH B . 
I 3 HOH 7   207 186 HOH HOH B . 
I 3 HOH 8   208 39  HOH HOH B . 
I 3 HOH 9   209 73  HOH HOH B . 
I 3 HOH 10  210 112 HOH HOH B . 
I 3 HOH 11  211 152 HOH HOH B . 
I 3 HOH 12  212 47  HOH HOH B . 
I 3 HOH 13  213 42  HOH HOH B . 
I 3 HOH 14  214 20  HOH HOH B . 
I 3 HOH 15  215 95  HOH HOH B . 
I 3 HOH 16  216 132 HOH HOH B . 
I 3 HOH 17  217 46  HOH HOH B . 
I 3 HOH 18  218 218 HOH HOH B . 
I 3 HOH 19  219 21  HOH HOH B . 
I 3 HOH 20  220 98  HOH HOH B . 
I 3 HOH 21  221 56  HOH HOH B . 
I 3 HOH 22  222 44  HOH HOH B . 
I 3 HOH 23  223 16  HOH HOH B . 
I 3 HOH 24  224 8   HOH HOH B . 
I 3 HOH 25  225 199 HOH HOH B . 
I 3 HOH 26  226 38  HOH HOH B . 
I 3 HOH 27  227 189 HOH HOH B . 
I 3 HOH 28  228 102 HOH HOH B . 
I 3 HOH 29  229 3   HOH HOH B . 
I 3 HOH 30  230 25  HOH HOH B . 
I 3 HOH 31  231 60  HOH HOH B . 
I 3 HOH 32  232 158 HOH HOH B . 
I 3 HOH 33  233 133 HOH HOH B . 
I 3 HOH 34  234 57  HOH HOH B . 
I 3 HOH 35  235 209 HOH HOH B . 
I 3 HOH 36  236 24  HOH HOH B . 
I 3 HOH 37  237 54  HOH HOH B . 
I 3 HOH 38  238 77  HOH HOH B . 
I 3 HOH 39  239 45  HOH HOH B . 
I 3 HOH 40  240 74  HOH HOH B . 
I 3 HOH 41  241 103 HOH HOH B . 
I 3 HOH 42  242 142 HOH HOH B . 
I 3 HOH 43  243 91  HOH HOH B . 
I 3 HOH 44  244 51  HOH HOH B . 
I 3 HOH 45  245 19  HOH HOH B . 
I 3 HOH 46  246 136 HOH HOH B . 
I 3 HOH 47  247 193 HOH HOH B . 
I 3 HOH 48  248 13  HOH HOH B . 
I 3 HOH 49  249 210 HOH HOH B . 
I 3 HOH 50  250 99  HOH HOH B . 
I 3 HOH 51  251 32  HOH HOH B . 
I 3 HOH 52  252 125 HOH HOH B . 
I 3 HOH 53  253 49  HOH HOH B . 
I 3 HOH 54  254 41  HOH HOH B . 
I 3 HOH 55  255 161 HOH HOH B . 
I 3 HOH 56  256 93  HOH HOH B . 
I 3 HOH 57  257 116 HOH HOH B . 
I 3 HOH 58  258 212 HOH HOH B . 
I 3 HOH 59  259 9   HOH HOH B . 
I 3 HOH 60  260 130 HOH HOH B . 
I 3 HOH 61  261 79  HOH HOH B . 
I 3 HOH 62  262 37  HOH HOH B . 
I 3 HOH 63  263 31  HOH HOH B . 
I 3 HOH 64  264 52  HOH HOH B . 
I 3 HOH 65  265 207 HOH HOH B . 
I 3 HOH 66  266 191 HOH HOH B . 
I 3 HOH 67  267 208 HOH HOH B . 
I 3 HOH 68  268 50  HOH HOH B . 
I 3 HOH 69  269 62  HOH HOH B . 
I 3 HOH 70  270 40  HOH HOH B . 
I 3 HOH 71  271 33  HOH HOH B . 
I 3 HOH 72  272 179 HOH HOH B . 
I 3 HOH 73  273 80  HOH HOH B . 
I 3 HOH 74  274 36  HOH HOH B . 
I 3 HOH 75  275 201 HOH HOH B . 
I 3 HOH 76  276 183 HOH HOH B . 
I 3 HOH 77  277 124 HOH HOH B . 
I 3 HOH 78  278 185 HOH HOH B . 
I 3 HOH 79  279 61  HOH HOH B . 
I 3 HOH 80  280 154 HOH HOH B . 
I 3 HOH 81  281 135 HOH HOH B . 
I 3 HOH 82  282 169 HOH HOH B . 
I 3 HOH 83  283 174 HOH HOH B . 
I 3 HOH 84  284 14  HOH HOH B . 
I 3 HOH 85  285 43  HOH HOH B . 
I 3 HOH 86  286 120 HOH HOH B . 
I 3 HOH 87  287 216 HOH HOH B . 
I 3 HOH 88  288 182 HOH HOH B . 
I 3 HOH 89  289 153 HOH HOH B . 
I 3 HOH 90  290 146 HOH HOH B . 
I 3 HOH 91  291 143 HOH HOH B . 
I 3 HOH 92  292 190 HOH HOH B . 
I 3 HOH 93  293 151 HOH HOH B . 
I 3 HOH 94  294 171 HOH HOH B . 
I 3 HOH 95  295 205 HOH HOH B . 
I 3 HOH 96  296 100 HOH HOH B . 
I 3 HOH 97  297 68  HOH HOH B . 
I 3 HOH 98  298 148 HOH HOH B . 
I 3 HOH 99  299 126 HOH HOH B . 
I 3 HOH 100 300 176 HOH HOH B . 
I 3 HOH 101 301 106 HOH HOH B . 
I 3 HOH 102 302 63  HOH HOH B . 
I 3 HOH 103 303 86  HOH HOH B . 
I 3 HOH 104 304 87  HOH HOH B . 
I 3 HOH 105 305 66  HOH HOH B . 
I 3 HOH 106 306 30  HOH HOH B . 
I 3 HOH 107 307 177 HOH HOH B . 
I 3 HOH 108 308 139 HOH HOH B . 
I 3 HOH 109 309 192 HOH HOH B . 
I 3 HOH 110 310 162 HOH HOH B . 
I 3 HOH 111 311 119 HOH HOH B . 
I 3 HOH 112 312 178 HOH HOH B . 
I 3 HOH 113 313 156 HOH HOH B . 
I 3 HOH 114 314 195 HOH HOH B . 
I 3 HOH 115 315 109 HOH HOH B . 
I 3 HOH 116 316 217 HOH HOH B . 
I 3 HOH 117 317 180 HOH HOH B . 
# 
_pdbx_struct_assembly.id                   1 
_pdbx_struct_assembly.details              author_and_software_defined_assembly 
_pdbx_struct_assembly.method_details       PISA 
_pdbx_struct_assembly.oligomeric_details   dimeric 
_pdbx_struct_assembly.oligomeric_count     2 
# 
_pdbx_struct_assembly_gen.assembly_id       1 
_pdbx_struct_assembly_gen.oper_expression   1 
_pdbx_struct_assembly_gen.asym_id_list      A,B,C,D,E,F,G,H,I 
# 
loop_
_pdbx_struct_assembly_prop.biol_id 
_pdbx_struct_assembly_prop.type 
_pdbx_struct_assembly_prop.value 
_pdbx_struct_assembly_prop.details 
1 'ABSA (A^2)' 880  ? 
1 MORE         1    ? 
1 'SSA (A^2)'  8410 ? 
# 
_pdbx_struct_oper_list.id                   1 
_pdbx_struct_oper_list.type                 'identity operation' 
_pdbx_struct_oper_list.name                 1_555 
_pdbx_struct_oper_list.symmetry_operation   x,y,z 
_pdbx_struct_oper_list.matrix[1][1]         1.0000000000 
_pdbx_struct_oper_list.matrix[1][2]         0.0000000000 
_pdbx_struct_oper_list.matrix[1][3]         0.0000000000 
_pdbx_struct_oper_list.vector[1]            0.0000000000 
_pdbx_struct_oper_list.matrix[2][1]         0.0000000000 
_pdbx_struct_oper_list.matrix[2][2]         1.0000000000 
_pdbx_struct_oper_list.matrix[2][3]         0.0000000000 
_pdbx_struct_oper_list.vector[2]            0.0000000000 
_pdbx_struct_oper_list.matrix[3][1]         0.0000000000 
_pdbx_struct_oper_list.matrix[3][2]         0.0000000000 
_pdbx_struct_oper_list.matrix[3][3]         1.0000000000 
_pdbx_struct_oper_list.vector[3]            0.0000000000 
# 
loop_
_pdbx_audit_revision_history.ordinal 
_pdbx_audit_revision_history.data_content_type 
_pdbx_audit_revision_history.major_revision 
_pdbx_audit_revision_history.minor_revision 
_pdbx_audit_revision_history.revision_date 
1 'Structure model' 1 0 2017-05-10 
2 'Structure model' 1 1 2017-05-24 
3 'Structure model' 1 2 2017-07-05 
4 'Structure model' 1 3 2017-11-01 
5 'Structure model' 1 4 2023-09-27 
# 
_pdbx_audit_revision_details.ordinal             1 
_pdbx_audit_revision_details.revision_ordinal    1 
_pdbx_audit_revision_details.data_content_type   'Structure model' 
_pdbx_audit_revision_details.provider            repository 
_pdbx_audit_revision_details.type                'Initial release' 
_pdbx_audit_revision_details.description         ? 
_pdbx_audit_revision_details.details             ? 
# 
loop_
_pdbx_audit_revision_group.ordinal 
_pdbx_audit_revision_group.revision_ordinal 
_pdbx_audit_revision_group.data_content_type 
_pdbx_audit_revision_group.group 
1 2 'Structure model' 'Database references'        
2 3 'Structure model' 'Database references'        
3 4 'Structure model' 'Author supporting evidence' 
4 5 'Structure model' 'Data collection'            
5 5 'Structure model' 'Database references'        
6 5 'Structure model' 'Refinement description'     
# 
loop_
_pdbx_audit_revision_category.ordinal 
_pdbx_audit_revision_category.revision_ordinal 
_pdbx_audit_revision_category.data_content_type 
_pdbx_audit_revision_category.category 
1 3 'Structure model' citation                           
2 4 'Structure model' pdbx_struct_assembly_auth_evidence 
3 5 'Structure model' chem_comp_atom                     
4 5 'Structure model' chem_comp_bond                     
5 5 'Structure model' database_2                         
6 5 'Structure model' pdbx_initial_refinement_model      
# 
loop_
_pdbx_audit_revision_item.ordinal 
_pdbx_audit_revision_item.revision_ordinal 
_pdbx_audit_revision_item.data_content_type 
_pdbx_audit_revision_item.item 
1 3 'Structure model' '_citation.country'                   
2 3 'Structure model' '_citation.journal_volume'            
3 3 'Structure model' '_citation.page_first'                
4 3 'Structure model' '_citation.page_last'                 
5 5 'Structure model' '_database_2.pdbx_DOI'                
6 5 'Structure model' '_database_2.pdbx_database_accession' 
# 
loop_
_software.citation_id 
_software.classification 
_software.compiler_name 
_software.compiler_version 
_software.contact_author 
_software.contact_author_email 
_software.date 
_software.description 
_software.dependencies 
_software.hardware 
_software.language 
_software.location 
_software.mods 
_software.name 
_software.os 
_software.os_version 
_software.type 
_software.version 
_software.pdbx_ordinal 
? 'data scaling'    ? ? ? ? ? ? ? ? ? ? ? Aimless     ? ? ? 0.3.11     1 
? refinement        ? ? ? ? ? ? ? ? ? ? ? PHENIX      ? ? ? 1.8.4_1496 2 
? 'data extraction' ? ? ? ? ? ? ? ? ? ? ? PDB_EXTRACT ? ? ? 3.20       3 
? 'data reduction'  ? ? ? ? ? ? ? ? ? ? ? XDS         ? ? ? .          4 
? phasing           ? ? ? ? ? ? ? ? ? ? ? PHASER      ? ? ? .          5 
# 
loop_
_pdbx_validate_close_contact.id 
_pdbx_validate_close_contact.PDB_model_num 
_pdbx_validate_close_contact.auth_atom_id_1 
_pdbx_validate_close_contact.auth_asym_id_1 
_pdbx_validate_close_contact.auth_comp_id_1 
_pdbx_validate_close_contact.auth_seq_id_1 
_pdbx_validate_close_contact.PDB_ins_code_1 
_pdbx_validate_close_contact.label_alt_id_1 
_pdbx_validate_close_contact.auth_atom_id_2 
_pdbx_validate_close_contact.auth_asym_id_2 
_pdbx_validate_close_contact.auth_comp_id_2 
_pdbx_validate_close_contact.auth_seq_id_2 
_pdbx_validate_close_contact.PDB_ins_code_2 
_pdbx_validate_close_contact.label_alt_id_2 
_pdbx_validate_close_contact.dist 
1 1 CE  A MET 1   ? ? O A HOH 246 ? ? 1.54 
2 1 O   B HOH 275 ? ? O B HOH 278 ? ? 2.04 
3 1 O   B HOH 301 ? ? O B HOH 314 ? ? 2.07 
4 1 NH1 A ARG 3   ? ? O A HOH 201 ? ? 2.15 
# 
loop_
_pdbx_validate_symm_contact.id 
_pdbx_validate_symm_contact.PDB_model_num 
_pdbx_validate_symm_contact.auth_atom_id_1 
_pdbx_validate_symm_contact.auth_asym_id_1 
_pdbx_validate_symm_contact.auth_comp_id_1 
_pdbx_validate_symm_contact.auth_seq_id_1 
_pdbx_validate_symm_contact.PDB_ins_code_1 
_pdbx_validate_symm_contact.label_alt_id_1 
_pdbx_validate_symm_contact.site_symmetry_1 
_pdbx_validate_symm_contact.auth_atom_id_2 
_pdbx_validate_symm_contact.auth_asym_id_2 
_pdbx_validate_symm_contact.auth_comp_id_2 
_pdbx_validate_symm_contact.auth_seq_id_2 
_pdbx_validate_symm_contact.PDB_ins_code_2 
_pdbx_validate_symm_contact.label_alt_id_2 
_pdbx_validate_symm_contact.site_symmetry_2 
_pdbx_validate_symm_contact.dist 
1 1 O A HOH 269 ? ? 1_555 O A HOH 287 ? ? 2_8510 1.94 
2 1 O A HOH 279 ? ? 1_555 O B HOH 266 ? ? 2_8410 2.09 
3 1 O A HOH 292 ? ? 1_555 O A HOH 303 ? ? 2_859  2.13 
4 1 O A HOH 211 ? ? 1_555 O A HOH 248 ? ? 2_849  2.15 
5 1 O A HOH 292 ? ? 1_555 O B HOH 288 ? ? 1_554  2.15 
# 
_pdbx_unobs_or_zero_occ_residues.id               1 
_pdbx_unobs_or_zero_occ_residues.PDB_model_num    1 
_pdbx_unobs_or_zero_occ_residues.polymer_flag     Y 
_pdbx_unobs_or_zero_occ_residues.occupancy_flag   1 
_pdbx_unobs_or_zero_occ_residues.auth_asym_id     A 
_pdbx_unobs_or_zero_occ_residues.auth_comp_id     GLY 
_pdbx_unobs_or_zero_occ_residues.auth_seq_id      -1 
_pdbx_unobs_or_zero_occ_residues.PDB_ins_code     ? 
_pdbx_unobs_or_zero_occ_residues.label_asym_id    A 
_pdbx_unobs_or_zero_occ_residues.label_comp_id    GLY 
_pdbx_unobs_or_zero_occ_residues.label_seq_id     1 
# 
loop_
_chem_comp_atom.comp_id 
_chem_comp_atom.atom_id 
_chem_comp_atom.type_symbol 
_chem_comp_atom.pdbx_aromatic_flag 
_chem_comp_atom.pdbx_stereo_config 
_chem_comp_atom.pdbx_ordinal 
ALA N    N N N 1   
ALA CA   C N S 2   
ALA C    C N N 3   
ALA O    O N N 4   
ALA CB   C N N 5   
ALA OXT  O N N 6   
ALA H    H N N 7   
ALA H2   H N N 8   
ALA HA   H N N 9   
ALA HB1  H N N 10  
ALA HB2  H N N 11  
ALA HB3  H N N 12  
ALA HXT  H N N 13  
ARG N    N N N 14  
ARG CA   C N S 15  
ARG C    C N N 16  
ARG O    O N N 17  
ARG CB   C N N 18  
ARG CG   C N N 19  
ARG CD   C N N 20  
ARG NE   N N N 21  
ARG CZ   C N N 22  
ARG NH1  N N N 23  
ARG NH2  N N N 24  
ARG OXT  O N N 25  
ARG H    H N N 26  
ARG H2   H N N 27  
ARG HA   H N N 28  
ARG HB2  H N N 29  
ARG HB3  H N N 30  
ARG HG2  H N N 31  
ARG HG3  H N N 32  
ARG HD2  H N N 33  
ARG HD3  H N N 34  
ARG HE   H N N 35  
ARG HH11 H N N 36  
ARG HH12 H N N 37  
ARG HH21 H N N 38  
ARG HH22 H N N 39  
ARG HXT  H N N 40  
ASN N    N N N 41  
ASN CA   C N S 42  
ASN C    C N N 43  
ASN O    O N N 44  
ASN CB   C N N 45  
ASN CG   C N N 46  
ASN OD1  O N N 47  
ASN ND2  N N N 48  
ASN OXT  O N N 49  
ASN H    H N N 50  
ASN H2   H N N 51  
ASN HA   H N N 52  
ASN HB2  H N N 53  
ASN HB3  H N N 54  
ASN HD21 H N N 55  
ASN HD22 H N N 56  
ASN HXT  H N N 57  
ASP N    N N N 58  
ASP CA   C N S 59  
ASP C    C N N 60  
ASP O    O N N 61  
ASP CB   C N N 62  
ASP CG   C N N 63  
ASP OD1  O N N 64  
ASP OD2  O N N 65  
ASP OXT  O N N 66  
ASP H    H N N 67  
ASP H2   H N N 68  
ASP HA   H N N 69  
ASP HB2  H N N 70  
ASP HB3  H N N 71  
ASP HD2  H N N 72  
ASP HXT  H N N 73  
GLN N    N N N 74  
GLN CA   C N S 75  
GLN C    C N N 76  
GLN O    O N N 77  
GLN CB   C N N 78  
GLN CG   C N N 79  
GLN CD   C N N 80  
GLN OE1  O N N 81  
GLN NE2  N N N 82  
GLN OXT  O N N 83  
GLN H    H N N 84  
GLN H2   H N N 85  
GLN HA   H N N 86  
GLN HB2  H N N 87  
GLN HB3  H N N 88  
GLN HG2  H N N 89  
GLN HG3  H N N 90  
GLN HE21 H N N 91  
GLN HE22 H N N 92  
GLN HXT  H N N 93  
GLU N    N N N 94  
GLU CA   C N S 95  
GLU C    C N N 96  
GLU O    O N N 97  
GLU CB   C N N 98  
GLU CG   C N N 99  
GLU CD   C N N 100 
GLU OE1  O N N 101 
GLU OE2  O N N 102 
GLU OXT  O N N 103 
GLU H    H N N 104 
GLU H2   H N N 105 
GLU HA   H N N 106 
GLU HB2  H N N 107 
GLU HB3  H N N 108 
GLU HG2  H N N 109 
GLU HG3  H N N 110 
GLU HE2  H N N 111 
GLU HXT  H N N 112 
GLY N    N N N 113 
GLY CA   C N N 114 
GLY C    C N N 115 
GLY O    O N N 116 
GLY OXT  O N N 117 
GLY H    H N N 118 
GLY H2   H N N 119 
GLY HA2  H N N 120 
GLY HA3  H N N 121 
GLY HXT  H N N 122 
HIS N    N N N 123 
HIS CA   C N S 124 
HIS C    C N N 125 
HIS O    O N N 126 
HIS CB   C N N 127 
HIS CG   C Y N 128 
HIS ND1  N Y N 129 
HIS CD2  C Y N 130 
HIS CE1  C Y N 131 
HIS NE2  N Y N 132 
HIS OXT  O N N 133 
HIS H    H N N 134 
HIS H2   H N N 135 
HIS HA   H N N 136 
HIS HB2  H N N 137 
HIS HB3  H N N 138 
HIS HD1  H N N 139 
HIS HD2  H N N 140 
HIS HE1  H N N 141 
HIS HE2  H N N 142 
HIS HXT  H N N 143 
HOH O    O N N 144 
HOH H1   H N N 145 
HOH H2   H N N 146 
ILE N    N N N 147 
ILE CA   C N S 148 
ILE C    C N N 149 
ILE O    O N N 150 
ILE CB   C N S 151 
ILE CG1  C N N 152 
ILE CG2  C N N 153 
ILE CD1  C N N 154 
ILE OXT  O N N 155 
ILE H    H N N 156 
ILE H2   H N N 157 
ILE HA   H N N 158 
ILE HB   H N N 159 
ILE HG12 H N N 160 
ILE HG13 H N N 161 
ILE HG21 H N N 162 
ILE HG22 H N N 163 
ILE HG23 H N N 164 
ILE HD11 H N N 165 
ILE HD12 H N N 166 
ILE HD13 H N N 167 
ILE HXT  H N N 168 
LEU N    N N N 169 
LEU CA   C N S 170 
LEU C    C N N 171 
LEU O    O N N 172 
LEU CB   C N N 173 
LEU CG   C N N 174 
LEU CD1  C N N 175 
LEU CD2  C N N 176 
LEU OXT  O N N 177 
LEU H    H N N 178 
LEU H2   H N N 179 
LEU HA   H N N 180 
LEU HB2  H N N 181 
LEU HB3  H N N 182 
LEU HG   H N N 183 
LEU HD11 H N N 184 
LEU HD12 H N N 185 
LEU HD13 H N N 186 
LEU HD21 H N N 187 
LEU HD22 H N N 188 
LEU HD23 H N N 189 
LEU HXT  H N N 190 
LYS N    N N N 191 
LYS CA   C N S 192 
LYS C    C N N 193 
LYS O    O N N 194 
LYS CB   C N N 195 
LYS CG   C N N 196 
LYS CD   C N N 197 
LYS CE   C N N 198 
LYS NZ   N N N 199 
LYS OXT  O N N 200 
LYS H    H N N 201 
LYS H2   H N N 202 
LYS HA   H N N 203 
LYS HB2  H N N 204 
LYS HB3  H N N 205 
LYS HG2  H N N 206 
LYS HG3  H N N 207 
LYS HD2  H N N 208 
LYS HD3  H N N 209 
LYS HE2  H N N 210 
LYS HE3  H N N 211 
LYS HZ1  H N N 212 
LYS HZ2  H N N 213 
LYS HZ3  H N N 214 
LYS HXT  H N N 215 
MET N    N N N 216 
MET CA   C N S 217 
MET C    C N N 218 
MET O    O N N 219 
MET CB   C N N 220 
MET CG   C N N 221 
MET SD   S N N 222 
MET CE   C N N 223 
MET OXT  O N N 224 
MET H    H N N 225 
MET H2   H N N 226 
MET HA   H N N 227 
MET HB2  H N N 228 
MET HB3  H N N 229 
MET HG2  H N N 230 
MET HG3  H N N 231 
MET HE1  H N N 232 
MET HE2  H N N 233 
MET HE3  H N N 234 
MET HXT  H N N 235 
PHE N    N N N 236 
PHE CA   C N S 237 
PHE C    C N N 238 
PHE O    O N N 239 
PHE CB   C N N 240 
PHE CG   C Y N 241 
PHE CD1  C Y N 242 
PHE CD2  C Y N 243 
PHE CE1  C Y N 244 
PHE CE2  C Y N 245 
PHE CZ   C Y N 246 
PHE OXT  O N N 247 
PHE H    H N N 248 
PHE H2   H N N 249 
PHE HA   H N N 250 
PHE HB2  H N N 251 
PHE HB3  H N N 252 
PHE HD1  H N N 253 
PHE HD2  H N N 254 
PHE HE1  H N N 255 
PHE HE2  H N N 256 
PHE HZ   H N N 257 
PHE HXT  H N N 258 
PRO N    N N N 259 
PRO CA   C N S 260 
PRO C    C N N 261 
PRO O    O N N 262 
PRO CB   C N N 263 
PRO CG   C N N 264 
PRO CD   C N N 265 
PRO OXT  O N N 266 
PRO H    H N N 267 
PRO HA   H N N 268 
PRO HB2  H N N 269 
PRO HB3  H N N 270 
PRO HG2  H N N 271 
PRO HG3  H N N 272 
PRO HD2  H N N 273 
PRO HD3  H N N 274 
PRO HXT  H N N 275 
SER N    N N N 276 
SER CA   C N S 277 
SER C    C N N 278 
SER O    O N N 279 
SER CB   C N N 280 
SER OG   O N N 281 
SER OXT  O N N 282 
SER H    H N N 283 
SER H2   H N N 284 
SER HA   H N N 285 
SER HB2  H N N 286 
SER HB3  H N N 287 
SER HG   H N N 288 
SER HXT  H N N 289 
SO4 S    S N N 290 
SO4 O1   O N N 291 
SO4 O2   O N N 292 
SO4 O3   O N N 293 
SO4 O4   O N N 294 
THR N    N N N 295 
THR CA   C N S 296 
THR C    C N N 297 
THR O    O N N 298 
THR CB   C N R 299 
THR OG1  O N N 300 
THR CG2  C N N 301 
THR OXT  O N N 302 
THR H    H N N 303 
THR H2   H N N 304 
THR HA   H N N 305 
THR HB   H N N 306 
THR HG1  H N N 307 
THR HG21 H N N 308 
THR HG22 H N N 309 
THR HG23 H N N 310 
THR HXT  H N N 311 
TRP N    N N N 312 
TRP CA   C N S 313 
TRP C    C N N 314 
TRP O    O N N 315 
TRP CB   C N N 316 
TRP CG   C Y N 317 
TRP CD1  C Y N 318 
TRP CD2  C Y N 319 
TRP NE1  N Y N 320 
TRP CE2  C Y N 321 
TRP CE3  C Y N 322 
TRP CZ2  C Y N 323 
TRP CZ3  C Y N 324 
TRP CH2  C Y N 325 
TRP OXT  O N N 326 
TRP H    H N N 327 
TRP H2   H N N 328 
TRP HA   H N N 329 
TRP HB2  H N N 330 
TRP HB3  H N N 331 
TRP HD1  H N N 332 
TRP HE1  H N N 333 
TRP HE3  H N N 334 
TRP HZ2  H N N 335 
TRP HZ3  H N N 336 
TRP HH2  H N N 337 
TRP HXT  H N N 338 
TYR N    N N N 339 
TYR CA   C N S 340 
TYR C    C N N 341 
TYR O    O N N 342 
TYR CB   C N N 343 
TYR CG   C Y N 344 
TYR CD1  C Y N 345 
TYR CD2  C Y N 346 
TYR CE1  C Y N 347 
TYR CE2  C Y N 348 
TYR CZ   C Y N 349 
TYR OH   O N N 350 
TYR OXT  O N N 351 
TYR H    H N N 352 
TYR H2   H N N 353 
TYR HA   H N N 354 
TYR HB2  H N N 355 
TYR HB3  H N N 356 
TYR HD1  H N N 357 
TYR HD2  H N N 358 
TYR HE1  H N N 359 
TYR HE2  H N N 360 
TYR HH   H N N 361 
TYR HXT  H N N 362 
VAL N    N N N 363 
VAL CA   C N S 364 
VAL C    C N N 365 
VAL O    O N N 366 
VAL CB   C N N 367 
VAL CG1  C N N 368 
VAL CG2  C N N 369 
VAL OXT  O N N 370 
VAL H    H N N 371 
VAL H2   H N N 372 
VAL HA   H N N 373 
VAL HB   H N N 374 
VAL HG11 H N N 375 
VAL HG12 H N N 376 
VAL HG13 H N N 377 
VAL HG21 H N N 378 
VAL HG22 H N N 379 
VAL HG23 H N N 380 
VAL HXT  H N N 381 
# 
loop_
_chem_comp_bond.comp_id 
_chem_comp_bond.atom_id_1 
_chem_comp_bond.atom_id_2 
_chem_comp_bond.value_order 
_chem_comp_bond.pdbx_aromatic_flag 
_chem_comp_bond.pdbx_stereo_config 
_chem_comp_bond.pdbx_ordinal 
ALA N   CA   sing N N 1   
ALA N   H    sing N N 2   
ALA N   H2   sing N N 3   
ALA CA  C    sing N N 4   
ALA CA  CB   sing N N 5   
ALA CA  HA   sing N N 6   
ALA C   O    doub N N 7   
ALA C   OXT  sing N N 8   
ALA CB  HB1  sing N N 9   
ALA CB  HB2  sing N N 10  
ALA CB  HB3  sing N N 11  
ALA OXT HXT  sing N N 12  
ARG N   CA   sing N N 13  
ARG N   H    sing N N 14  
ARG N   H2   sing N N 15  
ARG CA  C    sing N N 16  
ARG CA  CB   sing N N 17  
ARG CA  HA   sing N N 18  
ARG C   O    doub N N 19  
ARG C   OXT  sing N N 20  
ARG CB  CG   sing N N 21  
ARG CB  HB2  sing N N 22  
ARG CB  HB3  sing N N 23  
ARG CG  CD   sing N N 24  
ARG CG  HG2  sing N N 25  
ARG CG  HG3  sing N N 26  
ARG CD  NE   sing N N 27  
ARG CD  HD2  sing N N 28  
ARG CD  HD3  sing N N 29  
ARG NE  CZ   sing N N 30  
ARG NE  HE   sing N N 31  
ARG CZ  NH1  sing N N 32  
ARG CZ  NH2  doub N N 33  
ARG NH1 HH11 sing N N 34  
ARG NH1 HH12 sing N N 35  
ARG NH2 HH21 sing N N 36  
ARG NH2 HH22 sing N N 37  
ARG OXT HXT  sing N N 38  
ASN N   CA   sing N N 39  
ASN N   H    sing N N 40  
ASN N   H2   sing N N 41  
ASN CA  C    sing N N 42  
ASN CA  CB   sing N N 43  
ASN CA  HA   sing N N 44  
ASN C   O    doub N N 45  
ASN C   OXT  sing N N 46  
ASN CB  CG   sing N N 47  
ASN CB  HB2  sing N N 48  
ASN CB  HB3  sing N N 49  
ASN CG  OD1  doub N N 50  
ASN CG  ND2  sing N N 51  
ASN ND2 HD21 sing N N 52  
ASN ND2 HD22 sing N N 53  
ASN OXT HXT  sing N N 54  
ASP N   CA   sing N N 55  
ASP N   H    sing N N 56  
ASP N   H2   sing N N 57  
ASP CA  C    sing N N 58  
ASP CA  CB   sing N N 59  
ASP CA  HA   sing N N 60  
ASP C   O    doub N N 61  
ASP C   OXT  sing N N 62  
ASP CB  CG   sing N N 63  
ASP CB  HB2  sing N N 64  
ASP CB  HB3  sing N N 65  
ASP CG  OD1  doub N N 66  
ASP CG  OD2  sing N N 67  
ASP OD2 HD2  sing N N 68  
ASP OXT HXT  sing N N 69  
GLN N   CA   sing N N 70  
GLN N   H    sing N N 71  
GLN N   H2   sing N N 72  
GLN CA  C    sing N N 73  
GLN CA  CB   sing N N 74  
GLN CA  HA   sing N N 75  
GLN C   O    doub N N 76  
GLN C   OXT  sing N N 77  
GLN CB  CG   sing N N 78  
GLN CB  HB2  sing N N 79  
GLN CB  HB3  sing N N 80  
GLN CG  CD   sing N N 81  
GLN CG  HG2  sing N N 82  
GLN CG  HG3  sing N N 83  
GLN CD  OE1  doub N N 84  
GLN CD  NE2  sing N N 85  
GLN NE2 HE21 sing N N 86  
GLN NE2 HE22 sing N N 87  
GLN OXT HXT  sing N N 88  
GLU N   CA   sing N N 89  
GLU N   H    sing N N 90  
GLU N   H2   sing N N 91  
GLU CA  C    sing N N 92  
GLU CA  CB   sing N N 93  
GLU CA  HA   sing N N 94  
GLU C   O    doub N N 95  
GLU C   OXT  sing N N 96  
GLU CB  CG   sing N N 97  
GLU CB  HB2  sing N N 98  
GLU CB  HB3  sing N N 99  
GLU CG  CD   sing N N 100 
GLU CG  HG2  sing N N 101 
GLU CG  HG3  sing N N 102 
GLU CD  OE1  doub N N 103 
GLU CD  OE2  sing N N 104 
GLU OE2 HE2  sing N N 105 
GLU OXT HXT  sing N N 106 
GLY N   CA   sing N N 107 
GLY N   H    sing N N 108 
GLY N   H2   sing N N 109 
GLY CA  C    sing N N 110 
GLY CA  HA2  sing N N 111 
GLY CA  HA3  sing N N 112 
GLY C   O    doub N N 113 
GLY C   OXT  sing N N 114 
GLY OXT HXT  sing N N 115 
HIS N   CA   sing N N 116 
HIS N   H    sing N N 117 
HIS N   H2   sing N N 118 
HIS CA  C    sing N N 119 
HIS CA  CB   sing N N 120 
HIS CA  HA   sing N N 121 
HIS C   O    doub N N 122 
HIS C   OXT  sing N N 123 
HIS CB  CG   sing N N 124 
HIS CB  HB2  sing N N 125 
HIS CB  HB3  sing N N 126 
HIS CG  ND1  sing Y N 127 
HIS CG  CD2  doub Y N 128 
HIS ND1 CE1  doub Y N 129 
HIS ND1 HD1  sing N N 130 
HIS CD2 NE2  sing Y N 131 
HIS CD2 HD2  sing N N 132 
HIS CE1 NE2  sing Y N 133 
HIS CE1 HE1  sing N N 134 
HIS NE2 HE2  sing N N 135 
HIS OXT HXT  sing N N 136 
HOH O   H1   sing N N 137 
HOH O   H2   sing N N 138 
ILE N   CA   sing N N 139 
ILE N   H    sing N N 140 
ILE N   H2   sing N N 141 
ILE CA  C    sing N N 142 
ILE CA  CB   sing N N 143 
ILE CA  HA   sing N N 144 
ILE C   O    doub N N 145 
ILE C   OXT  sing N N 146 
ILE CB  CG1  sing N N 147 
ILE CB  CG2  sing N N 148 
ILE CB  HB   sing N N 149 
ILE CG1 CD1  sing N N 150 
ILE CG1 HG12 sing N N 151 
ILE CG1 HG13 sing N N 152 
ILE CG2 HG21 sing N N 153 
ILE CG2 HG22 sing N N 154 
ILE CG2 HG23 sing N N 155 
ILE CD1 HD11 sing N N 156 
ILE CD1 HD12 sing N N 157 
ILE CD1 HD13 sing N N 158 
ILE OXT HXT  sing N N 159 
LEU N   CA   sing N N 160 
LEU N   H    sing N N 161 
LEU N   H2   sing N N 162 
LEU CA  C    sing N N 163 
LEU CA  CB   sing N N 164 
LEU CA  HA   sing N N 165 
LEU C   O    doub N N 166 
LEU C   OXT  sing N N 167 
LEU CB  CG   sing N N 168 
LEU CB  HB2  sing N N 169 
LEU CB  HB3  sing N N 170 
LEU CG  CD1  sing N N 171 
LEU CG  CD2  sing N N 172 
LEU CG  HG   sing N N 173 
LEU CD1 HD11 sing N N 174 
LEU CD1 HD12 sing N N 175 
LEU CD1 HD13 sing N N 176 
LEU CD2 HD21 sing N N 177 
LEU CD2 HD22 sing N N 178 
LEU CD2 HD23 sing N N 179 
LEU OXT HXT  sing N N 180 
LYS N   CA   sing N N 181 
LYS N   H    sing N N 182 
LYS N   H2   sing N N 183 
LYS CA  C    sing N N 184 
LYS CA  CB   sing N N 185 
LYS CA  HA   sing N N 186 
LYS C   O    doub N N 187 
LYS C   OXT  sing N N 188 
LYS CB  CG   sing N N 189 
LYS CB  HB2  sing N N 190 
LYS CB  HB3  sing N N 191 
LYS CG  CD   sing N N 192 
LYS CG  HG2  sing N N 193 
LYS CG  HG3  sing N N 194 
LYS CD  CE   sing N N 195 
LYS CD  HD2  sing N N 196 
LYS CD  HD3  sing N N 197 
LYS CE  NZ   sing N N 198 
LYS CE  HE2  sing N N 199 
LYS CE  HE3  sing N N 200 
LYS NZ  HZ1  sing N N 201 
LYS NZ  HZ2  sing N N 202 
LYS NZ  HZ3  sing N N 203 
LYS OXT HXT  sing N N 204 
MET N   CA   sing N N 205 
MET N   H    sing N N 206 
MET N   H2   sing N N 207 
MET CA  C    sing N N 208 
MET CA  CB   sing N N 209 
MET CA  HA   sing N N 210 
MET C   O    doub N N 211 
MET C   OXT  sing N N 212 
MET CB  CG   sing N N 213 
MET CB  HB2  sing N N 214 
MET CB  HB3  sing N N 215 
MET CG  SD   sing N N 216 
MET CG  HG2  sing N N 217 
MET CG  HG3  sing N N 218 
MET SD  CE   sing N N 219 
MET CE  HE1  sing N N 220 
MET CE  HE2  sing N N 221 
MET CE  HE3  sing N N 222 
MET OXT HXT  sing N N 223 
PHE N   CA   sing N N 224 
PHE N   H    sing N N 225 
PHE N   H2   sing N N 226 
PHE CA  C    sing N N 227 
PHE CA  CB   sing N N 228 
PHE CA  HA   sing N N 229 
PHE C   O    doub N N 230 
PHE C   OXT  sing N N 231 
PHE CB  CG   sing N N 232 
PHE CB  HB2  sing N N 233 
PHE CB  HB3  sing N N 234 
PHE CG  CD1  doub Y N 235 
PHE CG  CD2  sing Y N 236 
PHE CD1 CE1  sing Y N 237 
PHE CD1 HD1  sing N N 238 
PHE CD2 CE2  doub Y N 239 
PHE CD2 HD2  sing N N 240 
PHE CE1 CZ   doub Y N 241 
PHE CE1 HE1  sing N N 242 
PHE CE2 CZ   sing Y N 243 
PHE CE2 HE2  sing N N 244 
PHE CZ  HZ   sing N N 245 
PHE OXT HXT  sing N N 246 
PRO N   CA   sing N N 247 
PRO N   CD   sing N N 248 
PRO N   H    sing N N 249 
PRO CA  C    sing N N 250 
PRO CA  CB   sing N N 251 
PRO CA  HA   sing N N 252 
PRO C   O    doub N N 253 
PRO C   OXT  sing N N 254 
PRO CB  CG   sing N N 255 
PRO CB  HB2  sing N N 256 
PRO CB  HB3  sing N N 257 
PRO CG  CD   sing N N 258 
PRO CG  HG2  sing N N 259 
PRO CG  HG3  sing N N 260 
PRO CD  HD2  sing N N 261 
PRO CD  HD3  sing N N 262 
PRO OXT HXT  sing N N 263 
SER N   CA   sing N N 264 
SER N   H    sing N N 265 
SER N   H2   sing N N 266 
SER CA  C    sing N N 267 
SER CA  CB   sing N N 268 
SER CA  HA   sing N N 269 
SER C   O    doub N N 270 
SER C   OXT  sing N N 271 
SER CB  OG   sing N N 272 
SER CB  HB2  sing N N 273 
SER CB  HB3  sing N N 274 
SER OG  HG   sing N N 275 
SER OXT HXT  sing N N 276 
SO4 S   O1   doub N N 277 
SO4 S   O2   doub N N 278 
SO4 S   O3   sing N N 279 
SO4 S   O4   sing N N 280 
THR N   CA   sing N N 281 
THR N   H    sing N N 282 
THR N   H2   sing N N 283 
THR CA  C    sing N N 284 
THR CA  CB   sing N N 285 
THR CA  HA   sing N N 286 
THR C   O    doub N N 287 
THR C   OXT  sing N N 288 
THR CB  OG1  sing N N 289 
THR CB  CG2  sing N N 290 
THR CB  HB   sing N N 291 
THR OG1 HG1  sing N N 292 
THR CG2 HG21 sing N N 293 
THR CG2 HG22 sing N N 294 
THR CG2 HG23 sing N N 295 
THR OXT HXT  sing N N 296 
TRP N   CA   sing N N 297 
TRP N   H    sing N N 298 
TRP N   H2   sing N N 299 
TRP CA  C    sing N N 300 
TRP CA  CB   sing N N 301 
TRP CA  HA   sing N N 302 
TRP C   O    doub N N 303 
TRP C   OXT  sing N N 304 
TRP CB  CG   sing N N 305 
TRP CB  HB2  sing N N 306 
TRP CB  HB3  sing N N 307 
TRP CG  CD1  doub Y N 308 
TRP CG  CD2  sing Y N 309 
TRP CD1 NE1  sing Y N 310 
TRP CD1 HD1  sing N N 311 
TRP CD2 CE2  doub Y N 312 
TRP CD2 CE3  sing Y N 313 
TRP NE1 CE2  sing Y N 314 
TRP NE1 HE1  sing N N 315 
TRP CE2 CZ2  sing Y N 316 
TRP CE3 CZ3  doub Y N 317 
TRP CE3 HE3  sing N N 318 
TRP CZ2 CH2  doub Y N 319 
TRP CZ2 HZ2  sing N N 320 
TRP CZ3 CH2  sing Y N 321 
TRP CZ3 HZ3  sing N N 322 
TRP CH2 HH2  sing N N 323 
TRP OXT HXT  sing N N 324 
TYR N   CA   sing N N 325 
TYR N   H    sing N N 326 
TYR N   H2   sing N N 327 
TYR CA  C    sing N N 328 
TYR CA  CB   sing N N 329 
TYR CA  HA   sing N N 330 
TYR C   O    doub N N 331 
TYR C   OXT  sing N N 332 
TYR CB  CG   sing N N 333 
TYR CB  HB2  sing N N 334 
TYR CB  HB3  sing N N 335 
TYR CG  CD1  doub Y N 336 
TYR CG  CD2  sing Y N 337 
TYR CD1 CE1  sing Y N 338 
TYR CD1 HD1  sing N N 339 
TYR CD2 CE2  doub Y N 340 
TYR CD2 HD2  sing N N 341 
TYR CE1 CZ   doub Y N 342 
TYR CE1 HE1  sing N N 343 
TYR CE2 CZ   sing Y N 344 
TYR CE2 HE2  sing N N 345 
TYR CZ  OH   sing N N 346 
TYR OH  HH   sing N N 347 
TYR OXT HXT  sing N N 348 
VAL N   CA   sing N N 349 
VAL N   H    sing N N 350 
VAL N   H2   sing N N 351 
VAL CA  C    sing N N 352 
VAL CA  CB   sing N N 353 
VAL CA  HA   sing N N 354 
VAL C   O    doub N N 355 
VAL C   OXT  sing N N 356 
VAL CB  CG1  sing N N 357 
VAL CB  CG2  sing N N 358 
VAL CB  HB   sing N N 359 
VAL CG1 HG11 sing N N 360 
VAL CG1 HG12 sing N N 361 
VAL CG1 HG13 sing N N 362 
VAL CG2 HG21 sing N N 363 
VAL CG2 HG22 sing N N 364 
VAL CG2 HG23 sing N N 365 
VAL OXT HXT  sing N N 366 
# 
loop_
_pdbx_audit_support.funding_organization 
_pdbx_audit_support.country 
_pdbx_audit_support.grant_number 
_pdbx_audit_support.ordinal 
FONDECYT  Chile 1130510   1 
FONDEQUIP Chile EQM120208 2 
# 
loop_
_pdbx_entity_nonpoly.entity_id 
_pdbx_entity_nonpoly.name 
_pdbx_entity_nonpoly.comp_id 
2 'SULFATE ION' SO4 
3 water         HOH 
# 
_pdbx_initial_refinement_model.id               1 
_pdbx_initial_refinement_model.entity_id_list   ? 
_pdbx_initial_refinement_model.type             'experimental model' 
_pdbx_initial_refinement_model.source_name      PDB 
_pdbx_initial_refinement_model.accession_code   2HAX 
_pdbx_initial_refinement_model.details          ? 
# 
_pdbx_struct_assembly_auth_evidence.id                     1 
_pdbx_struct_assembly_auth_evidence.assembly_id            1 
_pdbx_struct_assembly_auth_evidence.experimental_support   'gel filtration' 
_pdbx_struct_assembly_auth_evidence.details                ? 
# 
